data_7C1A
#
_entry.id   7C1A
#
_cell.length_a   62.592
_cell.length_b   106.238
_cell.length_c   125.317
_cell.angle_alpha   90.000
_cell.angle_beta   94.980
_cell.angle_gamma   90.000
#
_symmetry.space_group_name_H-M   'P 1 21 1'
#
loop_
_entity.id
_entity.type
_entity.pdbx_description
1 polymer 'Fumarate hydratase class II'
2 non-polymer '(2S)-2-hydroxybutanedioic acid'
3 water water
#
_entity_poly.entity_id   1
_entity_poly.type   'polypeptide(L)'
_entity_poly.pdbx_seq_one_letter_code
;GAMTAFRIEKDTMGEVQVPADKYWAAQTERSRNNFKIGPAASMPHEIIEAFGYLKKAAAFANTDLGVLPAEKRDLIGQAC
DEILARKLDDQFPLVIWQTGSGTQSNMNLNEVIANRAHVINGGKLGEKSIIHPNDDVNKSQSSNDTYPTAMHIAAYKKVV
EATIPAVERLQKTLAAKAAEFKDVVKIGRTHLMDATPLTLGQEFSGYAAQLSFGLTAIKNTLPHLRQLALGGTAVGTGLN
TPKGYDVKVAEYIAKFTGLPFITAENKFEALATHDAIVETHGALKQVAMSLFKIANDIRLLASGPRSGIGEILIPENEPG
CSIMPGKVNPTQCEAMTMVAAQVLGNDTTISFAGSQGHFELNVFKPVMAANFLQSAQLIADVCISFDEHCATGIQPNTPR
IQHLLDSSLMLVTALNTHIGYENAAKIAKTAHKNGTTLREEAINLGLVSAEDFDKWVVPADMVGSLK
;
_entity_poly.pdbx_strand_id   A,B,C,D
#
# COMPACT_ATOMS: atom_id res chain seq x y z
N ALA A 5 -21.41 -27.59 -30.43
CA ALA A 5 -22.35 -27.05 -31.48
C ALA A 5 -22.58 -25.55 -31.27
N PHE A 6 -22.35 -24.76 -32.32
CA PHE A 6 -22.42 -23.28 -32.32
C PHE A 6 -23.39 -22.82 -33.39
N ARG A 7 -23.96 -21.62 -33.19
CA ARG A 7 -24.72 -20.87 -34.21
C ARG A 7 -23.92 -19.59 -34.54
N ILE A 8 -24.26 -18.97 -35.65
CA ILE A 8 -23.63 -17.70 -36.14
C ILE A 8 -24.35 -16.55 -35.45
N GLU A 9 -23.62 -15.65 -34.79
CA GLU A 9 -24.16 -14.32 -34.41
C GLU A 9 -23.26 -13.26 -35.04
N LYS A 10 -23.77 -12.04 -35.18
CA LYS A 10 -23.12 -10.91 -35.88
C LYS A 10 -23.03 -9.70 -34.96
N ASP A 11 -21.91 -8.99 -35.02
CA ASP A 11 -21.74 -7.60 -34.55
C ASP A 11 -21.17 -6.78 -35.70
N THR A 12 -20.90 -5.50 -35.47
CA THR A 12 -20.44 -4.52 -36.47
C THR A 12 -18.99 -4.81 -36.86
N MET A 13 -18.34 -5.81 -36.26
CA MET A 13 -16.95 -6.22 -36.61
C MET A 13 -16.97 -7.50 -37.45
N GLY A 14 -18.07 -8.27 -37.47
CA GLY A 14 -18.19 -9.51 -38.25
C GLY A 14 -18.92 -10.63 -37.52
N GLU A 15 -18.80 -11.85 -38.07
CA GLU A 15 -19.49 -13.12 -37.69
C GLU A 15 -18.66 -13.83 -36.61
N VAL A 16 -19.34 -14.43 -35.63
CA VAL A 16 -18.73 -15.17 -34.49
C VAL A 16 -19.55 -16.45 -34.25
N GLN A 17 -18.86 -17.58 -34.05
CA GLN A 17 -19.47 -18.86 -33.62
C GLN A 17 -19.80 -18.73 -32.12
N VAL A 18 -21.07 -18.88 -31.74
CA VAL A 18 -21.59 -18.74 -30.35
C VAL A 18 -22.20 -20.07 -29.91
N PRO A 19 -21.86 -20.62 -28.73
CA PRO A 19 -22.42 -21.91 -28.30
C PRO A 19 -23.96 -21.86 -28.45
N ALA A 20 -24.50 -22.84 -29.17
CA ALA A 20 -25.86 -22.82 -29.76
C ALA A 20 -26.93 -22.64 -28.68
N ASP A 21 -26.67 -23.10 -27.45
CA ASP A 21 -27.69 -23.13 -26.36
C ASP A 21 -27.72 -21.81 -25.59
N LYS A 22 -26.72 -20.94 -25.74
CA LYS A 22 -26.51 -19.79 -24.81
C LYS A 22 -27.27 -18.56 -25.33
N TYR A 23 -27.83 -17.79 -24.41
CA TYR A 23 -28.59 -16.54 -24.69
C TYR A 23 -27.64 -15.39 -25.05
N TRP A 24 -26.33 -15.55 -24.93
CA TRP A 24 -25.44 -14.41 -25.24
C TRP A 24 -25.19 -14.43 -26.74
N ALA A 25 -24.52 -13.41 -27.29
CA ALA A 25 -24.25 -13.34 -28.75
C ALA A 25 -22.78 -12.99 -29.02
N ALA A 26 -22.51 -12.24 -30.09
CA ALA A 26 -21.14 -12.11 -30.68
C ALA A 26 -20.19 -11.40 -29.70
N GLN A 27 -20.59 -10.28 -29.10
CA GLN A 27 -19.65 -9.44 -28.31
C GLN A 27 -19.29 -10.17 -27.01
N THR A 28 -20.27 -10.84 -26.39
CA THR A 28 -20.04 -11.74 -25.22
C THR A 28 -19.03 -12.82 -25.59
N GLU A 29 -19.25 -13.50 -26.70
CA GLU A 29 -18.41 -14.63 -27.14
C GLU A 29 -16.99 -14.15 -27.48
N ARG A 30 -16.85 -12.97 -28.10
CA ARG A 30 -15.50 -12.37 -28.36
C ARG A 30 -14.77 -12.22 -27.03
N SER A 31 -15.42 -11.58 -26.06
CA SER A 31 -14.86 -11.27 -24.72
C SER A 31 -14.46 -12.57 -24.02
N ARG A 32 -15.38 -13.54 -23.96
CA ARG A 32 -15.14 -14.85 -23.32
C ARG A 32 -13.83 -15.43 -23.87
N ASN A 33 -13.61 -15.32 -25.18
CA ASN A 33 -12.43 -15.93 -25.87
C ASN A 33 -11.19 -15.02 -25.86
N ASN A 34 -11.36 -13.69 -25.78
CA ASN A 34 -10.23 -12.74 -25.97
C ASN A 34 -9.56 -12.36 -24.63
N PHE A 35 -10.16 -12.73 -23.49
CA PHE A 35 -9.66 -12.36 -22.14
C PHE A 35 -9.63 -13.62 -21.26
N LYS A 36 -8.76 -14.58 -21.62
CA LYS A 36 -8.53 -15.83 -20.83
C LYS A 36 -7.63 -15.46 -19.65
N ILE A 37 -8.19 -14.75 -18.69
CA ILE A 37 -7.43 -14.07 -17.58
C ILE A 37 -8.11 -14.40 -16.25
N GLY A 38 -7.41 -15.12 -15.37
CA GLY A 38 -7.95 -15.63 -14.10
C GLY A 38 -9.04 -16.68 -14.34
N PRO A 39 -9.76 -17.13 -13.29
CA PRO A 39 -10.85 -18.11 -13.46
C PRO A 39 -12.07 -17.58 -14.25
N ALA A 40 -12.78 -18.51 -14.89
CA ALA A 40 -13.94 -18.25 -15.78
C ALA A 40 -15.01 -17.48 -14.98
N ALA A 41 -15.68 -16.53 -15.64
CA ALA A 41 -16.94 -15.90 -15.15
C ALA A 41 -16.69 -15.15 -13.82
N SER A 42 -15.49 -14.58 -13.66
CA SER A 42 -15.07 -13.94 -12.40
C SER A 42 -15.81 -12.60 -12.19
N MET A 43 -16.50 -12.05 -13.18
CA MET A 43 -17.26 -10.78 -12.91
C MET A 43 -18.26 -11.06 -11.79
N PRO A 44 -18.25 -10.27 -10.70
CA PRO A 44 -19.06 -10.56 -9.51
C PRO A 44 -20.57 -10.59 -9.81
N HIS A 45 -21.26 -11.61 -9.30
CA HIS A 45 -22.72 -11.81 -9.48
C HIS A 45 -23.46 -10.53 -9.07
N GLU A 46 -22.99 -9.85 -8.02
CA GLU A 46 -23.64 -8.62 -7.50
C GLU A 46 -23.69 -7.57 -8.60
N ILE A 47 -22.69 -7.53 -9.50
CA ILE A 47 -22.68 -6.56 -10.63
C ILE A 47 -23.76 -6.96 -11.64
N ILE A 48 -23.95 -8.26 -11.87
CA ILE A 48 -24.98 -8.76 -12.82
C ILE A 48 -26.35 -8.43 -12.23
N GLU A 49 -26.56 -8.69 -10.94
CA GLU A 49 -27.81 -8.36 -10.21
C GLU A 49 -28.14 -6.88 -10.41
N ALA A 50 -27.19 -5.98 -10.14
CA ALA A 50 -27.35 -4.51 -10.23
C ALA A 50 -27.70 -4.08 -11.66
N PHE A 51 -27.05 -4.69 -12.65
CA PHE A 51 -27.44 -4.58 -14.08
C PHE A 51 -28.91 -4.96 -14.31
N GLY A 52 -29.40 -6.10 -13.77
CA GLY A 52 -30.81 -6.51 -13.84
C GLY A 52 -31.75 -5.41 -13.39
N TYR A 53 -31.46 -4.81 -12.23
CA TYR A 53 -32.22 -3.67 -11.66
C TYR A 53 -32.16 -2.44 -12.59
N LEU A 54 -30.97 -2.01 -13.03
CA LEU A 54 -30.86 -0.73 -13.79
C LEU A 54 -31.41 -0.92 -15.22
N LYS A 55 -31.31 -2.10 -15.84
CA LYS A 55 -31.79 -2.34 -17.23
C LYS A 55 -33.32 -2.35 -17.25
N LYS A 56 -33.93 -2.98 -16.25
CA LYS A 56 -35.39 -2.87 -15.99
C LYS A 56 -35.79 -1.40 -15.85
N ALA A 57 -35.09 -0.64 -15.01
CA ALA A 57 -35.36 0.79 -14.73
C ALA A 57 -35.24 1.63 -16.00
N ALA A 58 -34.21 1.38 -16.82
CA ALA A 58 -33.98 2.14 -18.06
C ALA A 58 -35.16 1.92 -19.02
N ALA A 59 -35.62 0.67 -19.12
CA ALA A 59 -36.79 0.27 -19.95
C ALA A 59 -38.06 0.95 -19.41
N PHE A 60 -38.30 0.91 -18.09
CA PHE A 60 -39.52 1.54 -17.50
C PHE A 60 -39.49 3.06 -17.70
N ALA A 61 -38.32 3.69 -17.52
CA ALA A 61 -38.13 5.15 -17.73
C ALA A 61 -38.33 5.52 -19.20
N ASN A 62 -37.71 4.76 -20.11
CA ASN A 62 -37.74 5.02 -21.57
C ASN A 62 -39.19 4.92 -22.06
N THR A 63 -39.99 3.98 -21.54
CA THR A 63 -41.43 3.87 -21.89
C THR A 63 -42.15 5.13 -21.39
N ASP A 64 -42.05 5.45 -20.09
CA ASP A 64 -42.71 6.65 -19.50
C ASP A 64 -42.41 7.90 -20.32
N LEU A 65 -41.22 8.02 -20.91
CA LEU A 65 -40.79 9.27 -21.61
C LEU A 65 -41.01 9.13 -23.13
N GLY A 66 -41.66 8.04 -23.56
CA GLY A 66 -42.26 7.94 -24.91
C GLY A 66 -41.31 7.40 -25.97
N VAL A 67 -40.15 6.82 -25.63
CA VAL A 67 -39.13 6.47 -26.66
C VAL A 67 -38.93 4.95 -26.73
N LEU A 68 -39.74 4.18 -26.00
CA LEU A 68 -39.69 2.68 -26.04
C LEU A 68 -41.12 2.15 -25.93
N PRO A 69 -41.57 1.31 -26.88
CA PRO A 69 -42.88 0.67 -26.78
C PRO A 69 -42.98 -0.17 -25.50
N ALA A 70 -44.10 -0.01 -24.80
CA ALA A 70 -44.59 -0.86 -23.68
C ALA A 70 -44.27 -2.34 -23.93
N GLU A 71 -44.52 -2.83 -25.15
CA GLU A 71 -44.32 -4.25 -25.57
C GLU A 71 -42.87 -4.64 -25.27
N LYS A 72 -41.93 -3.80 -25.69
CA LYS A 72 -40.47 -4.05 -25.53
C LYS A 72 -40.11 -3.94 -24.06
N ARG A 73 -40.64 -2.93 -23.37
CA ARG A 73 -40.47 -2.76 -21.90
C ARG A 73 -40.84 -4.07 -21.19
N ASP A 74 -42.06 -4.54 -21.38
CA ASP A 74 -42.64 -5.74 -20.72
C ASP A 74 -41.68 -6.93 -20.87
N LEU A 75 -41.09 -7.13 -22.06
CA LEU A 75 -40.22 -8.29 -22.39
C LEU A 75 -38.85 -8.12 -21.72
N ILE A 76 -38.27 -6.91 -21.76
CA ILE A 76 -37.02 -6.53 -21.05
C ILE A 76 -37.23 -6.73 -19.54
N GLY A 77 -38.31 -6.16 -19.01
CA GLY A 77 -38.75 -6.35 -17.62
C GLY A 77 -38.75 -7.82 -17.22
N GLN A 78 -39.41 -8.69 -17.97
CA GLN A 78 -39.54 -10.12 -17.58
C GLN A 78 -38.15 -10.77 -17.59
N ALA A 79 -37.33 -10.45 -18.59
CA ALA A 79 -35.95 -10.98 -18.70
C ALA A 79 -35.13 -10.53 -17.47
N CYS A 80 -35.29 -9.27 -17.04
CA CYS A 80 -34.55 -8.68 -15.91
C CYS A 80 -34.98 -9.38 -14.61
N ASP A 81 -36.29 -9.60 -14.44
CA ASP A 81 -36.85 -10.37 -13.29
C ASP A 81 -36.18 -11.75 -13.24
N GLU A 82 -35.94 -12.38 -14.38
CA GLU A 82 -35.35 -13.76 -14.40
C GLU A 82 -33.88 -13.73 -13.96
N ILE A 83 -33.13 -12.69 -14.40
CA ILE A 83 -31.75 -12.41 -13.94
C ILE A 83 -31.76 -12.19 -12.43
N LEU A 84 -32.63 -11.31 -11.95
CA LEU A 84 -32.78 -10.98 -10.51
C LEU A 84 -33.15 -12.23 -9.70
N ALA A 85 -33.87 -13.20 -10.28
CA ALA A 85 -34.32 -14.44 -9.58
C ALA A 85 -33.25 -15.53 -9.70
N ARG A 86 -32.06 -15.20 -10.22
CA ARG A 86 -30.89 -16.12 -10.35
C ARG A 86 -31.28 -17.31 -11.24
N LYS A 87 -32.05 -17.03 -12.29
CA LYS A 87 -32.52 -18.05 -13.27
C LYS A 87 -31.52 -18.17 -14.43
N LEU A 88 -30.65 -17.17 -14.63
CA LEU A 88 -29.80 -17.08 -15.86
C LEU A 88 -28.31 -16.92 -15.51
N ASP A 89 -27.87 -17.45 -14.36
CA ASP A 89 -26.48 -17.32 -13.85
C ASP A 89 -25.45 -17.80 -14.88
N ASP A 90 -25.75 -18.87 -15.61
CA ASP A 90 -24.81 -19.49 -16.60
C ASP A 90 -24.73 -18.68 -17.91
N GLN A 91 -25.40 -17.54 -18.02
CA GLN A 91 -25.46 -16.73 -19.26
C GLN A 91 -24.50 -15.52 -19.14
N PHE A 92 -23.62 -15.56 -18.12
CA PHE A 92 -22.69 -14.46 -17.76
C PHE A 92 -21.31 -15.07 -17.53
N PRO A 93 -20.54 -15.34 -18.61
CA PRO A 93 -19.23 -16.00 -18.51
C PRO A 93 -18.01 -15.09 -18.52
N LEU A 94 -18.18 -13.76 -18.47
CA LEU A 94 -17.05 -12.80 -18.65
C LEU A 94 -16.29 -12.58 -17.34
N VAL A 95 -15.03 -12.17 -17.47
CA VAL A 95 -14.10 -11.97 -16.34
C VAL A 95 -14.02 -10.49 -15.98
N ILE A 96 -13.57 -10.23 -14.74
CA ILE A 96 -13.17 -8.89 -14.22
C ILE A 96 -12.19 -8.25 -15.21
N TRP A 97 -11.22 -9.02 -15.70
CA TRP A 97 -10.03 -8.60 -16.48
C TRP A 97 -10.40 -8.49 -17.96
N GLN A 98 -11.40 -7.64 -18.24
CA GLN A 98 -11.86 -7.32 -19.61
C GLN A 98 -11.46 -5.86 -19.90
N THR A 99 -12.10 -5.23 -20.88
CA THR A 99 -12.08 -3.75 -21.08
C THR A 99 -12.38 -3.05 -19.75
N GLY A 100 -11.72 -1.92 -19.51
CA GLY A 100 -11.72 -1.26 -18.21
C GLY A 100 -13.02 -0.50 -17.98
N SER A 101 -13.83 -0.34 -19.03
CA SER A 101 -15.18 0.29 -18.97
C SER A 101 -16.23 -0.71 -18.50
N GLY A 102 -15.99 -2.01 -18.62
CA GLY A 102 -17.05 -3.03 -18.47
C GLY A 102 -18.04 -3.05 -19.64
N THR A 103 -17.65 -2.50 -20.80
CA THR A 103 -18.45 -2.52 -22.06
C THR A 103 -18.91 -3.94 -22.36
N GLN A 104 -18.03 -4.92 -22.22
CA GLN A 104 -18.28 -6.34 -22.62
C GLN A 104 -19.35 -6.94 -21.70
N SER A 105 -19.27 -6.75 -20.39
CA SER A 105 -20.38 -7.14 -19.46
C SER A 105 -21.66 -6.35 -19.78
N ASN A 106 -21.57 -5.06 -20.16
CA ASN A 106 -22.79 -4.31 -20.54
C ASN A 106 -23.42 -5.01 -21.75
N MET A 107 -22.61 -5.43 -22.72
CA MET A 107 -23.13 -6.08 -23.94
C MET A 107 -23.56 -7.52 -23.61
N ASN A 108 -22.98 -8.12 -22.57
CA ASN A 108 -23.37 -9.47 -22.09
C ASN A 108 -24.82 -9.38 -21.60
N LEU A 109 -25.16 -8.34 -20.82
CA LEU A 109 -26.56 -8.03 -20.42
C LEU A 109 -27.42 -7.79 -21.66
N ASN A 110 -27.06 -6.83 -22.51
CA ASN A 110 -27.88 -6.41 -23.68
C ASN A 110 -28.20 -7.64 -24.54
N GLU A 111 -27.24 -8.53 -24.76
CA GLU A 111 -27.34 -9.67 -25.70
C GLU A 111 -28.24 -10.74 -25.07
N VAL A 112 -28.07 -11.00 -23.78
CA VAL A 112 -28.80 -12.08 -23.06
C VAL A 112 -30.24 -11.63 -22.89
N ILE A 113 -30.47 -10.35 -22.56
CA ILE A 113 -31.84 -9.80 -22.43
C ILE A 113 -32.58 -9.88 -23.77
N ALA A 114 -31.98 -9.38 -24.86
CA ALA A 114 -32.53 -9.38 -26.25
C ALA A 114 -32.91 -10.79 -26.68
N ASN A 115 -32.02 -11.75 -26.53
CA ASN A 115 -32.25 -13.15 -26.95
C ASN A 115 -33.26 -13.81 -25.99
N ARG A 116 -33.14 -13.62 -24.69
CA ARG A 116 -34.07 -14.24 -23.73
C ARG A 116 -35.47 -13.66 -23.95
N ALA A 117 -35.55 -12.35 -24.26
CA ALA A 117 -36.81 -11.64 -24.59
C ALA A 117 -37.42 -12.23 -25.87
N HIS A 118 -36.58 -12.55 -26.88
CA HIS A 118 -37.05 -13.16 -28.15
C HIS A 118 -37.71 -14.51 -27.82
N VAL A 119 -37.10 -15.35 -26.98
CA VAL A 119 -37.64 -16.71 -26.66
C VAL A 119 -38.92 -16.59 -25.84
N ILE A 120 -38.95 -15.72 -24.80
CA ILE A 120 -40.14 -15.46 -23.93
C ILE A 120 -41.36 -15.13 -24.80
N ASN A 121 -41.14 -14.33 -25.86
CA ASN A 121 -42.15 -13.78 -26.80
C ASN A 121 -42.46 -14.87 -27.86
N GLY A 122 -41.72 -15.97 -27.83
CA GLY A 122 -42.05 -17.22 -28.57
C GLY A 122 -41.20 -17.41 -29.82
N GLY A 123 -40.10 -16.64 -29.96
CA GLY A 123 -39.15 -16.76 -31.09
C GLY A 123 -38.18 -17.91 -30.90
N LYS A 124 -37.36 -18.20 -31.91
CA LYS A 124 -36.28 -19.21 -31.89
C LYS A 124 -34.94 -18.50 -31.64
N LEU A 125 -34.19 -18.95 -30.63
CA LEU A 125 -32.82 -18.46 -30.31
C LEU A 125 -31.92 -18.64 -31.53
N GLY A 126 -31.26 -17.57 -31.95
CA GLY A 126 -30.45 -17.54 -33.19
C GLY A 126 -31.08 -16.63 -34.23
N GLU A 127 -32.41 -16.58 -34.30
CA GLU A 127 -33.17 -15.64 -35.18
C GLU A 127 -33.07 -14.22 -34.61
N LYS A 128 -32.90 -13.22 -35.49
CA LYS A 128 -32.88 -11.78 -35.13
C LYS A 128 -33.97 -11.52 -34.08
N SER A 129 -33.60 -10.99 -32.92
CA SER A 129 -34.55 -10.70 -31.82
C SER A 129 -35.47 -9.56 -32.22
N ILE A 130 -36.74 -9.65 -31.81
CA ILE A 130 -37.74 -8.54 -31.83
C ILE A 130 -37.20 -7.35 -31.01
N ILE A 131 -36.30 -7.62 -30.05
CA ILE A 131 -35.59 -6.65 -29.16
C ILE A 131 -34.15 -6.49 -29.64
N HIS A 132 -33.69 -5.30 -30.05
CA HIS A 132 -32.26 -5.05 -30.41
C HIS A 132 -31.42 -4.78 -29.16
N PRO A 133 -30.27 -5.48 -28.99
CA PRO A 133 -29.38 -5.24 -27.84
C PRO A 133 -28.95 -3.78 -27.62
N ASN A 134 -28.49 -3.11 -28.69
CA ASN A 134 -28.03 -1.68 -28.62
C ASN A 134 -29.24 -0.75 -28.62
N ASP A 135 -30.17 -0.91 -29.57
CA ASP A 135 -31.21 0.10 -29.92
C ASP A 135 -32.31 0.06 -28.86
N ASP A 136 -32.61 -1.13 -28.31
CA ASP A 136 -33.74 -1.34 -27.36
C ASP A 136 -33.22 -1.55 -25.92
N VAL A 137 -32.43 -2.60 -25.67
CA VAL A 137 -32.06 -2.96 -24.27
C VAL A 137 -31.11 -1.88 -23.73
N ASN A 138 -30.28 -1.30 -24.60
CA ASN A 138 -29.26 -0.26 -24.27
C ASN A 138 -29.78 1.14 -24.63
N LYS A 139 -31.07 1.31 -24.88
CA LYS A 139 -31.60 2.63 -25.33
C LYS A 139 -31.29 3.65 -24.24
N SER A 140 -30.71 4.81 -24.59
CA SER A 140 -30.48 5.97 -23.69
C SER A 140 -29.32 5.69 -22.72
N GLN A 141 -28.49 4.68 -23.00
CA GLN A 141 -27.44 4.22 -22.05
C GLN A 141 -26.07 4.03 -22.74
N SER A 142 -25.03 3.99 -21.91
CA SER A 142 -23.64 3.65 -22.27
C SER A 142 -23.19 2.58 -21.28
N SER A 143 -22.24 1.74 -21.64
CA SER A 143 -21.42 1.02 -20.65
C SER A 143 -20.85 2.02 -19.62
N ASN A 144 -20.64 3.27 -20.02
CA ASN A 144 -19.97 4.35 -19.24
C ASN A 144 -20.85 4.82 -18.07
N ASP A 145 -22.18 4.83 -18.20
CA ASP A 145 -23.06 5.19 -17.06
C ASP A 145 -23.69 3.94 -16.43
N THR A 146 -23.92 2.87 -17.18
CA THR A 146 -24.54 1.63 -16.63
C THR A 146 -23.54 0.92 -15.72
N TYR A 147 -22.28 0.72 -16.12
CA TYR A 147 -21.31 -0.03 -15.27
C TYR A 147 -21.06 0.69 -13.95
N PRO A 148 -20.75 2.02 -13.90
CA PRO A 148 -20.73 2.77 -12.64
C PRO A 148 -22.02 2.67 -11.81
N THR A 149 -23.17 2.67 -12.49
CA THR A 149 -24.50 2.56 -11.83
C THR A 149 -24.60 1.17 -11.19
N ALA A 150 -24.14 0.12 -11.86
CA ALA A 150 -24.11 -1.27 -11.32
C ALA A 150 -23.16 -1.33 -10.11
N MET A 151 -22.02 -0.65 -10.21
CA MET A 151 -20.99 -0.60 -9.14
C MET A 151 -21.62 -0.04 -7.86
N HIS A 152 -22.31 1.11 -7.94
CA HIS A 152 -22.84 1.84 -6.75
C HIS A 152 -24.05 1.08 -6.20
N ILE A 153 -24.89 0.50 -7.05
CA ILE A 153 -26.02 -0.35 -6.58
C ILE A 153 -25.47 -1.54 -5.78
N ALA A 154 -24.57 -2.35 -6.35
CA ALA A 154 -23.96 -3.53 -5.69
C ALA A 154 -23.24 -3.10 -4.41
N ALA A 155 -22.47 -2.02 -4.48
CA ALA A 155 -21.60 -1.56 -3.37
C ALA A 155 -22.46 -1.13 -2.18
N TYR A 156 -23.43 -0.25 -2.44
CA TYR A 156 -24.35 0.33 -1.45
C TYR A 156 -25.15 -0.78 -0.77
N LYS A 157 -25.74 -1.64 -1.59
CA LYS A 157 -26.53 -2.83 -1.18
C LYS A 157 -25.70 -3.70 -0.22
N LYS A 158 -24.48 -4.06 -0.64
CA LYS A 158 -23.62 -4.94 0.18
C LYS A 158 -23.27 -4.23 1.49
N VAL A 159 -22.94 -2.94 1.43
CA VAL A 159 -22.56 -2.17 2.65
C VAL A 159 -23.76 -2.07 3.60
N VAL A 160 -24.98 -1.80 3.13
CA VAL A 160 -26.11 -1.46 4.05
C VAL A 160 -26.88 -2.72 4.42
N GLU A 161 -26.75 -3.82 3.68
CA GLU A 161 -27.52 -5.07 3.91
C GLU A 161 -26.64 -6.13 4.55
N ALA A 162 -25.33 -6.15 4.30
CA ALA A 162 -24.41 -7.18 4.85
C ALA A 162 -23.43 -6.56 5.85
N THR A 163 -22.54 -5.65 5.40
CA THR A 163 -21.36 -5.13 6.15
C THR A 163 -21.77 -4.40 7.44
N ILE A 164 -22.60 -3.36 7.35
CA ILE A 164 -22.96 -2.54 8.54
C ILE A 164 -23.73 -3.40 9.54
N PRO A 165 -24.73 -4.20 9.14
CA PRO A 165 -25.41 -5.10 10.08
C PRO A 165 -24.46 -6.07 10.80
N ALA A 166 -23.52 -6.67 10.06
CA ALA A 166 -22.50 -7.60 10.59
C ALA A 166 -21.59 -6.89 11.60
N VAL A 167 -21.14 -5.67 11.29
CA VAL A 167 -20.24 -4.88 12.17
C VAL A 167 -21.05 -4.38 13.38
N GLU A 168 -22.31 -3.98 13.19
CA GLU A 168 -23.22 -3.60 14.31
C GLU A 168 -23.34 -4.82 15.22
N ARG A 169 -23.54 -6.00 14.65
CA ARG A 169 -23.69 -7.26 15.43
C ARG A 169 -22.51 -7.40 16.41
N LEU A 170 -21.27 -7.30 15.93
CA LEU A 170 -20.05 -7.46 16.77
C LEU A 170 -19.95 -6.28 17.76
N GLN A 171 -20.17 -5.05 17.30
CA GLN A 171 -20.20 -3.83 18.15
C GLN A 171 -21.12 -4.08 19.36
N LYS A 172 -22.35 -4.53 19.12
CA LYS A 172 -23.33 -4.78 20.22
C LYS A 172 -22.76 -5.84 21.17
N THR A 173 -22.16 -6.93 20.68
CA THR A 173 -21.58 -7.97 21.58
C THR A 173 -20.46 -7.35 22.43
N LEU A 174 -19.60 -6.54 21.81
CA LEU A 174 -18.43 -5.93 22.50
C LEU A 174 -18.92 -4.99 23.61
N ALA A 175 -19.94 -4.17 23.35
CA ALA A 175 -20.57 -3.26 24.33
C ALA A 175 -21.24 -4.09 25.43
N ALA A 176 -21.97 -5.17 25.06
CA ALA A 176 -22.58 -6.14 26.01
C ALA A 176 -21.49 -6.71 26.94
N LYS A 177 -20.35 -7.13 26.40
CA LYS A 177 -19.20 -7.66 27.18
C LYS A 177 -18.58 -6.55 28.07
N ALA A 178 -18.63 -5.28 27.63
CA ALA A 178 -18.11 -4.12 28.41
C ALA A 178 -18.92 -3.96 29.71
N ALA A 179 -20.25 -3.98 29.61
CA ALA A 179 -21.18 -4.00 30.76
C ALA A 179 -20.98 -5.28 31.58
N GLU A 180 -20.92 -6.45 30.94
CA GLU A 180 -20.82 -7.77 31.61
C GLU A 180 -19.56 -7.79 32.49
N PHE A 181 -18.46 -7.18 32.03
CA PHE A 181 -17.16 -7.24 32.73
C PHE A 181 -16.90 -5.94 33.49
N LYS A 182 -17.93 -5.12 33.76
CA LYS A 182 -17.72 -3.74 34.28
C LYS A 182 -17.05 -3.77 35.66
N ASP A 183 -17.08 -4.92 36.36
CA ASP A 183 -16.56 -5.05 37.75
C ASP A 183 -15.33 -5.98 37.83
N VAL A 184 -14.83 -6.50 36.70
CA VAL A 184 -13.59 -7.36 36.69
C VAL A 184 -12.34 -6.48 36.54
N VAL A 185 -11.54 -6.36 37.61
CA VAL A 185 -10.34 -5.47 37.65
C VAL A 185 -9.13 -6.29 37.17
N LYS A 186 -8.47 -5.84 36.11
CA LYS A 186 -7.30 -6.54 35.52
C LYS A 186 -6.17 -5.51 35.39
N ILE A 187 -4.97 -5.99 35.07
CA ILE A 187 -3.77 -5.13 34.88
C ILE A 187 -3.73 -4.58 33.45
N GLY A 188 -3.51 -3.27 33.33
CA GLY A 188 -3.13 -2.61 32.07
C GLY A 188 -1.78 -3.13 31.60
N ARG A 189 -1.58 -3.18 30.27
CA ARG A 189 -0.24 -3.26 29.63
C ARG A 189 -0.08 -2.12 28.62
N THR A 190 1.03 -1.38 28.73
CA THR A 190 1.48 -0.37 27.73
C THR A 190 2.89 -0.74 27.30
N HIS A 191 3.18 -0.76 26.00
CA HIS A 191 4.50 -1.17 25.47
C HIS A 191 4.72 -2.66 25.74
N LEU A 192 3.65 -3.41 26.03
CA LEU A 192 3.63 -4.84 26.44
C LEU A 192 4.14 -4.99 27.87
N MET A 193 4.33 -3.88 28.59
CA MET A 193 4.92 -3.95 29.97
C MET A 193 3.81 -3.75 30.99
N ASP A 194 4.01 -4.26 32.21
CA ASP A 194 2.99 -4.19 33.29
C ASP A 194 2.70 -2.72 33.52
N ALA A 195 1.42 -2.35 33.65
CA ALA A 195 0.95 -0.96 33.78
C ALA A 195 0.02 -0.86 34.99
N THR A 196 -0.96 0.06 34.97
CA THR A 196 -1.92 0.28 36.09
C THR A 196 -3.23 -0.43 35.75
N PRO A 197 -4.19 -0.56 36.70
CA PRO A 197 -5.40 -1.34 36.45
C PRO A 197 -6.46 -0.65 35.58
N LEU A 198 -7.29 -1.48 34.98
CA LEU A 198 -8.56 -1.06 34.36
C LEU A 198 -9.47 -2.29 34.42
N THR A 199 -10.79 -2.12 34.27
CA THR A 199 -11.70 -3.27 34.21
C THR A 199 -11.56 -3.94 32.84
N LEU A 200 -11.84 -5.25 32.77
CA LEU A 200 -12.02 -5.95 31.48
C LEU A 200 -13.15 -5.26 30.71
N GLY A 201 -14.15 -4.73 31.41
CA GLY A 201 -15.22 -3.91 30.82
C GLY A 201 -14.67 -2.70 30.09
N GLN A 202 -13.83 -1.90 30.75
CA GLN A 202 -13.18 -0.70 30.16
C GLN A 202 -12.42 -1.14 28.92
N GLU A 203 -11.67 -2.25 28.99
CA GLU A 203 -10.86 -2.71 27.84
C GLU A 203 -11.78 -2.95 26.64
N PHE A 204 -12.85 -3.73 26.86
CA PHE A 204 -13.91 -4.07 25.86
C PHE A 204 -14.68 -2.81 25.42
N SER A 205 -14.84 -1.79 26.27
CA SER A 205 -15.50 -0.50 25.89
C SER A 205 -14.67 0.23 24.81
N GLY A 206 -13.33 0.10 24.85
CA GLY A 206 -12.45 0.55 23.75
C GLY A 206 -12.83 -0.11 22.43
N TYR A 207 -12.95 -1.45 22.43
CA TYR A 207 -13.30 -2.27 21.23
C TYR A 207 -14.68 -1.86 20.70
N ALA A 208 -15.68 -1.79 21.59
CA ALA A 208 -17.05 -1.35 21.25
C ALA A 208 -16.97 0.06 20.62
N ALA A 209 -16.22 0.98 21.20
CA ALA A 209 -16.13 2.36 20.70
C ALA A 209 -15.45 2.41 19.32
N GLN A 210 -14.40 1.61 19.10
CA GLN A 210 -13.69 1.52 17.79
C GLN A 210 -14.70 1.20 16.69
N LEU A 211 -15.53 0.18 16.87
CA LEU A 211 -16.53 -0.21 15.85
C LEU A 211 -17.63 0.87 15.74
N SER A 212 -18.09 1.49 16.83
CA SER A 212 -19.06 2.64 16.71
C SER A 212 -18.50 3.76 15.82
N PHE A 213 -17.27 4.22 16.04
CA PHE A 213 -16.65 5.27 15.17
C PHE A 213 -16.46 4.74 13.74
N GLY A 214 -16.21 3.44 13.58
CA GLY A 214 -16.11 2.80 12.24
C GLY A 214 -17.42 2.85 11.49
N LEU A 215 -18.51 2.47 12.16
CA LEU A 215 -19.88 2.49 11.59
C LEU A 215 -20.24 3.91 11.16
N THR A 216 -19.97 4.92 12.00
CA THR A 216 -20.19 6.37 11.67
C THR A 216 -19.42 6.75 10.39
N ALA A 217 -18.14 6.42 10.33
CA ALA A 217 -17.23 6.74 9.19
C ALA A 217 -17.75 6.10 7.88
N ILE A 218 -18.23 4.85 7.92
CA ILE A 218 -18.85 4.18 6.73
C ILE A 218 -20.14 4.93 6.37
N LYS A 219 -20.99 5.18 7.37
CA LYS A 219 -22.30 5.85 7.16
C LYS A 219 -22.05 7.20 6.50
N ASN A 220 -20.97 7.91 6.87
CA ASN A 220 -20.67 9.27 6.34
C ASN A 220 -20.45 9.23 4.83
N THR A 221 -20.07 8.07 4.25
CA THR A 221 -19.70 7.88 2.82
C THR A 221 -20.92 7.50 1.98
N LEU A 222 -22.04 7.12 2.58
CA LEU A 222 -23.22 6.58 1.84
C LEU A 222 -23.84 7.65 0.94
N PRO A 223 -24.02 8.93 1.36
CA PRO A 223 -24.56 9.96 0.47
C PRO A 223 -23.86 10.10 -0.91
N HIS A 224 -22.54 10.09 -0.92
CA HIS A 224 -21.76 10.02 -2.19
C HIS A 224 -22.04 8.70 -2.91
N LEU A 225 -22.10 7.58 -2.18
CA LEU A 225 -22.17 6.22 -2.80
C LEU A 225 -23.54 5.98 -3.46
N ARG A 226 -24.61 6.60 -2.96
CA ARG A 226 -26.00 6.41 -3.46
C ARG A 226 -26.23 7.19 -4.76
N GLN A 227 -25.32 8.08 -5.17
CA GLN A 227 -25.43 8.87 -6.43
C GLN A 227 -25.07 7.96 -7.61
N LEU A 228 -25.95 7.91 -8.63
CA LEU A 228 -25.87 6.99 -9.79
C LEU A 228 -25.54 7.77 -11.07
N ALA A 229 -24.62 7.22 -11.88
CA ALA A 229 -24.09 7.79 -13.13
C ALA A 229 -25.15 7.74 -14.22
N LEU A 230 -26.14 6.86 -14.08
CA LEU A 230 -27.12 6.54 -15.17
C LEU A 230 -27.76 7.82 -15.70
N GLY A 231 -27.64 8.05 -17.00
CA GLY A 231 -28.11 9.30 -17.64
C GLY A 231 -26.99 10.17 -18.18
N GLY A 232 -25.73 9.91 -17.84
CA GLY A 232 -24.55 10.62 -18.40
C GLY A 232 -24.13 10.03 -19.74
N THR A 233 -24.58 8.80 -20.02
CA THR A 233 -24.26 8.04 -21.26
C THR A 233 -22.76 8.11 -21.53
N ALA A 234 -22.33 8.52 -22.73
CA ALA A 234 -20.98 8.25 -23.27
C ALA A 234 -19.88 9.05 -22.54
N VAL A 235 -20.10 10.35 -22.35
CA VAL A 235 -19.04 11.27 -21.83
C VAL A 235 -19.57 12.12 -20.66
N GLY A 236 -20.84 11.92 -20.24
CA GLY A 236 -21.45 12.63 -19.09
C GLY A 236 -22.51 13.64 -19.54
N THR A 237 -22.63 13.89 -20.82
CA THR A 237 -23.48 14.99 -21.37
C THR A 237 -24.95 14.58 -21.35
N GLY A 238 -25.25 13.29 -21.24
CA GLY A 238 -26.62 12.79 -21.38
C GLY A 238 -27.10 12.83 -22.83
N LEU A 239 -26.15 12.86 -23.78
CA LEU A 239 -26.38 12.64 -25.23
C LEU A 239 -27.34 11.45 -25.38
N ASN A 240 -28.39 11.60 -26.18
CA ASN A 240 -29.34 10.51 -26.60
C ASN A 240 -30.21 10.04 -25.42
N THR A 241 -30.29 10.81 -24.35
CA THR A 241 -31.27 10.59 -23.27
C THR A 241 -32.44 11.53 -23.48
N PRO A 242 -33.67 11.06 -23.19
CA PRO A 242 -34.80 11.97 -23.03
C PRO A 242 -34.61 12.94 -21.85
N LYS A 243 -35.14 14.17 -21.96
CA LYS A 243 -35.27 15.12 -20.82
C LYS A 243 -36.02 14.43 -19.67
N GLY A 244 -35.41 14.45 -18.46
CA GLY A 244 -36.00 13.88 -17.24
C GLY A 244 -35.65 12.42 -17.03
N TYR A 245 -34.84 11.81 -17.91
CA TYR A 245 -34.50 10.37 -17.85
C TYR A 245 -33.68 10.12 -16.58
N ASP A 246 -32.70 10.99 -16.31
CA ASP A 246 -31.72 10.82 -15.20
C ASP A 246 -32.48 10.62 -13.88
N VAL A 247 -33.42 11.52 -13.58
CA VAL A 247 -34.13 11.58 -12.26
C VAL A 247 -35.10 10.39 -12.21
N LYS A 248 -35.77 10.09 -13.33
CA LYS A 248 -36.85 9.07 -13.41
C LYS A 248 -36.27 7.66 -13.30
N VAL A 249 -35.13 7.39 -13.93
CA VAL A 249 -34.56 6.01 -13.88
C VAL A 249 -33.99 5.77 -12.47
N ALA A 250 -33.45 6.81 -11.82
CA ALA A 250 -33.00 6.75 -10.41
C ALA A 250 -34.19 6.41 -9.49
N GLU A 251 -35.35 7.06 -9.72
CA GLU A 251 -36.59 6.82 -8.92
C GLU A 251 -36.98 5.34 -9.02
N TYR A 252 -36.90 4.78 -10.23
CA TYR A 252 -37.25 3.36 -10.52
C TYR A 252 -36.25 2.43 -9.83
N ILE A 253 -34.96 2.77 -9.85
CA ILE A 253 -33.90 1.95 -9.17
C ILE A 253 -34.15 2.00 -7.66
N ALA A 254 -34.43 3.21 -7.14
CA ALA A 254 -34.76 3.48 -5.73
C ALA A 254 -35.93 2.57 -5.32
N LYS A 255 -36.95 2.48 -6.18
CA LYS A 255 -38.20 1.73 -5.86
C LYS A 255 -37.95 0.22 -5.98
N PHE A 256 -37.23 -0.26 -6.99
CA PHE A 256 -36.98 -1.73 -7.16
C PHE A 256 -36.08 -2.24 -6.02
N THR A 257 -35.04 -1.50 -5.66
CA THR A 257 -34.06 -1.93 -4.62
C THR A 257 -34.55 -1.60 -3.20
N GLY A 258 -35.48 -0.66 -3.05
CA GLY A 258 -35.91 -0.16 -1.72
C GLY A 258 -34.83 0.63 -1.00
N LEU A 259 -33.88 1.24 -1.74
CA LEU A 259 -32.72 1.99 -1.17
C LEU A 259 -32.63 3.37 -1.81
N PRO A 260 -32.11 4.38 -1.10
CA PRO A 260 -32.34 5.78 -1.43
C PRO A 260 -31.38 6.34 -2.50
N PHE A 261 -31.34 5.70 -3.67
CA PHE A 261 -30.48 6.13 -4.79
C PHE A 261 -31.03 7.42 -5.40
N ILE A 262 -30.14 8.35 -5.78
CA ILE A 262 -30.48 9.57 -6.57
C ILE A 262 -29.57 9.63 -7.78
N THR A 263 -29.94 10.41 -8.79
CA THR A 263 -29.06 10.74 -9.94
C THR A 263 -27.85 11.48 -9.38
N ALA A 264 -26.66 11.19 -9.91
CA ALA A 264 -25.40 11.86 -9.55
C ALA A 264 -25.50 13.35 -9.86
N GLU A 265 -25.04 14.19 -8.93
CA GLU A 265 -25.02 15.67 -9.03
C GLU A 265 -24.21 16.12 -10.24
N ASN A 266 -23.11 15.42 -10.51
CA ASN A 266 -22.18 15.73 -11.62
C ASN A 266 -21.77 14.43 -12.33
N LYS A 267 -22.28 14.24 -13.56
CA LYS A 267 -22.14 12.98 -14.35
C LYS A 267 -20.69 12.81 -14.84
N PHE A 268 -19.98 13.91 -14.99
CA PHE A 268 -18.55 13.95 -15.41
C PHE A 268 -17.73 13.32 -14.30
N GLU A 269 -17.91 13.78 -13.05
CA GLU A 269 -17.25 13.18 -11.85
C GLU A 269 -17.65 11.70 -11.77
N ALA A 270 -18.88 11.39 -12.17
CA ALA A 270 -19.53 10.05 -12.00
C ALA A 270 -19.00 9.03 -13.03
N LEU A 271 -18.34 9.49 -14.10
CA LEU A 271 -17.80 8.64 -15.20
C LEU A 271 -16.24 8.65 -15.17
N ALA A 272 -15.66 9.82 -14.97
CA ALA A 272 -14.22 10.09 -15.07
C ALA A 272 -13.47 9.62 -13.79
N THR A 273 -14.20 9.27 -12.73
CA THR A 273 -13.69 8.85 -11.40
C THR A 273 -14.56 7.74 -10.81
N HIS A 274 -14.03 7.09 -9.79
CA HIS A 274 -14.75 6.25 -8.79
C HIS A 274 -14.37 6.71 -7.37
N ASP A 275 -14.31 8.03 -7.20
CA ASP A 275 -13.98 8.73 -5.94
C ASP A 275 -14.89 8.18 -4.82
N ALA A 276 -16.17 7.94 -5.11
CA ALA A 276 -17.17 7.42 -4.13
C ALA A 276 -16.71 6.02 -3.68
N ILE A 277 -16.23 5.21 -4.61
CA ILE A 277 -15.71 3.86 -4.26
C ILE A 277 -14.49 4.02 -3.35
N VAL A 278 -13.59 5.00 -3.61
CA VAL A 278 -12.37 5.28 -2.80
C VAL A 278 -12.81 5.71 -1.37
N GLU A 279 -13.67 6.73 -1.26
CA GLU A 279 -14.25 7.25 0.00
C GLU A 279 -14.83 6.10 0.83
N THR A 280 -15.76 5.30 0.31
CA THR A 280 -16.38 4.19 1.08
C THR A 280 -15.31 3.14 1.42
N HIS A 281 -14.46 2.75 0.47
CA HIS A 281 -13.46 1.69 0.76
C HIS A 281 -12.50 2.16 1.86
N GLY A 282 -12.04 3.42 1.83
CA GLY A 282 -11.28 4.05 2.93
C GLY A 282 -11.90 3.78 4.30
N ALA A 283 -13.22 3.93 4.42
CA ALA A 283 -13.99 3.64 5.66
C ALA A 283 -13.97 2.14 5.95
N LEU A 284 -14.02 1.27 4.92
CA LEU A 284 -13.99 -0.20 5.14
C LEU A 284 -12.63 -0.61 5.70
N LYS A 285 -11.55 0.01 5.22
CA LYS A 285 -10.15 -0.24 5.65
C LYS A 285 -9.96 0.21 7.10
N GLN A 286 -10.53 1.36 7.50
CA GLN A 286 -10.49 1.91 8.88
C GLN A 286 -11.07 0.88 9.86
N VAL A 287 -12.29 0.46 9.65
CA VAL A 287 -12.92 -0.67 10.41
C VAL A 287 -12.03 -1.90 10.37
N ALA A 288 -11.38 -2.21 9.24
CA ALA A 288 -10.61 -3.46 9.08
C ALA A 288 -9.35 -3.41 9.95
N MET A 289 -8.71 -2.24 10.00
CA MET A 289 -7.53 -1.99 10.86
C MET A 289 -7.97 -2.05 12.33
N SER A 290 -9.12 -1.47 12.66
CA SER A 290 -9.70 -1.61 14.02
C SER A 290 -9.91 -3.10 14.33
N LEU A 291 -10.59 -3.83 13.44
CA LEU A 291 -10.92 -5.27 13.68
C LEU A 291 -9.63 -6.04 13.93
N PHE A 292 -8.55 -5.70 13.21
CA PHE A 292 -7.26 -6.42 13.32
C PHE A 292 -6.79 -6.28 14.78
N LYS A 293 -6.69 -5.04 15.26
CA LYS A 293 -6.25 -4.70 16.63
C LYS A 293 -7.14 -5.47 17.61
N ILE A 294 -8.45 -5.45 17.44
CA ILE A 294 -9.40 -6.12 18.39
C ILE A 294 -9.14 -7.63 18.44
N ALA A 295 -9.06 -8.28 17.29
CA ALA A 295 -8.86 -9.75 17.16
C ALA A 295 -7.47 -10.10 17.70
N ASN A 296 -6.49 -9.24 17.43
CA ASN A 296 -5.09 -9.46 17.93
C ASN A 296 -5.10 -9.41 19.47
N ASP A 297 -5.79 -8.43 20.05
CA ASP A 297 -5.85 -8.29 21.52
C ASP A 297 -6.49 -9.57 22.09
N ILE A 298 -7.60 -9.99 21.49
CA ILE A 298 -8.37 -11.16 22.00
C ILE A 298 -7.46 -12.38 21.97
N ARG A 299 -6.67 -12.60 20.91
CA ARG A 299 -5.79 -13.80 20.91
C ARG A 299 -4.67 -13.63 21.93
N LEU A 300 -4.09 -12.43 22.10
CA LEU A 300 -3.05 -12.18 23.13
C LEU A 300 -3.63 -12.51 24.50
N LEU A 301 -4.80 -11.94 24.82
CA LEU A 301 -5.47 -12.11 26.14
C LEU A 301 -5.77 -13.60 26.37
N ALA A 302 -6.05 -14.37 25.31
CA ALA A 302 -6.48 -15.77 25.45
C ALA A 302 -5.28 -16.72 25.36
N SER A 303 -4.07 -16.21 25.15
CA SER A 303 -2.87 -17.05 24.88
C SER A 303 -2.56 -17.97 26.09
N GLY A 304 -1.98 -19.15 25.83
CA GLY A 304 -1.60 -20.12 26.85
C GLY A 304 -1.94 -21.54 26.39
N PRO A 305 -2.70 -22.32 27.21
CA PRO A 305 -3.40 -21.81 28.39
C PRO A 305 -2.56 -21.74 29.69
N ARG A 306 -1.29 -22.12 29.63
CA ARG A 306 -0.42 -22.18 30.83
C ARG A 306 0.79 -21.23 30.72
N SER A 307 1.35 -20.96 29.54
CA SER A 307 2.66 -20.27 29.39
C SER A 307 2.52 -18.95 28.62
N GLY A 308 1.33 -18.34 28.66
CA GLY A 308 1.01 -17.08 27.97
C GLY A 308 0.32 -16.11 28.91
N ILE A 309 -0.59 -15.26 28.42
CA ILE A 309 -1.33 -14.29 29.28
C ILE A 309 -2.50 -15.03 29.96
N GLY A 310 -3.43 -15.58 29.19
CA GLY A 310 -4.51 -16.45 29.71
C GLY A 310 -5.54 -15.71 30.58
N GLU A 311 -5.71 -14.39 30.41
CA GLU A 311 -6.70 -13.59 31.20
C GLU A 311 -8.16 -13.85 30.81
N ILE A 312 -8.44 -14.31 29.58
CA ILE A 312 -9.80 -14.64 29.08
C ILE A 312 -9.83 -16.08 28.58
N LEU A 313 -11.03 -16.67 28.60
CA LEU A 313 -11.36 -17.96 27.95
C LEU A 313 -12.20 -17.65 26.71
N ILE A 314 -11.93 -18.31 25.59
CA ILE A 314 -12.70 -18.16 24.33
C ILE A 314 -13.28 -19.52 24.00
N PRO A 315 -14.38 -19.57 23.24
CA PRO A 315 -14.94 -20.85 22.81
C PRO A 315 -13.85 -21.66 22.10
N GLU A 316 -13.86 -22.95 22.37
CA GLU A 316 -12.95 -23.97 21.77
C GLU A 316 -13.75 -24.74 20.71
N ASN A 317 -13.60 -24.37 19.43
CA ASN A 317 -14.53 -24.80 18.36
C ASN A 317 -13.99 -26.05 17.65
N GLU A 318 -12.67 -26.26 17.61
CA GLU A 318 -12.06 -27.37 16.81
C GLU A 318 -10.68 -27.72 17.36
N PRO A 319 -10.20 -28.95 17.09
CA PRO A 319 -8.79 -29.29 17.31
C PRO A 319 -7.87 -28.30 16.57
N GLY A 320 -6.90 -27.73 17.29
CA GLY A 320 -6.03 -26.65 16.77
C GLY A 320 -4.91 -27.19 15.93
N CYS A 321 -4.51 -28.44 16.14
CA CYS A 321 -3.17 -28.92 15.74
C CYS A 321 -3.15 -30.42 15.43
N SER A 322 -2.57 -30.76 14.28
CA SER A 322 -2.43 -32.12 13.70
C SER A 322 -1.38 -32.94 14.46
N ILE A 323 -0.43 -32.28 15.13
CA ILE A 323 0.74 -32.95 15.79
C ILE A 323 0.72 -32.76 17.31
N MET A 324 0.21 -31.63 17.78
CA MET A 324 0.18 -31.29 19.24
C MET A 324 -1.20 -31.62 19.79
N PRO A 325 -1.39 -32.81 20.40
CA PRO A 325 -2.73 -33.32 20.71
C PRO A 325 -3.35 -32.55 21.88
N GLY A 326 -4.55 -32.00 21.68
CA GLY A 326 -5.31 -31.25 22.68
C GLY A 326 -5.10 -29.75 22.57
N LYS A 327 -4.27 -29.31 21.61
CA LYS A 327 -4.05 -27.87 21.39
C LYS A 327 -5.35 -27.27 20.82
N VAL A 328 -5.72 -26.09 21.33
CA VAL A 328 -6.84 -25.26 20.80
C VAL A 328 -6.30 -23.86 20.52
N ASN A 329 -6.57 -23.32 19.34
CA ASN A 329 -5.96 -22.06 18.83
C ASN A 329 -7.09 -21.05 18.64
N PRO A 330 -6.78 -19.74 18.64
CA PRO A 330 -7.79 -18.71 18.37
C PRO A 330 -8.02 -18.49 16.86
N THR A 331 -8.73 -19.42 16.22
CA THR A 331 -8.80 -19.56 14.74
C THR A 331 -9.67 -18.44 14.14
N GLN A 332 -10.74 -18.02 14.82
CA GLN A 332 -11.59 -16.88 14.39
C GLN A 332 -10.81 -15.56 14.44
N CYS A 333 -9.94 -15.41 15.43
CA CYS A 333 -9.02 -14.26 15.55
C CYS A 333 -8.19 -14.20 14.25
N GLU A 334 -7.60 -15.34 13.89
CA GLU A 334 -6.71 -15.48 12.70
C GLU A 334 -7.48 -15.16 11.42
N ALA A 335 -8.65 -15.76 11.22
CA ALA A 335 -9.50 -15.47 10.06
C ALA A 335 -9.75 -13.95 9.99
N MET A 336 -9.98 -13.31 11.13
CA MET A 336 -10.28 -11.85 11.17
C MET A 336 -9.03 -11.07 10.75
N THR A 337 -7.86 -11.43 11.28
CA THR A 337 -6.60 -10.70 11.01
C THR A 337 -6.24 -10.87 9.53
N MET A 338 -6.58 -12.01 8.93
CA MET A 338 -6.26 -12.32 7.51
C MET A 338 -7.14 -11.46 6.61
N VAL A 339 -8.43 -11.40 6.89
CA VAL A 339 -9.36 -10.54 6.10
C VAL A 339 -8.88 -9.09 6.16
N ALA A 340 -8.50 -8.60 7.34
CA ALA A 340 -8.10 -7.19 7.57
C ALA A 340 -6.89 -6.90 6.66
N ALA A 341 -5.95 -7.85 6.55
CA ALA A 341 -4.76 -7.78 5.67
C ALA A 341 -5.20 -7.68 4.21
N GLN A 342 -6.16 -8.51 3.81
CA GLN A 342 -6.79 -8.49 2.46
C GLN A 342 -7.37 -7.09 2.18
N VAL A 343 -8.05 -6.49 3.14
CA VAL A 343 -8.75 -5.20 2.90
C VAL A 343 -7.70 -4.08 2.68
N LEU A 344 -6.58 -4.12 3.40
CA LEU A 344 -5.51 -3.10 3.22
C LEU A 344 -5.01 -3.16 1.78
N GLY A 345 -4.64 -4.33 1.27
CA GLY A 345 -4.19 -4.50 -0.13
C GLY A 345 -5.25 -4.05 -1.14
N ASN A 346 -6.50 -4.44 -0.92
CA ASN A 346 -7.64 -4.00 -1.75
C ASN A 346 -7.67 -2.46 -1.75
N ASP A 347 -7.33 -1.81 -0.63
CA ASP A 347 -7.39 -0.33 -0.50
C ASP A 347 -6.30 0.29 -1.36
N THR A 348 -5.11 -0.33 -1.38
CA THR A 348 -3.99 0.09 -2.28
C THR A 348 -4.49 0.03 -3.72
N THR A 349 -5.09 -1.09 -4.12
CA THR A 349 -5.54 -1.35 -5.52
C THR A 349 -6.58 -0.30 -5.93
N ILE A 350 -7.59 -0.10 -5.08
CA ILE A 350 -8.71 0.85 -5.33
C ILE A 350 -8.10 2.26 -5.40
N SER A 351 -7.23 2.62 -4.48
CA SER A 351 -6.62 3.98 -4.41
C SER A 351 -5.84 4.24 -5.69
N PHE A 352 -4.91 3.34 -6.02
CA PHE A 352 -4.12 3.39 -7.27
C PHE A 352 -5.04 3.57 -8.47
N ALA A 353 -6.00 2.66 -8.65
CA ALA A 353 -6.94 2.66 -9.79
C ALA A 353 -7.70 3.99 -9.83
N GLY A 354 -8.11 4.53 -8.67
CA GLY A 354 -8.99 5.71 -8.57
C GLY A 354 -8.28 6.97 -9.08
N SER A 355 -6.94 6.96 -9.07
CA SER A 355 -6.09 8.09 -9.52
C SER A 355 -5.97 8.08 -11.04
N GLN A 356 -6.29 6.96 -11.71
CA GLN A 356 -5.78 6.64 -13.07
C GLN A 356 -6.84 6.88 -14.14
N GLY A 357 -7.88 7.68 -13.84
CA GLY A 357 -8.82 8.20 -14.84
C GLY A 357 -8.09 9.03 -15.90
N HIS A 358 -8.55 8.90 -17.15
CA HIS A 358 -8.13 9.76 -18.29
C HIS A 358 -9.36 10.49 -18.86
N PHE A 359 -9.28 11.82 -18.96
CA PHE A 359 -10.34 12.67 -19.56
C PHE A 359 -11.71 12.20 -19.04
N GLU A 360 -12.61 11.73 -19.89
CA GLU A 360 -14.06 11.58 -19.58
C GLU A 360 -14.37 10.19 -19.00
N LEU A 361 -13.38 9.30 -18.87
CA LEU A 361 -13.66 7.92 -18.37
C LEU A 361 -12.47 7.37 -17.55
N ASN A 362 -12.80 6.85 -16.37
CA ASN A 362 -11.94 5.92 -15.62
C ASN A 362 -12.18 4.51 -16.15
N VAL A 363 -11.16 3.88 -16.71
CA VAL A 363 -11.32 2.48 -17.23
C VAL A 363 -10.53 1.53 -16.33
N PHE A 364 -10.76 1.64 -15.03
CA PHE A 364 -10.39 0.59 -14.05
C PHE A 364 -11.66 0.07 -13.36
N LYS A 365 -12.81 0.11 -14.02
CA LYS A 365 -14.08 -0.11 -13.30
C LYS A 365 -14.15 -1.54 -12.74
N PRO A 366 -13.92 -2.61 -13.53
CA PRO A 366 -14.11 -3.96 -13.00
C PRO A 366 -13.21 -4.23 -11.79
N VAL A 367 -11.96 -3.78 -11.84
CA VAL A 367 -10.97 -4.12 -10.77
C VAL A 367 -11.36 -3.36 -9.49
N MET A 368 -11.81 -2.11 -9.60
CA MET A 368 -12.28 -1.33 -8.43
C MET A 368 -13.51 -2.05 -7.83
N ALA A 369 -14.52 -2.39 -8.62
CA ALA A 369 -15.76 -3.09 -8.16
C ALA A 369 -15.46 -4.44 -7.49
N ALA A 370 -14.67 -5.32 -8.12
CA ALA A 370 -14.31 -6.65 -7.57
C ALA A 370 -13.62 -6.48 -6.22
N ASN A 371 -12.66 -5.55 -6.09
CA ASN A 371 -11.87 -5.36 -4.83
C ASN A 371 -12.83 -4.80 -3.76
N PHE A 372 -13.72 -3.87 -4.14
CA PHE A 372 -14.65 -3.25 -3.18
C PHE A 372 -15.66 -4.29 -2.70
N LEU A 373 -16.25 -5.06 -3.60
CA LEU A 373 -17.24 -6.09 -3.21
C LEU A 373 -16.55 -7.13 -2.32
N GLN A 374 -15.30 -7.50 -2.61
CA GLN A 374 -14.60 -8.51 -1.78
C GLN A 374 -14.45 -7.99 -0.35
N SER A 375 -13.93 -6.78 -0.16
CA SER A 375 -13.76 -6.20 1.21
C SER A 375 -15.12 -6.20 1.92
N ALA A 376 -16.14 -5.65 1.29
CA ALA A 376 -17.50 -5.47 1.85
C ALA A 376 -18.09 -6.84 2.28
N GLN A 377 -17.91 -7.89 1.48
CA GLN A 377 -18.45 -9.25 1.75
C GLN A 377 -17.67 -9.88 2.89
N LEU A 378 -16.33 -9.87 2.80
CA LEU A 378 -15.45 -10.56 3.78
C LEU A 378 -15.54 -9.90 5.18
N ILE A 379 -15.58 -8.56 5.26
CA ILE A 379 -15.76 -7.87 6.57
C ILE A 379 -17.09 -8.38 7.18
N ALA A 380 -18.16 -8.42 6.39
CA ALA A 380 -19.48 -8.90 6.84
C ALA A 380 -19.35 -10.34 7.37
N ASP A 381 -18.74 -11.23 6.58
CA ASP A 381 -18.75 -12.69 6.85
C ASP A 381 -17.97 -12.95 8.12
N VAL A 382 -16.83 -12.27 8.28
CA VAL A 382 -15.89 -12.57 9.39
C VAL A 382 -16.41 -11.91 10.69
N CYS A 383 -17.10 -10.78 10.61
CA CYS A 383 -17.73 -10.15 11.79
C CYS A 383 -18.82 -11.10 12.31
N ILE A 384 -19.58 -11.74 11.42
CA ILE A 384 -20.66 -12.70 11.84
C ILE A 384 -19.98 -13.93 12.46
N SER A 385 -18.99 -14.49 11.76
CA SER A 385 -18.26 -15.71 12.17
C SER A 385 -17.65 -15.44 13.55
N PHE A 386 -16.94 -14.33 13.67
CA PHE A 386 -16.18 -13.98 14.89
C PHE A 386 -17.16 -13.80 16.07
N ASP A 387 -18.27 -13.09 15.88
CA ASP A 387 -19.29 -12.84 16.93
C ASP A 387 -19.86 -14.18 17.39
N GLU A 388 -20.38 -14.98 16.44
CA GLU A 388 -21.02 -16.29 16.69
C GLU A 388 -20.05 -17.24 17.42
N HIS A 389 -18.77 -17.28 17.03
CA HIS A 389 -17.84 -18.39 17.32
C HIS A 389 -16.72 -17.99 18.29
N CYS A 390 -16.71 -16.73 18.73
CA CYS A 390 -15.64 -16.21 19.63
C CYS A 390 -16.23 -15.13 20.54
N ALA A 391 -16.60 -13.95 20.02
CA ALA A 391 -16.89 -12.75 20.84
C ALA A 391 -18.02 -13.04 21.86
N THR A 392 -19.13 -13.67 21.45
CA THR A 392 -20.29 -13.96 22.36
C THR A 392 -19.82 -14.83 23.54
N GLY A 393 -18.81 -15.68 23.35
CA GLY A 393 -18.39 -16.69 24.34
C GLY A 393 -17.23 -16.25 25.23
N ILE A 394 -16.69 -15.04 25.05
CA ILE A 394 -15.53 -14.56 25.86
C ILE A 394 -15.95 -14.49 27.32
N GLN A 395 -15.18 -15.13 28.22
CA GLN A 395 -15.37 -15.01 29.69
C GLN A 395 -14.01 -14.76 30.32
N PRO A 396 -13.96 -14.05 31.48
CA PRO A 396 -12.71 -13.84 32.20
C PRO A 396 -12.29 -15.11 32.95
N ASN A 397 -10.98 -15.36 33.02
CA ASN A 397 -10.37 -16.35 33.92
C ASN A 397 -10.03 -15.60 35.23
N THR A 398 -10.99 -15.55 36.17
CA THR A 398 -10.94 -14.73 37.42
C THR A 398 -9.59 -14.86 38.12
N PRO A 399 -9.14 -16.07 38.55
CA PRO A 399 -7.92 -16.19 39.35
C PRO A 399 -6.66 -15.73 38.58
N ARG A 400 -6.54 -16.04 37.29
CA ARG A 400 -5.38 -15.60 36.49
C ARG A 400 -5.34 -14.06 36.49
N ILE A 401 -6.47 -13.41 36.24
CA ILE A 401 -6.59 -11.92 36.21
C ILE A 401 -6.09 -11.36 37.54
N GLN A 402 -6.58 -11.88 38.67
CA GLN A 402 -6.16 -11.46 40.04
C GLN A 402 -4.65 -11.66 40.19
N HIS A 403 -4.11 -12.85 39.93
CA HIS A 403 -2.65 -13.11 40.05
C HIS A 403 -1.88 -12.05 39.26
N LEU A 404 -2.26 -11.75 38.00
CA LEU A 404 -1.52 -10.79 37.13
C LEU A 404 -1.73 -9.34 37.63
N LEU A 405 -2.90 -9.03 38.21
CA LEU A 405 -3.21 -7.68 38.78
C LEU A 405 -2.34 -7.41 40.02
N ASP A 406 -2.32 -8.33 40.99
CA ASP A 406 -1.62 -8.16 42.31
C ASP A 406 -0.10 -8.13 42.10
N SER A 407 0.36 -8.58 40.94
CA SER A 407 1.79 -8.76 40.58
C SER A 407 2.44 -7.44 40.11
N SER A 408 1.72 -6.62 39.36
CA SER A 408 2.28 -5.40 38.71
C SER A 408 2.94 -4.50 39.75
N LEU A 409 4.22 -4.20 39.57
CA LEU A 409 4.95 -3.22 40.42
C LEU A 409 4.43 -1.81 40.15
N MET A 410 3.73 -1.56 39.03
CA MET A 410 3.31 -0.21 38.61
C MET A 410 2.01 0.20 39.31
N LEU A 411 1.44 -0.68 40.13
CA LEU A 411 0.45 -0.31 41.16
C LEU A 411 1.04 0.85 41.98
N VAL A 412 2.36 0.92 42.11
CA VAL A 412 3.06 1.98 42.89
C VAL A 412 2.56 3.38 42.46
N THR A 413 2.03 3.51 41.23
CA THR A 413 1.57 4.79 40.63
C THR A 413 0.56 5.50 41.55
N ALA A 414 -0.21 4.76 42.36
CA ALA A 414 -1.22 5.31 43.30
C ALA A 414 -0.58 6.25 44.33
N LEU A 415 0.73 6.12 44.59
CA LEU A 415 1.49 6.93 45.59
C LEU A 415 2.05 8.23 44.97
N ASN A 416 1.89 8.45 43.66
CA ASN A 416 2.40 9.66 42.97
C ASN A 416 1.95 10.92 43.73
N THR A 417 0.67 11.11 44.00
CA THR A 417 0.15 12.36 44.62
C THR A 417 0.39 12.36 46.14
N HIS A 418 0.87 11.26 46.73
CA HIS A 418 1.16 11.14 48.19
C HIS A 418 2.65 11.44 48.48
N ILE A 419 3.59 10.84 47.75
CA ILE A 419 5.04 10.98 48.03
C ILE A 419 5.82 11.47 46.80
N GLY A 420 5.15 11.82 45.70
CA GLY A 420 5.81 12.29 44.46
C GLY A 420 6.41 11.16 43.62
N TYR A 421 6.85 11.49 42.41
CA TYR A 421 7.30 10.52 41.37
C TYR A 421 8.60 9.83 41.83
N GLU A 422 9.62 10.62 42.18
CA GLU A 422 10.97 10.08 42.53
C GLU A 422 10.84 9.07 43.67
N ASN A 423 10.07 9.37 44.72
CA ASN A 423 9.96 8.42 45.87
C ASN A 423 9.22 7.15 45.45
N ALA A 424 8.11 7.27 44.70
CA ALA A 424 7.38 6.11 44.15
C ALA A 424 8.35 5.25 43.31
N ALA A 425 9.23 5.86 42.52
CA ALA A 425 10.19 5.13 41.66
C ALA A 425 11.17 4.34 42.53
N LYS A 426 11.64 4.92 43.65
CA LYS A 426 12.56 4.21 44.56
C LYS A 426 11.89 2.90 44.99
N ILE A 427 10.61 2.95 45.36
CA ILE A 427 9.87 1.75 45.89
C ILE A 427 9.90 0.67 44.79
N ALA A 428 9.49 1.01 43.57
CA ALA A 428 9.37 0.08 42.43
C ALA A 428 10.74 -0.52 42.08
N LYS A 429 11.76 0.32 41.87
CA LYS A 429 13.15 -0.15 41.57
C LYS A 429 13.60 -1.11 42.67
N THR A 430 13.37 -0.73 43.94
CA THR A 430 13.86 -1.50 45.11
C THR A 430 13.16 -2.87 45.13
N ALA A 431 11.84 -2.90 44.94
CA ALA A 431 11.04 -4.14 44.92
C ALA A 431 11.56 -5.01 43.76
N HIS A 432 11.76 -4.38 42.59
CA HIS A 432 12.20 -5.03 41.33
C HIS A 432 13.59 -5.66 41.54
N LYS A 433 14.57 -4.90 42.06
CA LYS A 433 15.95 -5.37 42.28
C LYS A 433 15.93 -6.54 43.28
N ASN A 434 15.11 -6.46 44.33
CA ASN A 434 15.17 -7.40 45.49
C ASN A 434 14.25 -8.62 45.28
N GLY A 435 13.37 -8.61 44.27
CA GLY A 435 12.33 -9.64 44.09
C GLY A 435 11.35 -9.67 45.27
N THR A 436 10.89 -8.50 45.70
CA THR A 436 10.03 -8.28 46.91
C THR A 436 8.72 -7.61 46.49
N THR A 437 7.80 -7.35 47.43
CA THR A 437 6.54 -6.60 47.19
C THR A 437 6.79 -5.10 47.30
N LEU A 438 5.89 -4.30 46.71
CA LEU A 438 5.88 -2.82 46.82
C LEU A 438 5.74 -2.43 48.30
N ARG A 439 4.90 -3.19 49.02
CA ARG A 439 4.52 -2.99 50.43
C ARG A 439 5.75 -3.16 51.32
N GLU A 440 6.47 -4.28 51.18
CA GLU A 440 7.78 -4.53 51.86
C GLU A 440 8.65 -3.27 51.76
N GLU A 441 8.94 -2.82 50.55
CA GLU A 441 9.96 -1.77 50.30
C GLU A 441 9.41 -0.39 50.64
N ALA A 442 8.10 -0.15 50.55
CA ALA A 442 7.50 1.14 50.99
C ALA A 442 7.75 1.31 52.49
N ILE A 443 7.59 0.21 53.24
CA ILE A 443 7.82 0.15 54.71
C ILE A 443 9.33 0.33 54.97
N ASN A 444 10.17 -0.56 54.42
CA ASN A 444 11.65 -0.59 54.65
C ASN A 444 12.28 0.78 54.36
N LEU A 445 11.87 1.46 53.29
CA LEU A 445 12.46 2.77 52.93
C LEU A 445 11.83 3.86 53.80
N GLY A 446 10.86 3.53 54.66
CA GLY A 446 10.18 4.51 55.53
C GLY A 446 9.48 5.60 54.73
N LEU A 447 8.96 5.27 53.54
CA LEU A 447 8.32 6.26 52.64
C LEU A 447 6.80 6.27 52.89
N VAL A 448 6.25 5.12 53.30
CA VAL A 448 4.78 4.95 53.57
C VAL A 448 4.61 3.94 54.72
N SER A 449 3.71 4.26 55.64
CA SER A 449 3.23 3.35 56.73
C SER A 449 2.51 2.14 56.10
N ALA A 450 2.50 1.00 56.80
CA ALA A 450 1.68 -0.19 56.44
C ALA A 450 0.23 0.27 56.21
N GLU A 451 -0.32 1.08 57.12
CA GLU A 451 -1.73 1.56 57.07
C GLU A 451 -1.98 2.31 55.76
N ASP A 452 -1.19 3.35 55.48
CA ASP A 452 -1.42 4.28 54.34
C ASP A 452 -1.26 3.51 53.01
N PHE A 453 -0.30 2.59 52.93
CA PHE A 453 -0.08 1.76 51.72
C PHE A 453 -1.38 1.03 51.40
N ASP A 454 -1.95 0.34 52.40
CA ASP A 454 -3.16 -0.51 52.26
C ASP A 454 -4.39 0.38 51.96
N LYS A 455 -4.39 1.63 52.43
CA LYS A 455 -5.47 2.61 52.08
C LYS A 455 -5.29 3.09 50.65
N TRP A 456 -4.05 3.42 50.25
CA TRP A 456 -3.76 4.14 48.98
C TRP A 456 -3.65 3.19 47.76
N VAL A 457 -2.95 2.06 47.90
CA VAL A 457 -2.67 1.11 46.77
C VAL A 457 -3.79 0.06 46.70
N VAL A 458 -4.99 0.47 46.27
CA VAL A 458 -6.18 -0.41 46.11
C VAL A 458 -6.55 -0.45 44.63
N PRO A 459 -6.28 -1.56 43.90
CA PRO A 459 -6.56 -1.62 42.47
C PRO A 459 -7.97 -1.12 42.07
N ALA A 460 -9.01 -1.51 42.80
CA ALA A 460 -10.41 -1.18 42.46
C ALA A 460 -10.64 0.34 42.48
N ASP A 461 -9.82 1.13 43.20
CA ASP A 461 -9.98 2.61 43.28
C ASP A 461 -9.07 3.31 42.27
N MET A 462 -8.31 2.54 41.49
CA MET A 462 -7.33 3.04 40.48
C MET A 462 -7.95 3.06 39.06
N VAL A 463 -9.19 2.58 38.92
CA VAL A 463 -9.89 2.39 37.61
C VAL A 463 -10.80 3.59 37.31
N GLY A 464 -10.77 4.64 38.15
CA GLY A 464 -11.42 5.95 37.92
C GLY A 464 -10.51 7.09 38.37
N SER A 465 -11.04 8.33 38.46
CA SER A 465 -10.34 9.56 38.93
C SER A 465 -9.94 9.44 40.42
N LEU A 466 -9.42 10.53 41.01
CA LEU A 466 -9.11 10.65 42.47
C LEU A 466 -10.34 10.26 43.31
N ALA B 5 30.62 21.95 26.76
CA ALA B 5 30.52 21.93 28.28
C ALA B 5 29.27 21.19 28.74
N PHE B 6 29.31 20.62 29.96
CA PHE B 6 28.22 19.77 30.53
C PHE B 6 27.86 20.24 31.95
N ARG B 7 26.64 19.89 32.39
CA ARG B 7 26.25 19.85 33.82
C ARG B 7 25.58 18.50 34.04
N ILE B 8 25.43 18.10 35.30
CA ILE B 8 24.75 16.84 35.71
C ILE B 8 23.25 17.13 35.86
N GLU B 9 22.39 16.36 35.19
CA GLU B 9 20.97 16.19 35.57
C GLU B 9 20.75 14.70 35.93
N LYS B 10 19.69 14.41 36.68
CA LYS B 10 19.39 13.06 37.22
C LYS B 10 17.99 12.65 36.79
N ASP B 11 17.79 11.36 36.54
CA ASP B 11 16.42 10.78 36.40
C ASP B 11 16.42 9.55 37.29
N THR B 12 15.31 8.82 37.35
CA THR B 12 15.13 7.69 38.27
C THR B 12 16.08 6.56 37.86
N MET B 13 16.93 6.77 36.85
CA MET B 13 17.88 5.74 36.37
C MET B 13 19.32 6.18 36.65
N GLY B 14 19.57 7.48 36.77
CA GLY B 14 20.89 7.98 37.22
C GLY B 14 21.29 9.30 36.58
N GLU B 15 22.60 9.55 36.59
CA GLU B 15 23.22 10.86 36.25
C GLU B 15 23.50 10.90 34.75
N VAL B 16 23.25 12.05 34.14
CA VAL B 16 23.52 12.27 32.69
C VAL B 16 24.29 13.58 32.54
N GLN B 17 25.28 13.57 31.66
CA GLN B 17 26.00 14.81 31.23
C GLN B 17 25.13 15.48 30.17
N VAL B 18 24.61 16.65 30.49
CA VAL B 18 23.71 17.44 29.61
C VAL B 18 24.46 18.67 29.12
N PRO B 19 24.41 19.00 27.82
CA PRO B 19 24.98 20.27 27.35
C PRO B 19 24.53 21.42 28.27
N ALA B 20 25.52 22.12 28.84
CA ALA B 20 25.39 23.04 29.99
C ALA B 20 24.30 24.09 29.73
N ASP B 21 24.18 24.64 28.51
CA ASP B 21 23.32 25.83 28.25
C ASP B 21 21.92 25.41 27.77
N LYS B 22 21.67 24.12 27.58
CA LYS B 22 20.36 23.62 27.06
C LYS B 22 19.41 23.43 28.23
N TYR B 23 18.15 23.77 28.02
CA TYR B 23 17.08 23.75 29.04
C TYR B 23 16.51 22.34 29.22
N TRP B 24 16.89 21.36 28.40
CA TRP B 24 16.36 19.98 28.58
C TRP B 24 17.19 19.31 29.68
N ALA B 25 16.85 18.07 30.06
CA ALA B 25 17.47 17.42 31.23
C ALA B 25 17.89 15.99 30.87
N ALA B 26 17.87 15.08 31.83
CA ALA B 26 18.49 13.74 31.75
C ALA B 26 17.80 12.90 30.68
N GLN B 27 16.48 12.91 30.63
CA GLN B 27 15.69 12.04 29.71
C GLN B 27 15.80 12.52 28.25
N THR B 28 15.79 13.83 28.02
CA THR B 28 15.97 14.38 26.65
C THR B 28 17.38 14.01 26.17
N GLU B 29 18.40 14.17 27.01
CA GLU B 29 19.78 13.86 26.56
C GLU B 29 19.92 12.36 26.25
N ARG B 30 19.43 11.47 27.12
CA ARG B 30 19.40 10.00 26.87
C ARG B 30 18.78 9.74 25.49
N SER B 31 17.55 10.18 25.25
CA SER B 31 16.82 9.99 23.98
C SER B 31 17.65 10.51 22.80
N ARG B 32 18.27 11.70 22.98
CA ARG B 32 19.06 12.40 21.93
C ARG B 32 20.21 11.48 21.51
N ASN B 33 20.79 10.78 22.46
CA ASN B 33 21.97 9.91 22.26
C ASN B 33 21.57 8.48 21.86
N ASN B 34 20.40 8.00 22.31
CA ASN B 34 19.99 6.57 22.20
C ASN B 34 19.22 6.31 20.91
N PHE B 35 18.80 7.36 20.19
CA PHE B 35 17.95 7.25 18.97
C PHE B 35 18.56 8.12 17.87
N LYS B 36 19.75 7.74 17.40
CA LYS B 36 20.47 8.42 16.28
C LYS B 36 20.00 7.80 14.98
N ILE B 37 18.82 8.22 14.55
CA ILE B 37 18.03 7.59 13.47
C ILE B 37 17.40 8.72 12.69
N GLY B 38 17.85 8.91 11.44
CA GLY B 38 17.38 9.99 10.57
C GLY B 38 17.93 11.32 11.04
N PRO B 39 17.65 12.43 10.32
CA PRO B 39 18.23 13.73 10.68
C PRO B 39 17.77 14.13 12.08
N ALA B 40 18.61 14.90 12.77
CA ALA B 40 18.41 15.35 14.16
C ALA B 40 17.12 16.19 14.24
N ALA B 41 16.41 16.13 15.37
CA ALA B 41 15.23 16.96 15.73
C ALA B 41 14.10 16.83 14.70
N SER B 42 13.82 15.61 14.23
CA SER B 42 12.80 15.30 13.20
C SER B 42 11.37 15.42 13.75
N MET B 43 11.18 15.34 15.08
CA MET B 43 9.79 15.39 15.63
C MET B 43 9.12 16.69 15.16
N PRO B 44 7.98 16.64 14.45
CA PRO B 44 7.41 17.84 13.82
C PRO B 44 7.26 18.98 14.83
N HIS B 45 7.60 20.20 14.41
CA HIS B 45 7.42 21.46 15.17
C HIS B 45 5.95 21.59 15.62
N GLU B 46 5.00 21.13 14.80
CA GLU B 46 3.53 21.28 15.08
C GLU B 46 3.11 20.46 16.32
N ILE B 47 3.79 19.34 16.58
CA ILE B 47 3.59 18.46 17.77
C ILE B 47 4.09 19.18 19.02
N ILE B 48 5.27 19.81 18.93
CA ILE B 48 5.84 20.64 20.03
C ILE B 48 4.87 21.80 20.32
N GLU B 49 4.39 22.48 19.30
CA GLU B 49 3.46 23.63 19.44
C GLU B 49 2.22 23.19 20.21
N ALA B 50 1.59 22.09 19.74
CA ALA B 50 0.42 21.41 20.35
C ALA B 50 0.69 21.12 21.83
N PHE B 51 1.87 20.57 22.15
CA PHE B 51 2.34 20.31 23.53
C PHE B 51 2.28 21.64 24.30
N GLY B 52 2.78 22.72 23.69
CA GLY B 52 2.74 24.07 24.28
C GLY B 52 1.35 24.41 24.79
N TYR B 53 0.33 24.27 23.92
CA TYR B 53 -1.10 24.58 24.22
C TYR B 53 -1.58 23.67 25.35
N LEU B 54 -1.32 22.35 25.26
CA LEU B 54 -1.97 21.38 26.18
C LEU B 54 -1.31 21.46 27.57
N LYS B 55 0.01 21.66 27.67
CA LYS B 55 0.74 21.73 28.98
C LYS B 55 0.20 22.93 29.77
N LYS B 56 0.03 24.06 29.09
CA LYS B 56 -0.52 25.31 29.68
C LYS B 56 -1.97 25.05 30.11
N ALA B 57 -2.76 24.37 29.27
CA ALA B 57 -4.17 24.00 29.57
C ALA B 57 -4.21 23.10 30.82
N ALA B 58 -3.38 22.05 30.89
CA ALA B 58 -3.28 21.13 32.04
C ALA B 58 -3.01 21.94 33.32
N ALA B 59 -2.06 22.88 33.26
CA ALA B 59 -1.64 23.69 34.42
C ALA B 59 -2.83 24.55 34.91
N PHE B 60 -3.54 25.20 33.99
CA PHE B 60 -4.73 26.02 34.33
C PHE B 60 -5.83 25.13 34.92
N ALA B 61 -6.09 23.96 34.33
CA ALA B 61 -7.14 23.04 34.81
C ALA B 61 -6.80 22.59 36.23
N ASN B 62 -5.52 22.25 36.43
CA ASN B 62 -4.95 21.76 37.72
C ASN B 62 -5.12 22.83 38.81
N THR B 63 -4.86 24.11 38.54
CA THR B 63 -5.08 25.23 39.50
C THR B 63 -6.57 25.39 39.84
N ASP B 64 -7.44 25.44 38.81
CA ASP B 64 -8.92 25.58 38.93
C ASP B 64 -9.48 24.49 39.85
N LEU B 65 -8.97 23.25 39.80
CA LEU B 65 -9.45 22.09 40.61
C LEU B 65 -8.58 21.92 41.87
N GLY B 66 -7.72 22.90 42.18
CA GLY B 66 -7.00 23.03 43.47
C GLY B 66 -5.86 22.04 43.67
N VAL B 67 -5.16 21.53 42.66
CA VAL B 67 -4.04 20.55 42.89
C VAL B 67 -2.70 21.10 42.40
N LEU B 68 -2.68 22.32 41.88
CA LEU B 68 -1.44 23.03 41.50
C LEU B 68 -1.58 24.48 41.95
N PRO B 69 -0.61 25.01 42.75
CA PRO B 69 -0.63 26.41 43.15
C PRO B 69 -0.55 27.33 41.92
N ALA B 70 -1.38 28.37 41.91
CA ALA B 70 -1.42 29.47 40.90
C ALA B 70 0.02 29.90 40.51
N GLU B 71 0.93 30.00 41.48
CA GLU B 71 2.32 30.50 41.22
C GLU B 71 3.01 29.57 40.22
N LYS B 72 2.78 28.26 40.36
CA LYS B 72 3.39 27.23 39.48
C LYS B 72 2.69 27.25 38.11
N ARG B 73 1.35 27.34 38.07
CA ARG B 73 0.65 27.57 36.79
C ARG B 73 1.30 28.74 36.05
N ASP B 74 1.48 29.89 36.71
CA ASP B 74 1.96 31.13 36.05
C ASP B 74 3.31 30.86 35.38
N LEU B 75 4.22 30.14 36.05
CA LEU B 75 5.56 29.83 35.47
C LEU B 75 5.43 28.86 34.30
N ILE B 76 4.58 27.84 34.40
CA ILE B 76 4.40 26.83 33.32
C ILE B 76 3.89 27.58 32.08
N GLY B 77 2.93 28.50 32.26
CA GLY B 77 2.30 29.29 31.19
C GLY B 77 3.31 30.18 30.50
N GLN B 78 4.22 30.79 31.27
CA GLN B 78 5.30 31.64 30.72
C GLN B 78 6.26 30.80 29.87
N ALA B 79 6.70 29.63 30.35
CA ALA B 79 7.60 28.74 29.57
C ALA B 79 6.81 28.25 28.35
N CYS B 80 5.53 27.89 28.52
CA CYS B 80 4.64 27.44 27.42
C CYS B 80 4.52 28.57 26.40
N ASP B 81 4.35 29.79 26.88
CA ASP B 81 4.23 30.98 25.98
C ASP B 81 5.56 31.21 25.23
N GLU B 82 6.70 30.79 25.77
CA GLU B 82 7.97 30.94 24.99
C GLU B 82 8.04 29.90 23.87
N ILE B 83 7.58 28.67 24.12
CA ILE B 83 7.52 27.58 23.08
C ILE B 83 6.60 28.04 21.94
N LEU B 84 5.41 28.55 22.27
CA LEU B 84 4.37 28.97 21.29
C LEU B 84 4.84 30.21 20.50
N ALA B 85 5.71 31.07 21.04
CA ALA B 85 6.25 32.23 20.28
C ALA B 85 7.53 31.85 19.51
N ARG B 86 7.86 30.55 19.45
CA ARG B 86 8.99 29.99 18.66
C ARG B 86 10.33 30.51 19.19
N LYS B 87 10.50 30.65 20.51
CA LYS B 87 11.76 31.15 21.11
C LYS B 87 12.66 29.99 21.58
N LEU B 88 12.17 28.75 21.70
CA LEU B 88 12.92 27.60 22.27
C LEU B 88 12.94 26.40 21.31
N ASP B 89 12.93 26.64 20.00
CA ASP B 89 12.98 25.60 18.93
C ASP B 89 14.23 24.72 19.08
N ASP B 90 15.34 25.31 19.53
CA ASP B 90 16.65 24.64 19.65
C ASP B 90 16.67 23.77 20.91
N GLN B 91 15.55 23.63 21.64
CA GLN B 91 15.44 22.92 22.94
C GLN B 91 14.73 21.57 22.80
N PHE B 92 14.39 21.23 21.55
CA PHE B 92 13.61 20.03 21.17
C PHE B 92 14.42 19.28 20.13
N PRO B 93 15.46 18.53 20.59
CA PRO B 93 16.40 17.88 19.68
C PRO B 93 16.05 16.45 19.25
N LEU B 94 14.88 15.93 19.66
CA LEU B 94 14.54 14.49 19.54
C LEU B 94 13.87 14.18 18.19
N VAL B 95 13.99 12.94 17.79
CA VAL B 95 13.61 12.41 16.46
C VAL B 95 12.23 11.78 16.57
N ILE B 96 11.59 11.61 15.42
CA ILE B 96 10.37 10.77 15.24
C ILE B 96 10.61 9.37 15.81
N TRP B 97 11.71 8.73 15.42
CA TRP B 97 11.98 7.28 15.63
C TRP B 97 12.49 7.05 17.07
N GLN B 98 11.71 7.51 18.05
CA GLN B 98 11.99 7.37 19.50
C GLN B 98 11.13 6.22 20.05
N THR B 99 10.89 6.20 21.35
CA THR B 99 9.84 5.35 21.95
C THR B 99 8.52 5.59 21.20
N GLY B 100 7.77 4.51 20.97
CA GLY B 100 6.55 4.54 20.14
C GLY B 100 5.39 5.27 20.81
N SER B 101 5.52 5.62 22.09
CA SER B 101 4.55 6.40 22.90
C SER B 101 4.73 7.90 22.65
N GLY B 102 5.92 8.32 22.24
CA GLY B 102 6.34 9.73 22.33
C GLY B 102 6.70 10.15 23.75
N THR B 103 6.84 9.22 24.72
CA THR B 103 7.29 9.51 26.10
C THR B 103 8.44 10.52 26.08
N GLN B 104 9.50 10.24 25.32
CA GLN B 104 10.75 11.04 25.41
C GLN B 104 10.44 12.50 25.03
N SER B 105 9.57 12.73 24.05
CA SER B 105 9.15 14.10 23.65
C SER B 105 8.26 14.72 24.75
N ASN B 106 7.42 13.91 25.40
CA ASN B 106 6.59 14.39 26.55
C ASN B 106 7.54 14.88 27.64
N MET B 107 8.60 14.13 27.94
CA MET B 107 9.59 14.47 29.01
C MET B 107 10.48 15.65 28.56
N ASN B 108 10.82 15.73 27.28
CA ASN B 108 11.46 16.92 26.63
C ASN B 108 10.64 18.19 26.97
N LEU B 109 9.32 18.14 26.80
CA LEU B 109 8.47 19.32 27.15
C LEU B 109 8.62 19.59 28.65
N ASN B 110 8.45 18.55 29.48
CA ASN B 110 8.37 18.67 30.95
C ASN B 110 9.67 19.28 31.44
N GLU B 111 10.78 18.73 30.96
CA GLU B 111 12.16 19.12 31.33
C GLU B 111 12.38 20.60 30.94
N VAL B 112 12.07 20.97 29.70
CA VAL B 112 12.39 22.34 29.18
C VAL B 112 11.51 23.36 29.91
N ILE B 113 10.24 23.02 30.15
CA ILE B 113 9.27 23.92 30.85
C ILE B 113 9.80 24.13 32.28
N ALA B 114 10.08 23.05 33.01
CA ALA B 114 10.63 23.09 34.39
C ALA B 114 11.82 24.06 34.45
N ASN B 115 12.86 23.79 33.67
CA ASN B 115 14.18 24.47 33.77
C ASN B 115 14.06 25.90 33.26
N ARG B 116 13.31 26.11 32.19
CA ARG B 116 13.09 27.47 31.65
C ARG B 116 12.25 28.26 32.66
N ALA B 117 11.27 27.60 33.28
CA ALA B 117 10.47 28.21 34.36
C ALA B 117 11.39 28.62 35.51
N HIS B 118 12.33 27.75 35.90
CA HIS B 118 13.26 27.99 37.02
C HIS B 118 14.09 29.25 36.73
N VAL B 119 14.57 29.42 35.49
CA VAL B 119 15.42 30.57 35.07
C VAL B 119 14.55 31.82 34.95
N ILE B 120 13.31 31.68 34.49
CA ILE B 120 12.36 32.83 34.36
C ILE B 120 12.13 33.40 35.76
N ASN B 121 12.12 32.50 36.75
CA ASN B 121 11.86 32.77 38.18
C ASN B 121 13.09 33.37 38.89
N GLY B 122 14.20 33.53 38.18
CA GLY B 122 15.46 34.09 38.71
C GLY B 122 16.47 33.02 39.08
N GLY B 123 16.19 31.73 38.83
CA GLY B 123 17.11 30.61 39.07
C GLY B 123 18.21 30.52 38.02
N LYS B 124 19.09 29.52 38.16
CA LYS B 124 20.22 29.19 37.26
C LYS B 124 20.12 27.72 36.81
N LEU B 125 20.39 27.44 35.54
CA LEU B 125 20.65 26.06 35.03
C LEU B 125 21.70 25.39 35.92
N GLY B 126 21.47 24.12 36.27
CA GLY B 126 22.30 23.35 37.21
C GLY B 126 21.65 23.23 38.57
N GLU B 127 20.71 24.10 38.91
CA GLU B 127 19.98 24.05 40.21
C GLU B 127 18.81 23.08 40.07
N LYS B 128 18.31 22.53 41.18
CA LYS B 128 17.00 21.84 41.15
C LYS B 128 15.96 22.89 40.73
N SER B 129 15.06 22.55 39.80
CA SER B 129 14.01 23.47 39.30
C SER B 129 12.97 23.65 40.40
N ILE B 130 12.53 24.89 40.63
CA ILE B 130 11.40 25.25 41.54
C ILE B 130 10.17 24.42 41.14
N ILE B 131 10.06 24.09 39.86
CA ILE B 131 8.95 23.30 39.25
C ILE B 131 9.48 21.91 38.91
N HIS B 132 8.84 20.86 39.40
CA HIS B 132 9.22 19.46 39.09
C HIS B 132 8.63 19.05 37.75
N PRO B 133 9.46 18.49 36.83
CA PRO B 133 8.99 18.02 35.53
C PRO B 133 7.89 16.95 35.60
N ASN B 134 7.98 15.96 36.51
CA ASN B 134 6.94 14.88 36.66
C ASN B 134 5.75 15.36 37.51
N ASP B 135 5.99 15.93 38.69
CA ASP B 135 4.98 16.20 39.75
C ASP B 135 4.13 17.44 39.40
N ASP B 136 4.73 18.43 38.72
CA ASP B 136 4.16 19.77 38.45
C ASP B 136 3.79 19.92 36.95
N VAL B 137 4.79 19.96 36.06
CA VAL B 137 4.56 20.16 34.59
C VAL B 137 3.73 18.99 34.05
N ASN B 138 3.94 17.78 34.57
CA ASN B 138 3.28 16.54 34.12
C ASN B 138 2.16 16.12 35.09
N LYS B 139 1.68 17.03 35.96
CA LYS B 139 0.64 16.73 36.97
C LYS B 139 -0.68 16.33 36.27
N SER B 140 -1.27 15.20 36.67
CA SER B 140 -2.54 14.64 36.12
C SER B 140 -2.38 14.25 34.64
N GLN B 141 -1.16 13.97 34.17
CA GLN B 141 -0.90 13.61 32.76
C GLN B 141 -0.07 12.34 32.70
N SER B 142 -0.20 11.62 31.58
CA SER B 142 0.75 10.63 31.04
C SER B 142 1.31 11.16 29.70
N SER B 143 2.36 10.54 29.16
CA SER B 143 2.67 10.62 27.70
C SER B 143 1.51 10.00 26.89
N ASN B 144 0.87 8.97 27.43
CA ASN B 144 -0.16 8.17 26.73
C ASN B 144 -1.40 9.00 26.41
N ASP B 145 -1.71 10.04 27.19
CA ASP B 145 -2.84 10.97 26.85
C ASP B 145 -2.30 12.27 26.24
N THR B 146 -1.11 12.75 26.59
CA THR B 146 -0.64 14.06 26.07
C THR B 146 -0.19 13.90 24.61
N TYR B 147 0.50 12.81 24.24
CA TYR B 147 1.00 12.65 22.85
C TYR B 147 -0.20 12.57 21.89
N PRO B 148 -1.17 11.65 22.07
CA PRO B 148 -2.39 11.66 21.26
C PRO B 148 -3.09 13.02 21.25
N THR B 149 -3.06 13.77 22.34
CA THR B 149 -3.72 15.10 22.38
C THR B 149 -2.96 16.06 21.46
N ALA B 150 -1.64 16.04 21.51
CA ALA B 150 -0.75 16.87 20.67
C ALA B 150 -1.05 16.56 19.19
N MET B 151 -1.18 15.28 18.86
CA MET B 151 -1.42 14.73 17.49
C MET B 151 -2.71 15.32 16.94
N HIS B 152 -3.80 15.20 17.69
CA HIS B 152 -5.14 15.73 17.29
C HIS B 152 -5.09 17.25 17.21
N ILE B 153 -4.44 17.95 18.13
CA ILE B 153 -4.40 19.43 18.05
C ILE B 153 -3.68 19.80 16.75
N ALA B 154 -2.50 19.23 16.56
CA ALA B 154 -1.63 19.38 15.37
C ALA B 154 -2.42 19.05 14.10
N ALA B 155 -3.01 17.86 14.05
CA ALA B 155 -3.78 17.31 12.91
C ALA B 155 -4.99 18.23 12.66
N TYR B 156 -5.80 18.50 13.67
CA TYR B 156 -7.02 19.32 13.52
C TYR B 156 -6.61 20.70 13.01
N LYS B 157 -5.71 21.38 13.73
CA LYS B 157 -5.18 22.72 13.35
C LYS B 157 -4.76 22.70 11.88
N LYS B 158 -3.89 21.78 11.47
CA LYS B 158 -3.32 21.77 10.09
C LYS B 158 -4.44 21.65 9.04
N VAL B 159 -5.36 20.67 9.20
CA VAL B 159 -6.44 20.36 8.22
C VAL B 159 -7.37 21.58 8.05
N VAL B 160 -7.82 22.24 9.12
CA VAL B 160 -8.88 23.30 8.97
C VAL B 160 -8.26 24.68 8.68
N GLU B 161 -6.98 24.90 8.97
CA GLU B 161 -6.32 26.22 8.78
C GLU B 161 -5.47 26.20 7.51
N ALA B 162 -4.90 25.06 7.12
CA ALA B 162 -4.04 24.94 5.92
C ALA B 162 -4.74 24.13 4.80
N THR B 163 -4.99 22.83 5.01
CA THR B 163 -5.41 21.86 3.96
C THR B 163 -6.78 22.26 3.37
N ILE B 164 -7.83 22.38 4.19
CA ILE B 164 -9.21 22.68 3.70
C ILE B 164 -9.20 24.00 2.93
N PRO B 165 -8.74 25.16 3.48
CA PRO B 165 -8.66 26.41 2.73
C PRO B 165 -7.89 26.34 1.40
N ALA B 166 -6.78 25.60 1.34
CA ALA B 166 -5.99 25.38 0.11
C ALA B 166 -6.83 24.62 -0.93
N VAL B 167 -7.47 23.52 -0.52
CA VAL B 167 -8.30 22.67 -1.40
C VAL B 167 -9.51 23.50 -1.87
N GLU B 168 -10.16 24.26 -0.96
CA GLU B 168 -11.30 25.18 -1.27
C GLU B 168 -10.86 26.23 -2.28
N ARG B 169 -9.69 26.82 -2.08
CA ARG B 169 -9.19 27.87 -3.01
C ARG B 169 -9.08 27.26 -4.42
N LEU B 170 -8.52 26.05 -4.55
CA LEU B 170 -8.35 25.38 -5.88
C LEU B 170 -9.73 24.98 -6.45
N GLN B 171 -10.58 24.35 -5.66
CA GLN B 171 -11.98 24.01 -6.04
C GLN B 171 -12.65 25.24 -6.66
N LYS B 172 -12.54 26.40 -6.03
CA LYS B 172 -13.23 27.64 -6.50
C LYS B 172 -12.66 28.07 -7.86
N THR B 173 -11.37 27.90 -8.09
CA THR B 173 -10.78 28.25 -9.41
C THR B 173 -11.36 27.31 -10.46
N LEU B 174 -11.36 26.00 -10.22
CA LEU B 174 -11.89 24.97 -11.16
C LEU B 174 -13.39 25.23 -11.46
N ALA B 175 -14.17 25.67 -10.47
CA ALA B 175 -15.59 26.06 -10.67
C ALA B 175 -15.65 27.32 -11.55
N ALA B 176 -14.87 28.37 -11.24
CA ALA B 176 -14.84 29.61 -12.07
C ALA B 176 -14.41 29.23 -13.50
N LYS B 177 -13.47 28.29 -13.66
CA LYS B 177 -13.05 27.85 -15.00
C LYS B 177 -14.19 27.11 -15.71
N ALA B 178 -14.89 26.20 -15.03
CA ALA B 178 -16.06 25.47 -15.56
C ALA B 178 -17.07 26.47 -16.14
N ALA B 179 -17.34 27.59 -15.44
CA ALA B 179 -18.32 28.61 -15.90
C ALA B 179 -17.73 29.42 -17.05
N GLU B 180 -16.44 29.74 -17.00
CA GLU B 180 -15.75 30.55 -18.04
C GLU B 180 -15.77 29.79 -19.38
N PHE B 181 -15.73 28.45 -19.38
CA PHE B 181 -15.57 27.61 -20.61
C PHE B 181 -16.86 26.84 -20.92
N LYS B 182 -17.99 27.23 -20.33
CA LYS B 182 -19.31 26.56 -20.51
C LYS B 182 -19.68 26.47 -21.98
N ASP B 183 -19.26 27.44 -22.82
CA ASP B 183 -19.69 27.53 -24.24
C ASP B 183 -18.65 26.94 -25.20
N VAL B 184 -17.56 26.35 -24.72
CA VAL B 184 -16.46 25.84 -25.57
C VAL B 184 -16.62 24.32 -25.79
N VAL B 185 -17.11 23.94 -26.98
CA VAL B 185 -17.36 22.53 -27.37
C VAL B 185 -16.04 21.89 -27.80
N LYS B 186 -15.71 20.75 -27.22
CA LYS B 186 -14.47 20.02 -27.50
C LYS B 186 -14.83 18.55 -27.58
N ILE B 187 -13.88 17.74 -28.03
CA ILE B 187 -14.15 16.30 -28.25
C ILE B 187 -13.92 15.59 -26.92
N GLY B 188 -14.85 14.70 -26.56
CA GLY B 188 -14.64 13.75 -25.46
C GLY B 188 -13.53 12.78 -25.85
N ARG B 189 -12.83 12.22 -24.86
CA ARG B 189 -11.96 11.03 -25.09
C ARG B 189 -12.33 9.98 -24.06
N THR B 190 -12.57 8.75 -24.50
CA THR B 190 -12.80 7.58 -23.62
C THR B 190 -11.89 6.46 -24.07
N HIS B 191 -11.25 5.78 -23.13
CA HIS B 191 -10.19 4.77 -23.39
C HIS B 191 -9.05 5.40 -24.19
N LEU B 192 -8.97 6.75 -24.21
CA LEU B 192 -8.00 7.66 -24.92
C LEU B 192 -8.37 7.76 -26.41
N MET B 193 -9.58 7.34 -26.78
CA MET B 193 -10.06 7.27 -28.18
C MET B 193 -11.12 8.35 -28.37
N ASP B 194 -11.19 8.92 -29.58
CA ASP B 194 -12.21 9.90 -30.03
C ASP B 194 -13.62 9.46 -29.56
N ALA B 195 -14.35 10.36 -28.91
CA ALA B 195 -15.70 10.08 -28.35
C ALA B 195 -16.66 11.22 -28.74
N THR B 196 -17.71 11.50 -27.99
CA THR B 196 -18.73 12.52 -28.37
C THR B 196 -18.40 13.84 -27.71
N PRO B 197 -18.93 14.99 -28.20
CA PRO B 197 -18.56 16.29 -27.65
C PRO B 197 -19.01 16.47 -26.20
N LEU B 198 -18.27 17.30 -25.46
CA LEU B 198 -18.68 17.97 -24.20
C LEU B 198 -18.03 19.36 -24.20
N THR B 199 -18.50 20.27 -23.38
CA THR B 199 -17.87 21.61 -23.29
C THR B 199 -16.64 21.49 -22.39
N LEU B 200 -15.63 22.34 -22.60
CA LEU B 200 -14.45 22.38 -21.73
C LEU B 200 -14.91 22.76 -20.32
N GLY B 201 -16.00 23.54 -20.20
CA GLY B 201 -16.66 23.88 -18.94
C GLY B 201 -17.17 22.64 -18.20
N GLN B 202 -17.82 21.71 -18.90
CA GLN B 202 -18.40 20.49 -18.26
C GLN B 202 -17.26 19.64 -17.72
N GLU B 203 -16.12 19.59 -18.44
CA GLU B 203 -14.97 18.75 -18.07
C GLU B 203 -14.37 19.27 -16.75
N PHE B 204 -14.16 20.59 -16.65
CA PHE B 204 -13.69 21.34 -15.47
C PHE B 204 -14.71 21.24 -14.34
N SER B 205 -16.01 21.08 -14.64
CA SER B 205 -17.08 20.91 -13.61
C SER B 205 -16.89 19.55 -12.90
N GLY B 206 -16.44 18.54 -13.62
CA GLY B 206 -16.02 17.25 -13.02
C GLY B 206 -14.91 17.45 -12.00
N TYR B 207 -13.86 18.21 -12.36
CA TYR B 207 -12.68 18.51 -11.51
C TYR B 207 -13.15 19.22 -10.22
N ALA B 208 -13.96 20.28 -10.40
CA ALA B 208 -14.55 21.09 -9.31
C ALA B 208 -15.38 20.20 -8.40
N ALA B 209 -16.19 19.31 -8.98
CA ALA B 209 -17.05 18.38 -8.22
C ALA B 209 -16.16 17.43 -7.41
N GLN B 210 -15.10 16.86 -7.98
CA GLN B 210 -14.21 15.94 -7.24
C GLN B 210 -13.72 16.61 -5.95
N LEU B 211 -13.26 17.86 -6.03
CA LEU B 211 -12.71 18.58 -4.85
C LEU B 211 -13.83 18.91 -3.87
N SER B 212 -15.04 19.25 -4.33
CA SER B 212 -16.22 19.47 -3.46
C SER B 212 -16.54 18.19 -2.67
N PHE B 213 -16.61 17.03 -3.33
CA PHE B 213 -16.87 15.71 -2.67
C PHE B 213 -15.75 15.41 -1.68
N GLY B 214 -14.49 15.72 -2.05
CA GLY B 214 -13.30 15.49 -1.21
C GLY B 214 -13.33 16.35 0.06
N LEU B 215 -13.66 17.63 -0.10
CA LEU B 215 -13.83 18.58 1.04
C LEU B 215 -14.86 18.03 2.04
N THR B 216 -16.02 17.56 1.59
CA THR B 216 -17.11 16.97 2.43
C THR B 216 -16.61 15.71 3.15
N ALA B 217 -15.91 14.82 2.45
CA ALA B 217 -15.30 13.59 3.03
C ALA B 217 -14.31 13.96 4.15
N ILE B 218 -13.49 15.00 3.97
CA ILE B 218 -12.52 15.48 5.01
C ILE B 218 -13.29 15.99 6.25
N LYS B 219 -14.29 16.85 6.04
CA LYS B 219 -15.06 17.50 7.13
C LYS B 219 -15.85 16.43 7.90
N ASN B 220 -16.26 15.34 7.24
CA ASN B 220 -17.01 14.25 7.92
C ASN B 220 -16.12 13.58 8.99
N THR B 221 -14.79 13.67 8.87
CA THR B 221 -13.82 13.06 9.82
C THR B 221 -13.53 14.03 10.97
N LEU B 222 -13.90 15.31 10.90
CA LEU B 222 -13.48 16.31 11.93
C LEU B 222 -14.06 15.98 13.31
N PRO B 223 -15.36 15.62 13.44
CA PRO B 223 -15.92 15.25 14.75
C PRO B 223 -15.11 14.22 15.57
N HIS B 224 -14.61 13.17 14.92
CA HIS B 224 -13.75 12.14 15.59
C HIS B 224 -12.38 12.76 15.92
N LEU B 225 -11.79 13.54 15.00
CA LEU B 225 -10.45 14.19 15.16
C LEU B 225 -10.44 15.21 16.32
N ARG B 226 -11.52 15.93 16.60
CA ARG B 226 -11.51 16.99 17.65
C ARG B 226 -11.64 16.41 19.07
N GLN B 227 -11.82 15.10 19.22
CA GLN B 227 -11.80 14.41 20.53
C GLN B 227 -10.36 14.28 21.02
N LEU B 228 -10.09 14.70 22.27
CA LEU B 228 -8.76 14.71 22.90
C LEU B 228 -8.68 13.60 23.95
N ALA B 229 -7.56 12.90 24.01
CA ALA B 229 -7.29 11.80 24.97
C ALA B 229 -7.06 12.37 26.37
N LEU B 230 -6.71 13.65 26.51
CA LEU B 230 -6.23 14.26 27.78
C LEU B 230 -7.21 13.97 28.91
N GLY B 231 -6.72 13.39 30.02
CA GLY B 231 -7.57 12.88 31.12
C GLY B 231 -7.56 11.36 31.23
N GLY B 232 -7.22 10.63 30.17
CA GLY B 232 -7.09 9.16 30.19
C GLY B 232 -5.92 8.70 31.05
N THR B 233 -4.88 9.53 31.12
CA THR B 233 -3.55 9.28 31.74
C THR B 233 -2.98 7.93 31.27
N ALA B 234 -2.51 7.09 32.19
CA ALA B 234 -1.61 5.94 31.89
C ALA B 234 -2.29 4.91 30.97
N VAL B 235 -3.52 4.48 31.29
CA VAL B 235 -4.21 3.34 30.58
C VAL B 235 -5.63 3.74 30.16
N GLY B 236 -6.11 4.92 30.53
CA GLY B 236 -7.41 5.45 30.08
C GLY B 236 -8.37 5.68 31.22
N THR B 237 -8.00 5.25 32.43
CA THR B 237 -8.86 5.24 33.64
C THR B 237 -8.94 6.64 34.28
N GLY B 238 -8.09 7.59 33.87
CA GLY B 238 -8.01 8.92 34.50
C GLY B 238 -7.37 8.84 35.88
N LEU B 239 -6.67 7.75 36.17
CA LEU B 239 -5.83 7.60 37.38
C LEU B 239 -4.99 8.88 37.55
N ASN B 240 -4.96 9.43 38.76
CA ASN B 240 -4.19 10.64 39.19
C ASN B 240 -4.67 11.91 38.49
N THR B 241 -5.95 11.98 38.10
CA THR B 241 -6.65 13.23 37.67
C THR B 241 -7.65 13.64 38.74
N PRO B 242 -7.85 14.95 38.99
CA PRO B 242 -8.97 15.42 39.80
C PRO B 242 -10.29 15.33 39.02
N LYS B 243 -11.40 15.24 39.75
CA LYS B 243 -12.76 15.10 39.18
C LYS B 243 -13.01 16.33 38.32
N GLY B 244 -13.55 16.14 37.11
CA GLY B 244 -13.85 17.18 36.11
C GLY B 244 -12.63 17.62 35.27
N TYR B 245 -11.45 17.04 35.47
CA TYR B 245 -10.20 17.50 34.79
C TYR B 245 -10.33 17.33 33.27
N ASP B 246 -10.82 16.16 32.80
CA ASP B 246 -10.95 15.83 31.35
C ASP B 246 -11.74 16.93 30.64
N VAL B 247 -12.87 17.36 31.22
CA VAL B 247 -13.81 18.33 30.59
C VAL B 247 -13.15 19.71 30.64
N LYS B 248 -12.54 20.03 31.78
CA LYS B 248 -12.04 21.40 32.06
C LYS B 248 -10.79 21.68 31.21
N VAL B 249 -9.89 20.70 31.10
CA VAL B 249 -8.64 20.83 30.31
C VAL B 249 -9.00 20.91 28.83
N ALA B 250 -10.06 20.20 28.39
CA ALA B 250 -10.59 20.29 27.02
C ALA B 250 -11.08 21.73 26.76
N GLU B 251 -11.75 22.37 27.74
CA GLU B 251 -12.27 23.76 27.58
C GLU B 251 -11.08 24.72 27.43
N TYR B 252 -10.01 24.52 28.20
CA TYR B 252 -8.81 25.38 28.15
C TYR B 252 -8.14 25.22 26.78
N ILE B 253 -8.10 24.01 26.26
CA ILE B 253 -7.46 23.74 24.93
C ILE B 253 -8.29 24.43 23.84
N ALA B 254 -9.60 24.22 23.83
CA ALA B 254 -10.55 24.96 22.97
C ALA B 254 -10.31 26.47 23.11
N LYS B 255 -10.13 26.97 24.34
CA LYS B 255 -10.00 28.43 24.57
C LYS B 255 -8.68 28.94 23.95
N PHE B 256 -7.56 28.32 24.27
CA PHE B 256 -6.20 28.81 23.89
C PHE B 256 -6.00 28.63 22.38
N THR B 257 -6.52 27.55 21.76
CA THR B 257 -6.38 27.28 20.30
C THR B 257 -7.43 28.04 19.48
N GLY B 258 -8.63 28.24 20.04
CA GLY B 258 -9.77 28.86 19.33
C GLY B 258 -10.49 27.87 18.45
N LEU B 259 -10.32 26.56 18.72
CA LEU B 259 -10.89 25.45 17.91
C LEU B 259 -11.74 24.56 18.80
N PRO B 260 -12.85 23.98 18.29
CA PRO B 260 -13.83 23.30 19.15
C PRO B 260 -13.39 21.87 19.50
N PHE B 261 -12.29 21.71 20.23
CA PHE B 261 -11.85 20.42 20.82
C PHE B 261 -12.78 20.06 21.99
N ILE B 262 -13.01 18.76 22.19
CA ILE B 262 -13.81 18.21 23.31
C ILE B 262 -13.07 16.99 23.86
N THR B 263 -13.37 16.57 25.08
CA THR B 263 -12.74 15.38 25.71
C THR B 263 -13.28 14.16 24.96
N ALA B 264 -12.44 13.17 24.73
CA ALA B 264 -12.81 11.97 23.95
C ALA B 264 -13.90 11.23 24.72
N GLU B 265 -14.84 10.63 24.01
CA GLU B 265 -15.96 9.83 24.61
C GLU B 265 -15.39 8.55 25.24
N ASN B 266 -14.36 7.95 24.64
CA ASN B 266 -13.81 6.69 25.19
C ASN B 266 -12.28 6.81 25.19
N LYS B 267 -11.72 7.06 26.37
CA LYS B 267 -10.26 7.29 26.59
C LYS B 267 -9.47 6.03 26.23
N PHE B 268 -10.06 4.83 26.31
CA PHE B 268 -9.37 3.54 25.97
C PHE B 268 -9.09 3.50 24.45
N GLU B 269 -10.08 3.86 23.64
CA GLU B 269 -9.98 4.05 22.15
C GLU B 269 -8.97 5.18 21.84
N ALA B 270 -8.91 6.25 22.65
CA ALA B 270 -8.07 7.45 22.39
C ALA B 270 -6.58 7.14 22.67
N LEU B 271 -6.30 6.06 23.40
CA LEU B 271 -4.91 5.61 23.74
C LEU B 271 -4.48 4.39 22.93
N ALA B 272 -5.35 3.39 22.88
CA ALA B 272 -5.06 2.04 22.32
C ALA B 272 -5.07 2.07 20.78
N THR B 273 -5.55 3.14 20.15
CA THR B 273 -5.70 3.31 18.69
C THR B 273 -5.33 4.74 18.25
N HIS B 274 -5.16 4.94 16.95
CA HIS B 274 -5.20 6.28 16.29
C HIS B 274 -6.15 6.20 15.08
N ASP B 275 -7.29 5.54 15.32
CA ASP B 275 -8.41 5.36 14.38
C ASP B 275 -8.82 6.71 13.81
N ALA B 276 -8.88 7.78 14.60
CA ALA B 276 -9.24 9.13 14.11
C ALA B 276 -8.19 9.61 13.09
N ILE B 277 -6.92 9.29 13.28
CA ILE B 277 -5.87 9.66 12.30
C ILE B 277 -6.05 8.82 11.03
N VAL B 278 -6.44 7.56 11.18
CA VAL B 278 -6.71 6.64 10.03
C VAL B 278 -7.88 7.22 9.23
N GLU B 279 -8.95 7.54 9.95
CA GLU B 279 -10.21 8.12 9.39
C GLU B 279 -9.85 9.37 8.58
N THR B 280 -9.25 10.39 9.19
CA THR B 280 -8.99 11.66 8.48
C THR B 280 -8.00 11.46 7.32
N HIS B 281 -6.90 10.73 7.50
CA HIS B 281 -5.91 10.50 6.41
C HIS B 281 -6.56 9.78 5.22
N GLY B 282 -7.41 8.77 5.46
CA GLY B 282 -8.25 8.18 4.41
C GLY B 282 -8.85 9.25 3.53
N ALA B 283 -9.51 10.24 4.14
CA ALA B 283 -10.14 11.37 3.43
C ALA B 283 -9.06 12.20 2.70
N LEU B 284 -7.92 12.44 3.32
CA LEU B 284 -6.81 13.18 2.64
C LEU B 284 -6.36 12.38 1.42
N LYS B 285 -6.30 11.05 1.51
CA LYS B 285 -5.76 10.19 0.42
C LYS B 285 -6.79 10.15 -0.72
N GLN B 286 -8.08 10.07 -0.40
CA GLN B 286 -9.19 10.32 -1.38
C GLN B 286 -8.82 11.59 -2.18
N VAL B 287 -8.64 12.73 -1.52
CA VAL B 287 -8.44 14.02 -2.24
C VAL B 287 -7.17 13.97 -3.10
N ALA B 288 -6.09 13.37 -2.61
CA ALA B 288 -4.83 13.19 -3.36
C ALA B 288 -5.08 12.42 -4.67
N MET B 289 -5.80 11.31 -4.63
CA MET B 289 -6.04 10.47 -5.82
C MET B 289 -6.86 11.30 -6.82
N SER B 290 -7.84 12.06 -6.34
CA SER B 290 -8.61 13.05 -7.15
C SER B 290 -7.65 14.10 -7.76
N LEU B 291 -6.71 14.63 -6.99
CA LEU B 291 -5.82 15.72 -7.46
C LEU B 291 -4.88 15.14 -8.52
N PHE B 292 -4.45 13.89 -8.33
CA PHE B 292 -3.57 13.16 -9.28
C PHE B 292 -4.25 13.15 -10.65
N LYS B 293 -5.51 12.71 -10.66
CA LYS B 293 -6.32 12.60 -11.89
C LYS B 293 -6.49 13.98 -12.51
N ILE B 294 -6.80 15.01 -11.73
CA ILE B 294 -7.02 16.41 -12.23
C ILE B 294 -5.71 16.94 -12.85
N ALA B 295 -4.61 16.84 -12.13
CA ALA B 295 -3.27 17.32 -12.56
C ALA B 295 -2.83 16.61 -13.85
N ASN B 296 -3.04 15.28 -13.93
CA ASN B 296 -2.67 14.45 -15.10
C ASN B 296 -3.52 14.90 -16.30
N ASP B 297 -4.83 15.09 -16.12
CA ASP B 297 -5.68 15.57 -17.22
C ASP B 297 -5.13 16.90 -17.74
N ILE B 298 -4.77 17.82 -16.85
CA ILE B 298 -4.38 19.20 -17.29
C ILE B 298 -3.10 19.08 -18.10
N ARG B 299 -2.18 18.20 -17.70
CA ARG B 299 -0.88 18.07 -18.41
C ARG B 299 -1.08 17.35 -19.74
N LEU B 300 -2.00 16.38 -19.82
CA LEU B 300 -2.38 15.75 -21.11
C LEU B 300 -2.99 16.81 -22.04
N LEU B 301 -3.97 17.56 -21.57
CA LEU B 301 -4.69 18.61 -22.36
C LEU B 301 -3.69 19.68 -22.81
N ALA B 302 -2.68 20.01 -22.03
CA ALA B 302 -1.71 21.09 -22.36
C ALA B 302 -0.57 20.56 -23.24
N SER B 303 -0.52 19.25 -23.52
CA SER B 303 0.69 18.57 -24.10
C SER B 303 0.91 19.01 -25.56
N GLY B 304 2.15 18.95 -26.02
CA GLY B 304 2.57 19.42 -27.34
C GLY B 304 3.77 20.37 -27.25
N PRO B 305 3.70 21.61 -27.75
CA PRO B 305 2.46 22.23 -28.22
C PRO B 305 2.06 21.91 -29.67
N ARG B 306 2.79 21.04 -30.38
CA ARG B 306 2.57 20.82 -31.84
C ARG B 306 2.41 19.32 -32.15
N SER B 307 2.78 18.40 -31.27
CA SER B 307 2.66 16.96 -31.60
C SER B 307 2.12 16.15 -30.41
N GLY B 308 1.22 16.80 -29.65
CA GLY B 308 0.40 16.19 -28.59
C GLY B 308 -1.06 16.59 -28.73
N ILE B 309 -1.79 16.78 -27.62
CA ILE B 309 -3.23 17.20 -27.59
C ILE B 309 -3.28 18.73 -27.78
N GLY B 310 -2.75 19.52 -26.86
CA GLY B 310 -2.60 20.99 -27.04
C GLY B 310 -3.94 21.73 -27.03
N GLU B 311 -4.97 21.20 -26.37
CA GLU B 311 -6.33 21.82 -26.38
C GLU B 311 -6.36 23.04 -25.43
N ILE B 312 -5.55 23.04 -24.37
CA ILE B 312 -5.54 24.14 -23.35
C ILE B 312 -4.13 24.74 -23.31
N LEU B 313 -4.05 25.99 -22.85
CA LEU B 313 -2.77 26.72 -22.64
C LEU B 313 -2.64 26.93 -21.13
N ILE B 314 -1.47 26.59 -20.59
CA ILE B 314 -1.18 26.77 -19.13
C ILE B 314 -0.11 27.85 -19.04
N PRO B 315 -0.02 28.57 -17.91
CA PRO B 315 1.05 29.55 -17.71
C PRO B 315 2.44 28.92 -17.84
N GLU B 316 3.37 29.70 -18.38
CA GLU B 316 4.78 29.29 -18.62
C GLU B 316 5.66 30.01 -17.59
N ASN B 317 6.11 29.27 -16.56
CA ASN B 317 6.73 29.83 -15.32
C ASN B 317 8.26 29.71 -15.35
N GLU B 318 8.83 28.80 -16.14
CA GLU B 318 10.30 28.58 -16.11
C GLU B 318 10.75 27.81 -17.36
N PRO B 319 12.04 27.92 -17.79
CA PRO B 319 12.54 27.08 -18.86
C PRO B 319 12.39 25.62 -18.41
N GLY B 320 11.94 24.76 -19.31
CA GLY B 320 11.55 23.38 -18.94
C GLY B 320 12.73 22.43 -18.99
N CYS B 321 13.80 22.78 -19.70
CA CYS B 321 14.79 21.76 -20.13
C CYS B 321 16.19 22.35 -20.35
N SER B 322 17.20 21.66 -19.81
CA SER B 322 18.63 22.03 -19.77
C SER B 322 19.29 21.84 -21.14
N ILE B 323 18.73 20.97 -21.99
CA ILE B 323 19.28 20.64 -23.34
C ILE B 323 18.33 21.06 -24.48
N MET B 324 17.02 20.89 -24.34
CA MET B 324 16.01 21.24 -25.38
C MET B 324 15.57 22.69 -25.18
N PRO B 325 16.10 23.65 -25.97
CA PRO B 325 15.93 25.08 -25.70
C PRO B 325 14.57 25.62 -26.11
N GLY B 326 13.94 26.35 -25.19
CA GLY B 326 12.61 26.91 -25.35
C GLY B 326 11.54 25.92 -24.94
N LYS B 327 11.89 24.69 -24.55
CA LYS B 327 10.88 23.70 -24.07
C LYS B 327 10.26 24.25 -22.77
N VAL B 328 8.97 24.02 -22.54
CA VAL B 328 8.26 24.40 -21.28
C VAL B 328 7.38 23.24 -20.85
N ASN B 329 7.54 22.79 -19.62
CA ASN B 329 6.87 21.57 -19.13
C ASN B 329 5.79 22.01 -18.15
N PRO B 330 4.79 21.13 -17.91
CA PRO B 330 3.73 21.36 -16.95
C PRO B 330 4.21 20.98 -15.54
N THR B 331 5.10 21.81 -14.98
CA THR B 331 5.90 21.47 -13.77
C THR B 331 5.03 21.43 -12.52
N GLN B 332 4.00 22.29 -12.42
CA GLN B 332 3.07 22.31 -11.24
C GLN B 332 2.22 21.03 -11.22
N CYS B 333 1.73 20.56 -12.36
CA CYS B 333 1.04 19.26 -12.50
C CYS B 333 1.93 18.15 -11.94
N GLU B 334 3.23 18.23 -12.21
CA GLU B 334 4.22 17.20 -11.80
C GLU B 334 4.35 17.21 -10.28
N ALA B 335 4.50 18.40 -9.70
CA ALA B 335 4.64 18.55 -8.23
C ALA B 335 3.43 17.90 -7.56
N MET B 336 2.22 18.22 -8.04
CA MET B 336 0.95 17.68 -7.52
C MET B 336 0.86 16.15 -7.69
N THR B 337 1.24 15.57 -8.83
CA THR B 337 1.20 14.10 -9.01
C THR B 337 2.20 13.43 -8.06
N MET B 338 3.33 14.06 -7.80
CA MET B 338 4.35 13.45 -6.89
C MET B 338 3.85 13.51 -5.44
N VAL B 339 3.24 14.61 -5.03
CA VAL B 339 2.71 14.76 -3.66
C VAL B 339 1.68 13.65 -3.46
N ALA B 340 0.79 13.46 -4.44
CA ALA B 340 -0.28 12.45 -4.44
C ALA B 340 0.32 11.05 -4.26
N ALA B 341 1.42 10.75 -4.95
CA ALA B 341 2.14 9.46 -4.81
C ALA B 341 2.66 9.35 -3.38
N GLN B 342 3.21 10.45 -2.83
CA GLN B 342 3.66 10.54 -1.43
C GLN B 342 2.49 10.21 -0.49
N VAL B 343 1.32 10.82 -0.68
CA VAL B 343 0.19 10.68 0.28
C VAL B 343 -0.32 9.23 0.29
N LEU B 344 -0.40 8.60 -0.88
CA LEU B 344 -0.86 7.19 -0.96
C LEU B 344 0.08 6.34 -0.09
N GLY B 345 1.38 6.60 -0.17
CA GLY B 345 2.37 5.82 0.62
C GLY B 345 2.14 6.10 2.08
N ASN B 346 1.91 7.37 2.43
CA ASN B 346 1.67 7.83 3.83
C ASN B 346 0.48 7.05 4.36
N ASP B 347 -0.50 6.77 3.50
CA ASP B 347 -1.77 6.10 3.90
C ASP B 347 -1.48 4.64 4.25
N THR B 348 -0.59 3.99 3.50
CA THR B 348 -0.15 2.61 3.81
C THR B 348 0.47 2.57 5.21
N THR B 349 1.49 3.40 5.44
CA THR B 349 2.23 3.50 6.73
C THR B 349 1.19 3.68 7.85
N ILE B 350 0.28 4.64 7.69
CA ILE B 350 -0.68 5.05 8.75
C ILE B 350 -1.63 3.89 8.99
N SER B 351 -2.07 3.21 7.94
CA SER B 351 -3.05 2.11 8.02
C SER B 351 -2.38 0.95 8.77
N PHE B 352 -1.15 0.61 8.40
CA PHE B 352 -0.35 -0.47 9.02
C PHE B 352 -0.20 -0.17 10.51
N ALA B 353 0.34 1.00 10.86
CA ALA B 353 0.63 1.38 12.27
C ALA B 353 -0.67 1.45 13.07
N GLY B 354 -1.77 1.86 12.44
CA GLY B 354 -3.09 1.99 13.09
C GLY B 354 -3.62 0.63 13.56
N SER B 355 -3.21 -0.46 12.90
CA SER B 355 -3.63 -1.86 13.14
C SER B 355 -2.85 -2.47 14.31
N GLN B 356 -1.72 -1.85 14.70
CA GLN B 356 -0.64 -2.52 15.49
C GLN B 356 -0.62 -2.08 16.95
N GLY B 357 -1.71 -1.47 17.44
CA GLY B 357 -1.98 -1.31 18.87
C GLY B 357 -1.93 -2.65 19.61
N HIS B 358 -1.41 -2.63 20.84
CA HIS B 358 -1.41 -3.75 21.82
C HIS B 358 -2.05 -3.29 23.14
N PHE B 359 -3.10 -3.98 23.56
CA PHE B 359 -3.74 -3.74 24.87
C PHE B 359 -4.10 -2.23 24.97
N GLU B 360 -3.58 -1.51 25.97
CA GLU B 360 -4.09 -0.18 26.38
C GLU B 360 -3.35 0.93 25.61
N LEU B 361 -2.39 0.61 24.77
CA LEU B 361 -1.60 1.66 24.08
C LEU B 361 -1.17 1.25 22.67
N ASN B 362 -1.45 2.12 21.72
CA ASN B 362 -0.81 2.09 20.38
C ASN B 362 0.51 2.85 20.49
N VAL B 363 1.61 2.16 20.18
CA VAL B 363 2.99 2.73 20.30
C VAL B 363 3.60 2.81 18.90
N PHE B 364 2.84 3.35 17.95
CA PHE B 364 3.35 3.91 16.67
C PHE B 364 2.98 5.40 16.54
N LYS B 365 2.89 6.13 17.65
CA LYS B 365 2.26 7.48 17.65
C LYS B 365 3.10 8.43 16.81
N PRO B 366 4.42 8.52 17.00
CA PRO B 366 5.21 9.50 16.26
C PRO B 366 5.15 9.33 14.73
N VAL B 367 5.19 8.09 14.25
CA VAL B 367 5.31 7.80 12.80
C VAL B 367 3.97 8.14 12.15
N MET B 368 2.89 7.92 12.89
CA MET B 368 1.52 8.26 12.44
C MET B 368 1.38 9.79 12.45
N ALA B 369 1.83 10.47 13.50
CA ALA B 369 1.89 11.95 13.57
C ALA B 369 2.62 12.53 12.36
N ALA B 370 3.83 12.06 12.10
CA ALA B 370 4.73 12.62 11.08
C ALA B 370 4.12 12.42 9.69
N ASN B 371 3.64 11.21 9.39
CA ASN B 371 3.04 10.90 8.06
C ASN B 371 1.74 11.71 7.90
N PHE B 372 0.92 11.83 8.94
CA PHE B 372 -0.32 12.63 8.87
C PHE B 372 0.03 14.07 8.46
N LEU B 373 0.90 14.69 9.24
CA LEU B 373 1.23 16.13 9.12
C LEU B 373 1.89 16.38 7.77
N GLN B 374 2.76 15.49 7.29
CA GLN B 374 3.34 15.60 5.92
C GLN B 374 2.22 15.70 4.87
N SER B 375 1.27 14.74 4.86
CA SER B 375 0.17 14.69 3.87
C SER B 375 -0.60 16.02 3.92
N ALA B 376 -1.08 16.41 5.11
CA ALA B 376 -1.90 17.63 5.31
C ALA B 376 -1.14 18.87 4.80
N GLN B 377 0.17 18.95 5.07
CA GLN B 377 0.99 20.14 4.73
C GLN B 377 1.25 20.16 3.22
N LEU B 378 1.76 19.06 2.66
CA LEU B 378 2.05 18.95 1.19
C LEU B 378 0.77 19.19 0.38
N ILE B 379 -0.39 18.65 0.78
CA ILE B 379 -1.65 18.83 0.01
C ILE B 379 -2.00 20.32 0.00
N ALA B 380 -1.89 21.01 1.13
CA ALA B 380 -2.13 22.48 1.25
C ALA B 380 -1.20 23.23 0.30
N ASP B 381 0.09 22.96 0.41
CA ASP B 381 1.17 23.75 -0.25
C ASP B 381 1.04 23.58 -1.76
N VAL B 382 0.77 22.36 -2.24
CA VAL B 382 0.78 22.08 -3.71
C VAL B 382 -0.54 22.58 -4.33
N CYS B 383 -1.65 22.55 -3.60
CA CYS B 383 -2.96 23.08 -4.04
C CYS B 383 -2.85 24.60 -4.22
N ILE B 384 -2.19 25.30 -3.30
CA ILE B 384 -1.96 26.79 -3.37
C ILE B 384 -1.08 27.05 -4.59
N SER B 385 0.00 26.26 -4.74
CA SER B 385 1.03 26.41 -5.79
C SER B 385 0.41 26.19 -7.16
N PHE B 386 -0.28 25.06 -7.31
CA PHE B 386 -0.98 24.67 -8.54
C PHE B 386 -2.02 25.75 -8.87
N ASP B 387 -2.79 26.20 -7.87
CA ASP B 387 -3.80 27.28 -8.08
C ASP B 387 -3.13 28.56 -8.62
N GLU B 388 -2.10 29.05 -7.95
CA GLU B 388 -1.43 30.34 -8.25
C GLU B 388 -0.69 30.27 -9.60
N HIS B 389 -0.02 29.15 -9.90
CA HIS B 389 0.97 29.09 -10.99
C HIS B 389 0.46 28.25 -12.16
N CYS B 390 -0.69 27.60 -12.03
CA CYS B 390 -1.25 26.74 -13.11
C CYS B 390 -2.74 27.04 -13.34
N ALA B 391 -3.63 26.59 -12.46
CA ALA B 391 -5.08 26.56 -12.72
C ALA B 391 -5.66 27.96 -12.96
N THR B 392 -5.28 29.02 -12.24
CA THR B 392 -5.91 30.36 -12.44
C THR B 392 -5.60 30.89 -13.83
N GLY B 393 -4.60 30.33 -14.52
CA GLY B 393 -4.18 30.82 -15.85
C GLY B 393 -4.63 29.94 -16.99
N ILE B 394 -5.32 28.82 -16.75
CA ILE B 394 -5.72 27.90 -17.86
C ILE B 394 -6.65 28.66 -18.82
N GLN B 395 -6.37 28.54 -20.12
CA GLN B 395 -7.17 29.14 -21.23
C GLN B 395 -7.32 28.11 -22.34
N PRO B 396 -8.42 28.18 -23.12
CA PRO B 396 -8.58 27.32 -24.28
C PRO B 396 -7.63 27.69 -25.42
N ASN B 397 -7.12 26.67 -26.11
CA ASN B 397 -6.51 26.80 -27.46
C ASN B 397 -7.62 26.54 -28.48
N THR B 398 -8.47 27.55 -28.73
CA THR B 398 -9.76 27.46 -29.48
C THR B 398 -9.57 26.80 -30.84
N PRO B 399 -8.68 27.32 -31.72
CA PRO B 399 -8.51 26.74 -33.06
C PRO B 399 -8.18 25.24 -32.95
N ARG B 400 -7.30 24.87 -32.01
CA ARG B 400 -6.83 23.47 -31.83
C ARG B 400 -7.99 22.59 -31.34
N ILE B 401 -8.79 23.06 -30.39
CA ILE B 401 -10.02 22.34 -29.94
C ILE B 401 -10.91 22.02 -31.15
N GLN B 402 -11.27 23.02 -31.95
CA GLN B 402 -12.16 22.88 -33.14
C GLN B 402 -11.54 21.88 -34.13
N HIS B 403 -10.25 22.03 -34.41
CA HIS B 403 -9.44 21.12 -35.27
C HIS B 403 -9.69 19.66 -34.85
N LEU B 404 -9.58 19.32 -33.56
CA LEU B 404 -9.60 17.91 -33.08
C LEU B 404 -11.04 17.39 -33.00
N LEU B 405 -12.00 18.29 -32.82
CA LEU B 405 -13.44 18.00 -32.65
C LEU B 405 -14.12 17.75 -34.01
N ASP B 406 -14.00 18.70 -34.95
CA ASP B 406 -14.79 18.75 -36.21
C ASP B 406 -14.54 17.46 -36.98
N SER B 407 -13.29 16.99 -36.86
CA SER B 407 -12.71 15.68 -37.28
C SER B 407 -13.58 14.49 -36.84
N SER B 408 -13.62 14.25 -35.52
CA SER B 408 -14.21 13.10 -34.79
C SER B 408 -15.22 12.36 -35.66
N LEU B 409 -15.01 11.07 -35.85
CA LEU B 409 -16.03 10.15 -36.46
C LEU B 409 -17.14 9.78 -35.47
N MET B 410 -16.94 9.89 -34.15
CA MET B 410 -17.97 9.40 -33.19
C MET B 410 -19.08 10.46 -32.98
N LEU B 411 -19.02 11.60 -33.64
CA LEU B 411 -20.20 12.49 -33.84
C LEU B 411 -21.35 11.67 -34.44
N VAL B 412 -21.04 10.53 -35.07
CA VAL B 412 -22.04 9.62 -35.71
C VAL B 412 -23.05 9.14 -34.66
N THR B 413 -22.66 9.11 -33.38
CA THR B 413 -23.52 8.74 -32.23
C THR B 413 -24.85 9.52 -32.26
N ALA B 414 -24.88 10.74 -32.80
CA ALA B 414 -26.12 11.55 -32.91
C ALA B 414 -27.16 10.87 -33.81
N LEU B 415 -26.78 9.87 -34.62
CA LEU B 415 -27.71 9.23 -35.59
C LEU B 415 -28.42 8.00 -34.97
N ASN B 416 -28.03 7.51 -33.77
CA ASN B 416 -28.50 6.23 -33.19
C ASN B 416 -30.03 6.16 -33.17
N THR B 417 -30.69 7.20 -32.63
CA THR B 417 -32.16 7.22 -32.39
C THR B 417 -32.92 7.40 -33.71
N HIS B 418 -32.24 7.74 -34.81
CA HIS B 418 -32.83 8.02 -36.14
C HIS B 418 -32.71 6.80 -37.04
N ILE B 419 -31.56 6.11 -37.04
CA ILE B 419 -31.29 4.99 -38.00
C ILE B 419 -30.87 3.70 -37.28
N GLY B 420 -30.56 3.75 -35.98
CA GLY B 420 -30.08 2.57 -35.21
C GLY B 420 -28.57 2.44 -35.26
N TYR B 421 -28.01 1.72 -34.29
CA TYR B 421 -26.56 1.54 -34.03
C TYR B 421 -25.87 0.94 -35.27
N GLU B 422 -26.46 -0.10 -35.87
CA GLU B 422 -25.82 -0.89 -36.95
C GLU B 422 -25.58 0.03 -38.16
N ASN B 423 -26.57 0.85 -38.53
CA ASN B 423 -26.48 1.79 -39.69
C ASN B 423 -25.44 2.89 -39.37
N ALA B 424 -25.53 3.49 -38.18
CA ALA B 424 -24.54 4.49 -37.71
C ALA B 424 -23.13 3.88 -37.77
N ALA B 425 -22.93 2.60 -37.42
CA ALA B 425 -21.59 1.96 -37.45
C ALA B 425 -21.10 1.80 -38.89
N LYS B 426 -21.95 1.34 -39.81
CA LYS B 426 -21.64 1.37 -41.26
C LYS B 426 -21.08 2.75 -41.66
N ILE B 427 -21.73 3.84 -41.28
CA ILE B 427 -21.32 5.19 -41.76
C ILE B 427 -19.91 5.47 -41.24
N ALA B 428 -19.69 5.25 -39.95
CA ALA B 428 -18.42 5.52 -39.25
C ALA B 428 -17.31 4.64 -39.84
N LYS B 429 -17.53 3.35 -40.02
CA LYS B 429 -16.47 2.43 -40.52
C LYS B 429 -16.11 2.77 -41.98
N THR B 430 -17.07 3.18 -42.81
CA THR B 430 -16.87 3.51 -44.26
C THR B 430 -16.11 4.83 -44.37
N ALA B 431 -16.44 5.85 -43.57
CA ALA B 431 -15.73 7.15 -43.52
C ALA B 431 -14.30 6.89 -43.10
N HIS B 432 -14.12 5.95 -42.17
CA HIS B 432 -12.81 5.59 -41.57
C HIS B 432 -11.97 4.94 -42.67
N LYS B 433 -12.49 3.91 -43.34
CA LYS B 433 -11.78 3.21 -44.44
C LYS B 433 -11.48 4.18 -45.60
N ASN B 434 -12.41 5.06 -45.97
CA ASN B 434 -12.28 5.94 -47.17
C ASN B 434 -11.60 7.26 -46.82
N GLY B 435 -11.47 7.61 -45.54
CA GLY B 435 -10.88 8.90 -45.12
C GLY B 435 -11.75 10.05 -45.57
N THR B 436 -13.07 9.86 -45.50
CA THR B 436 -14.13 10.82 -45.92
C THR B 436 -14.91 11.24 -44.68
N THR B 437 -15.76 12.25 -44.78
CA THR B 437 -16.64 12.74 -43.69
C THR B 437 -17.76 11.74 -43.41
N LEU B 438 -18.39 11.84 -42.25
CA LEU B 438 -19.63 11.10 -41.87
C LEU B 438 -20.75 11.43 -42.86
N ARG B 439 -20.87 12.72 -43.21
CA ARG B 439 -21.95 13.28 -44.06
C ARG B 439 -21.90 12.66 -45.47
N GLU B 440 -20.72 12.70 -46.10
CA GLU B 440 -20.50 12.09 -47.44
C GLU B 440 -21.02 10.66 -47.42
N GLU B 441 -20.60 9.86 -46.44
CA GLU B 441 -20.88 8.39 -46.39
C GLU B 441 -22.33 8.14 -46.00
N ALA B 442 -22.90 8.97 -45.11
CA ALA B 442 -24.30 8.86 -44.67
C ALA B 442 -25.21 8.97 -45.90
N ILE B 443 -24.86 9.90 -46.80
CA ILE B 443 -25.62 10.21 -48.05
C ILE B 443 -25.35 9.07 -49.04
N ASN B 444 -24.07 8.79 -49.30
CA ASN B 444 -23.54 7.81 -50.29
C ASN B 444 -24.01 6.37 -49.98
N LEU B 445 -24.24 6.00 -48.72
CA LEU B 445 -24.79 4.66 -48.35
C LEU B 445 -26.32 4.70 -48.39
N GLY B 446 -26.89 5.88 -48.63
CA GLY B 446 -28.34 6.04 -48.84
C GLY B 446 -29.08 5.82 -47.54
N LEU B 447 -28.43 6.11 -46.41
CA LEU B 447 -28.95 5.82 -45.06
C LEU B 447 -29.54 7.10 -44.47
N VAL B 448 -29.04 8.27 -44.88
CA VAL B 448 -29.55 9.58 -44.34
C VAL B 448 -29.50 10.62 -45.43
N SER B 449 -30.54 11.44 -45.53
CA SER B 449 -30.61 12.59 -46.47
C SER B 449 -29.71 13.69 -45.94
N ALA B 450 -29.29 14.59 -46.83
CA ALA B 450 -28.49 15.78 -46.50
C ALA B 450 -29.24 16.59 -45.44
N GLU B 451 -30.52 16.90 -45.69
CA GLU B 451 -31.37 17.69 -44.76
C GLU B 451 -31.37 17.03 -43.37
N ASP B 452 -31.68 15.74 -43.30
CA ASP B 452 -31.83 15.03 -42.00
C ASP B 452 -30.48 14.98 -41.28
N PHE B 453 -29.39 14.77 -42.02
CA PHE B 453 -28.04 14.69 -41.39
C PHE B 453 -27.73 16.02 -40.67
N ASP B 454 -27.67 17.12 -41.43
CA ASP B 454 -27.38 18.46 -40.87
C ASP B 454 -28.32 18.75 -39.68
N LYS B 455 -29.57 18.30 -39.73
CA LYS B 455 -30.56 18.52 -38.63
C LYS B 455 -30.20 17.70 -37.38
N TRP B 456 -29.80 16.43 -37.55
CA TRP B 456 -29.62 15.45 -36.43
C TRP B 456 -28.20 15.47 -35.87
N VAL B 457 -27.20 15.88 -36.65
CA VAL B 457 -25.77 15.84 -36.23
C VAL B 457 -25.31 17.28 -36.03
N VAL B 458 -25.51 17.78 -34.81
CA VAL B 458 -25.09 19.14 -34.39
C VAL B 458 -24.25 18.99 -33.13
N PRO B 459 -22.89 19.16 -33.22
CA PRO B 459 -22.03 19.03 -32.05
C PRO B 459 -22.55 19.73 -30.80
N ALA B 460 -23.00 20.99 -30.94
CA ALA B 460 -23.47 21.87 -29.85
C ALA B 460 -24.69 21.25 -29.14
N ASP B 461 -25.49 20.43 -29.81
CA ASP B 461 -26.70 19.80 -29.25
C ASP B 461 -26.34 18.48 -28.56
N MET B 462 -25.16 17.94 -28.85
CA MET B 462 -24.70 16.65 -28.31
C MET B 462 -24.17 16.80 -26.88
N VAL B 463 -24.24 18.01 -26.27
CA VAL B 463 -23.66 18.28 -24.91
C VAL B 463 -24.78 18.22 -23.86
N GLY B 464 -25.99 17.84 -24.29
CA GLY B 464 -27.17 17.73 -23.42
C GLY B 464 -28.15 16.70 -23.96
N SER B 465 -29.36 16.68 -23.38
CA SER B 465 -30.42 15.66 -23.63
C SER B 465 -31.11 15.90 -24.97
N LEU B 466 -31.91 14.92 -25.44
CA LEU B 466 -32.59 14.88 -26.77
C LEU B 466 -33.44 16.15 -26.98
N ALA C 5 19.47 41.90 -0.13
CA ALA C 5 20.12 42.47 -1.35
C ALA C 5 20.04 41.45 -2.49
N PHE C 6 19.76 41.91 -3.71
CA PHE C 6 19.62 41.04 -4.91
C PHE C 6 20.61 41.47 -5.99
N ARG C 7 20.81 40.57 -6.94
CA ARG C 7 21.41 40.90 -8.26
C ARG C 7 20.49 40.33 -9.34
N ILE C 8 20.64 40.80 -10.58
CA ILE C 8 19.83 40.29 -11.72
C ILE C 8 20.60 39.16 -12.39
N GLU C 9 20.00 37.97 -12.47
CA GLU C 9 20.43 36.87 -13.38
C GLU C 9 19.36 36.75 -14.47
N LYS C 10 19.72 36.20 -15.63
CA LYS C 10 18.79 36.01 -16.78
C LYS C 10 18.81 34.54 -17.21
N ASP C 11 17.65 34.05 -17.62
CA ASP C 11 17.49 32.76 -18.33
C ASP C 11 16.71 33.05 -19.62
N THR C 12 16.34 32.02 -20.38
CA THR C 12 15.77 32.23 -21.74
C THR C 12 14.40 32.90 -21.62
N MET C 13 13.88 33.09 -20.40
CA MET C 13 12.49 33.56 -20.12
C MET C 13 12.47 34.99 -19.58
N GLY C 14 13.62 35.55 -19.25
CA GLY C 14 13.73 36.95 -18.77
C GLY C 14 14.60 37.08 -17.53
N GLU C 15 14.32 38.13 -16.76
CA GLU C 15 15.20 38.64 -15.67
C GLU C 15 14.64 38.19 -14.33
N VAL C 16 15.51 37.85 -13.39
CA VAL C 16 15.16 37.30 -12.05
C VAL C 16 16.04 37.97 -11.00
N GLN C 17 15.45 38.43 -9.89
CA GLN C 17 16.20 38.91 -8.71
C GLN C 17 16.72 37.69 -7.91
N VAL C 18 18.04 37.54 -7.87
CA VAL C 18 18.74 36.43 -7.16
C VAL C 18 19.41 37.00 -5.91
N PRO C 19 19.33 36.34 -4.74
CA PRO C 19 20.03 36.81 -3.54
C PRO C 19 21.53 37.02 -3.84
N ALA C 20 22.01 38.26 -3.62
CA ALA C 20 23.20 38.82 -4.27
C ALA C 20 24.44 37.97 -3.97
N ASP C 21 24.50 37.36 -2.77
CA ASP C 21 25.67 36.61 -2.26
C ASP C 21 25.64 35.14 -2.70
N LYS C 22 24.50 34.62 -3.20
CA LYS C 22 24.36 33.17 -3.55
C LYS C 22 24.97 32.91 -4.93
N TYR C 23 25.46 31.68 -5.15
CA TYR C 23 26.10 31.23 -6.42
C TYR C 23 25.08 30.67 -7.42
N TRP C 24 23.83 30.40 -7.01
CA TRP C 24 22.78 30.00 -7.99
C TRP C 24 22.36 31.22 -8.82
N ALA C 25 21.56 31.01 -9.87
CA ALA C 25 21.09 32.09 -10.77
C ALA C 25 19.59 31.96 -11.03
N ALA C 26 19.14 32.38 -12.21
CA ALA C 26 17.71 32.72 -12.48
C ALA C 26 16.86 31.47 -12.28
N GLN C 27 17.31 30.32 -12.80
CA GLN C 27 16.45 29.11 -12.86
C GLN C 27 16.32 28.53 -11.45
N THR C 28 17.43 28.44 -10.69
CA THR C 28 17.36 28.00 -9.27
C THR C 28 16.40 28.92 -8.49
N GLU C 29 16.48 30.23 -8.72
CA GLU C 29 15.67 31.21 -7.95
C GLU C 29 14.18 31.06 -8.33
N ARG C 30 13.88 30.83 -9.60
CA ARG C 30 12.49 30.63 -10.09
C ARG C 30 11.90 29.43 -9.34
N SER C 31 12.61 28.29 -9.32
CA SER C 31 12.18 27.03 -8.64
C SER C 31 11.98 27.26 -7.13
N ARG C 32 12.88 28.01 -6.47
CA ARG C 32 12.80 28.32 -5.01
C ARG C 32 11.48 29.09 -4.75
N ASN C 33 11.11 30.05 -5.60
CA ASN C 33 9.86 30.85 -5.46
C ASN C 33 8.60 30.10 -5.95
N ASN C 34 8.68 29.28 -7.00
CA ASN C 34 7.47 28.72 -7.67
C ASN C 34 7.03 27.40 -7.04
N PHE C 35 7.80 26.81 -6.14
CA PHE C 35 7.52 25.49 -5.52
C PHE C 35 7.72 25.56 -3.99
N LYS C 36 6.82 26.31 -3.35
CA LYS C 36 6.75 26.49 -1.88
C LYS C 36 5.94 25.33 -1.33
N ILE C 37 6.58 24.16 -1.32
CA ILE C 37 5.94 22.85 -0.99
C ILE C 37 6.84 22.13 -0.01
N GLY C 38 6.42 22.05 1.26
CA GLY C 38 7.14 21.37 2.34
C GLY C 38 8.34 22.19 2.80
N PRO C 39 9.21 21.61 3.67
CA PRO C 39 10.39 22.32 4.18
C PRO C 39 11.35 22.75 3.07
N ALA C 40 12.00 23.92 3.22
CA ALA C 40 12.89 24.48 2.17
C ALA C 40 14.08 23.53 1.98
N ALA C 41 14.58 23.38 0.75
CA ALA C 41 15.79 22.59 0.43
C ALA C 41 15.65 21.16 0.93
N SER C 42 14.51 20.49 0.76
CA SER C 42 14.31 19.06 1.13
C SER C 42 15.03 18.13 0.15
N MET C 43 15.51 18.62 -1.00
CA MET C 43 16.16 17.72 -1.98
C MET C 43 17.34 17.07 -1.28
N PRO C 44 17.39 15.73 -1.12
CA PRO C 44 18.42 15.12 -0.29
C PRO C 44 19.83 15.60 -0.71
N HIS C 45 20.69 15.90 0.28
CA HIS C 45 22.13 16.20 0.06
C HIS C 45 22.79 15.07 -0.74
N GLU C 46 22.36 13.83 -0.57
CA GLU C 46 23.01 12.66 -1.23
C GLU C 46 22.89 12.81 -2.74
N ILE C 47 21.82 13.47 -3.21
CA ILE C 47 21.54 13.71 -4.66
C ILE C 47 22.49 14.82 -5.15
N ILE C 48 22.66 15.89 -4.38
CA ILE C 48 23.61 16.99 -4.68
C ILE C 48 25.02 16.40 -4.73
N GLU C 49 25.37 15.54 -3.78
CA GLU C 49 26.71 14.89 -3.71
C GLU C 49 26.89 13.99 -4.94
N ALA C 50 25.88 13.25 -5.36
CA ALA C 50 25.94 12.41 -6.59
C ALA C 50 26.18 13.32 -7.80
N PHE C 51 25.49 14.46 -7.88
CA PHE C 51 25.58 15.47 -8.96
C PHE C 51 27.01 16.02 -9.04
N GLY C 52 27.63 16.23 -7.87
CA GLY C 52 29.02 16.69 -7.74
C GLY C 52 29.98 15.77 -8.47
N TYR C 53 29.82 14.46 -8.32
CA TYR C 53 30.69 13.40 -8.92
C TYR C 53 30.46 13.35 -10.44
N LEU C 54 29.19 13.30 -10.86
CA LEU C 54 28.84 13.02 -12.27
C LEU C 54 29.14 14.27 -13.12
N LYS C 55 28.94 15.47 -12.58
CA LYS C 55 29.31 16.75 -13.24
C LYS C 55 30.82 16.79 -13.47
N LYS C 56 31.61 16.33 -12.50
CA LYS C 56 33.09 16.32 -12.64
C LYS C 56 33.46 15.31 -13.72
N ALA C 57 32.97 14.08 -13.64
CA ALA C 57 33.23 13.00 -14.61
C ALA C 57 32.84 13.45 -16.03
N ALA C 58 31.71 14.16 -16.20
CA ALA C 58 31.21 14.69 -17.50
C ALA C 58 32.23 15.69 -18.05
N ALA C 59 32.72 16.63 -17.23
CA ALA C 59 33.70 17.63 -17.65
C ALA C 59 34.97 16.89 -18.10
N PHE C 60 35.41 15.88 -17.35
CA PHE C 60 36.67 15.12 -17.61
C PHE C 60 36.56 14.31 -18.91
N ALA C 61 35.50 13.51 -19.07
CA ALA C 61 35.16 12.79 -20.32
C ALA C 61 35.11 13.79 -21.48
N ASN C 62 34.45 14.93 -21.30
CA ASN C 62 34.24 15.92 -22.39
C ASN C 62 35.59 16.41 -22.93
N THR C 63 36.56 16.63 -22.04
CA THR C 63 37.91 17.11 -22.42
C THR C 63 38.67 15.97 -23.11
N ASP C 64 38.63 14.75 -22.53
CA ASP C 64 39.29 13.55 -23.12
C ASP C 64 38.80 13.38 -24.56
N LEU C 65 37.53 13.69 -24.82
CA LEU C 65 36.88 13.44 -26.13
C LEU C 65 36.82 14.71 -26.98
N GLY C 66 37.54 15.78 -26.63
CA GLY C 66 37.88 16.90 -27.54
C GLY C 66 36.84 18.01 -27.60
N VAL C 67 35.80 17.98 -26.77
CA VAL C 67 34.66 18.95 -26.90
C VAL C 67 34.61 19.94 -25.74
N LEU C 68 35.47 19.81 -24.72
CA LEU C 68 35.60 20.83 -23.63
C LEU C 68 37.08 21.12 -23.39
N PRO C 69 37.50 22.41 -23.48
CA PRO C 69 38.88 22.78 -23.18
C PRO C 69 39.23 22.45 -21.71
N ALA C 70 40.45 21.92 -21.50
CA ALA C 70 41.04 21.53 -20.19
C ALA C 70 40.84 22.62 -19.13
N GLU C 71 41.08 23.88 -19.51
CA GLU C 71 40.93 25.07 -18.63
C GLU C 71 39.55 25.07 -17.98
N LYS C 72 38.50 24.85 -18.79
CA LYS C 72 37.09 24.84 -18.31
C LYS C 72 36.85 23.57 -17.47
N ARG C 73 37.41 22.42 -17.87
CA ARG C 73 37.39 21.16 -17.07
C ARG C 73 37.94 21.43 -15.67
N ASP C 74 39.06 22.15 -15.59
CA ASP C 74 39.79 22.34 -14.30
C ASP C 74 38.91 23.17 -13.36
N LEU C 75 38.35 24.27 -13.85
CA LEU C 75 37.51 25.19 -13.03
C LEU C 75 36.26 24.44 -12.59
N ILE C 76 35.67 23.62 -13.47
CA ILE C 76 34.46 22.79 -13.15
C ILE C 76 34.84 21.78 -12.06
N GLY C 77 35.93 21.05 -12.22
CA GLY C 77 36.43 20.06 -11.25
C GLY C 77 36.58 20.66 -9.85
N GLN C 78 37.23 21.81 -9.74
CA GLN C 78 37.45 22.58 -8.48
C GLN C 78 36.10 22.94 -7.83
N ALA C 79 35.13 23.47 -8.59
CA ALA C 79 33.79 23.82 -8.05
C ALA C 79 33.12 22.54 -7.54
N CYS C 80 33.25 21.44 -8.29
CA CYS C 80 32.68 20.11 -7.98
C CYS C 80 33.35 19.53 -6.73
N ASP C 81 34.67 19.68 -6.61
CA ASP C 81 35.43 19.27 -5.39
C ASP C 81 34.89 20.04 -4.16
N GLU C 82 34.61 21.33 -4.29
CA GLU C 82 34.01 22.15 -3.19
C GLU C 82 32.66 21.57 -2.78
N ILE C 83 31.83 21.18 -3.73
CA ILE C 83 30.49 20.59 -3.43
C ILE C 83 30.68 19.28 -2.65
N LEU C 84 31.59 18.41 -3.11
CA LEU C 84 31.89 17.08 -2.49
C LEU C 84 32.49 17.27 -1.08
N ALA C 85 33.27 18.31 -0.86
CA ALA C 85 33.84 18.66 0.46
C ALA C 85 32.83 19.43 1.33
N ARG C 86 31.58 19.60 0.86
CA ARG C 86 30.45 20.17 1.64
C ARG C 86 30.73 21.63 1.96
N LYS C 87 31.31 22.39 1.04
CA LYS C 87 31.72 23.80 1.26
C LYS C 87 30.63 24.72 0.72
N LEU C 88 29.62 24.18 0.05
CA LEU C 88 28.62 24.98 -0.71
C LEU C 88 27.20 24.49 -0.40
N ASP C 89 26.99 23.86 0.76
CA ASP C 89 25.71 23.19 1.12
C ASP C 89 24.54 24.19 1.09
N ASP C 90 24.82 25.46 1.34
CA ASP C 90 23.83 26.58 1.36
C ASP C 90 23.50 27.06 -0.06
N GLN C 91 24.08 26.46 -1.10
CA GLN C 91 23.85 26.92 -2.51
C GLN C 91 22.78 26.04 -3.19
N PHE C 92 22.07 25.19 -2.43
CA PHE C 92 21.08 24.22 -2.95
C PHE C 92 19.79 24.34 -2.16
N PRO C 93 18.89 25.30 -2.51
CA PRO C 93 17.68 25.55 -1.75
C PRO C 93 16.41 24.91 -2.31
N LEU C 94 16.53 24.01 -3.29
CA LEU C 94 15.34 23.47 -4.02
C LEU C 94 14.74 22.29 -3.26
N VAL C 95 13.44 22.10 -3.44
CA VAL C 95 12.61 21.06 -2.77
C VAL C 95 12.54 19.79 -3.63
N ILE C 96 12.18 18.68 -2.99
CA ILE C 96 11.78 17.41 -3.68
C ILE C 96 10.66 17.72 -4.69
N TRP C 97 9.68 18.55 -4.31
CA TRP C 97 8.40 18.74 -5.05
C TRP C 97 8.52 19.87 -6.08
N GLN C 98 9.46 19.68 -7.01
CA GLN C 98 9.75 20.56 -8.17
C GLN C 98 9.28 19.80 -9.42
N THR C 99 9.73 20.18 -10.62
CA THR C 99 9.50 19.44 -11.88
C THR C 99 9.88 17.96 -11.66
N GLY C 100 9.17 17.03 -12.32
CA GLY C 100 9.32 15.58 -12.03
C GLY C 100 10.60 15.01 -12.61
N SER C 101 11.35 15.82 -13.37
CA SER C 101 12.60 15.42 -14.04
C SER C 101 13.81 15.70 -13.14
N GLY C 102 13.62 16.60 -12.16
CA GLY C 102 14.73 17.19 -11.41
C GLY C 102 15.56 18.15 -12.25
N THR C 103 14.96 18.70 -13.32
CA THR C 103 15.58 19.74 -14.20
C THR C 103 16.06 20.92 -13.35
N GLN C 104 15.26 21.36 -12.39
CA GLN C 104 15.54 22.59 -11.61
C GLN C 104 16.81 22.33 -10.77
N SER C 105 16.96 21.13 -10.22
CA SER C 105 18.16 20.78 -9.40
C SER C 105 19.39 20.63 -10.31
N ASN C 106 19.25 20.01 -11.49
CA ASN C 106 20.35 19.94 -12.48
C ASN C 106 20.80 21.38 -12.80
N MET C 107 19.88 22.29 -13.06
CA MET C 107 20.22 23.70 -13.37
C MET C 107 20.78 24.42 -12.12
N ASN C 108 20.41 23.99 -10.92
CA ASN C 108 21.02 24.43 -9.64
C ASN C 108 22.50 24.02 -9.65
N LEU C 109 22.85 22.77 -9.97
CA LEU C 109 24.28 22.38 -10.10
C LEU C 109 24.95 23.26 -11.16
N ASN C 110 24.34 23.39 -12.34
CA ASN C 110 24.94 24.07 -13.52
C ASN C 110 25.22 25.54 -13.17
N GLU C 111 24.24 26.25 -12.61
CA GLU C 111 24.35 27.67 -12.20
C GLU C 111 25.43 27.85 -11.12
N VAL C 112 25.44 27.00 -10.08
CA VAL C 112 26.37 27.16 -8.93
C VAL C 112 27.80 26.91 -9.43
N ILE C 113 28.00 25.85 -10.20
CA ILE C 113 29.33 25.45 -10.75
C ILE C 113 29.84 26.60 -11.63
N ALA C 114 29.01 27.11 -12.51
CA ALA C 114 29.37 28.18 -13.48
C ALA C 114 29.85 29.42 -12.72
N ASN C 115 29.02 29.89 -11.79
CA ASN C 115 29.26 31.14 -11.03
C ASN C 115 30.43 30.95 -10.07
N ARG C 116 30.53 29.79 -9.41
CA ARG C 116 31.68 29.47 -8.50
C ARG C 116 32.97 29.37 -9.32
N ALA C 117 32.95 28.65 -10.45
CA ALA C 117 34.13 28.55 -11.32
C ALA C 117 34.56 29.98 -11.73
N HIS C 118 33.63 30.88 -12.03
CA HIS C 118 33.93 32.27 -12.45
C HIS C 118 34.74 32.97 -11.35
N VAL C 119 34.31 32.86 -10.09
CA VAL C 119 34.96 33.51 -8.92
C VAL C 119 36.29 32.83 -8.64
N ILE C 120 36.34 31.50 -8.57
CA ILE C 120 37.63 30.74 -8.44
C ILE C 120 38.65 31.30 -9.44
N ASN C 121 38.22 31.62 -10.66
CA ASN C 121 39.09 32.07 -11.78
C ASN C 121 39.39 33.57 -11.63
N GLY C 122 38.83 34.21 -10.61
CA GLY C 122 39.16 35.62 -10.26
C GLY C 122 38.03 36.60 -10.55
N GLY C 123 36.96 36.18 -11.23
CA GLY C 123 35.85 37.07 -11.60
C GLY C 123 35.05 37.42 -10.37
N LYS C 124 33.99 38.21 -10.49
CA LYS C 124 33.03 38.53 -9.40
C LYS C 124 31.62 38.03 -9.78
N LEU C 125 30.82 37.70 -8.77
CA LEU C 125 29.36 37.45 -8.88
C LEU C 125 28.68 38.70 -9.46
N GLY C 126 27.77 38.51 -10.41
CA GLY C 126 27.06 39.62 -11.09
C GLY C 126 27.58 39.82 -12.49
N GLU C 127 28.77 39.30 -12.79
CA GLU C 127 29.40 39.31 -14.14
C GLU C 127 29.00 38.04 -14.87
N LYS C 128 29.12 38.04 -16.20
CA LYS C 128 28.87 36.88 -17.06
C LYS C 128 29.99 35.86 -16.81
N SER C 129 29.63 34.63 -16.43
CA SER C 129 30.59 33.54 -16.20
C SER C 129 31.34 33.23 -17.50
N ILE C 130 32.66 33.05 -17.40
CA ILE C 130 33.57 32.43 -18.41
C ILE C 130 33.14 30.99 -18.67
N ILE C 131 32.35 30.37 -17.79
CA ILE C 131 31.81 28.99 -17.96
C ILE C 131 30.28 29.11 -18.06
N HIS C 132 29.68 28.71 -19.19
CA HIS C 132 28.22 28.77 -19.43
C HIS C 132 27.50 27.58 -18.78
N PRO C 133 26.47 27.82 -17.96
CA PRO C 133 25.83 26.74 -17.21
C PRO C 133 25.43 25.57 -18.14
N ASN C 134 24.76 25.90 -19.27
CA ASN C 134 24.20 24.94 -20.26
C ASN C 134 25.30 24.48 -21.22
N ASP C 135 25.91 25.40 -21.95
CA ASP C 135 26.86 25.08 -23.05
C ASP C 135 28.08 24.34 -22.48
N ASP C 136 28.55 24.70 -21.28
CA ASP C 136 29.83 24.17 -20.70
C ASP C 136 29.54 23.14 -19.61
N VAL C 137 28.90 23.56 -18.51
CA VAL C 137 28.76 22.66 -17.34
C VAL C 137 27.80 21.52 -17.69
N ASN C 138 26.76 21.80 -18.47
CA ASN C 138 25.76 20.80 -18.93
C ASN C 138 26.13 20.17 -20.29
N LYS C 139 27.35 20.35 -20.80
CA LYS C 139 27.66 19.83 -22.16
C LYS C 139 27.56 18.31 -22.17
N SER C 140 27.00 17.79 -23.27
CA SER C 140 26.85 16.33 -23.53
C SER C 140 25.85 15.73 -22.53
N GLN C 141 25.01 16.55 -21.86
CA GLN C 141 24.16 16.11 -20.72
C GLN C 141 22.71 16.62 -20.87
N SER C 142 21.77 15.94 -20.23
CA SER C 142 20.39 16.38 -19.95
C SER C 142 20.09 16.22 -18.46
N SER C 143 19.03 16.84 -17.94
CA SER C 143 18.48 16.46 -16.62
C SER C 143 17.99 15.01 -16.69
N ASN C 144 17.57 14.57 -17.87
CA ASN C 144 16.88 13.28 -18.05
C ASN C 144 17.87 12.13 -17.85
N ASP C 145 19.18 12.33 -18.09
CA ASP C 145 20.19 11.31 -17.76
C ASP C 145 20.97 11.68 -16.49
N THR C 146 21.23 12.96 -16.20
CA THR C 146 22.02 13.34 -14.99
C THR C 146 21.23 12.98 -13.73
N TYR C 147 19.93 13.26 -13.68
CA TYR C 147 19.20 13.07 -12.39
C TYR C 147 19.09 11.58 -12.07
N PRO C 148 18.71 10.69 -13.00
CA PRO C 148 18.72 9.25 -12.70
C PRO C 148 20.10 8.72 -12.32
N THR C 149 21.14 9.29 -12.94
CA THR C 149 22.54 8.98 -12.67
C THR C 149 22.79 9.35 -11.19
N ALA C 150 22.37 10.56 -10.77
CA ALA C 150 22.49 11.04 -9.37
C ALA C 150 21.77 10.04 -8.45
N MET C 151 20.58 9.61 -8.85
CA MET C 151 19.76 8.68 -8.03
C MET C 151 20.53 7.36 -7.81
N HIS C 152 21.09 6.77 -8.86
CA HIS C 152 21.76 5.44 -8.79
C HIS C 152 23.04 5.55 -7.95
N ILE C 153 23.81 6.62 -8.15
CA ILE C 153 25.04 6.88 -7.36
C ILE C 153 24.66 6.97 -5.88
N ALA C 154 23.71 7.84 -5.53
CA ALA C 154 23.29 8.11 -4.14
C ALA C 154 22.73 6.83 -3.51
N ALA C 155 21.90 6.10 -4.25
CA ALA C 155 21.23 4.86 -3.78
C ALA C 155 22.25 3.73 -3.58
N TYR C 156 23.10 3.46 -4.57
CA TYR C 156 24.07 2.35 -4.51
C TYR C 156 25.07 2.64 -3.38
N LYS C 157 25.61 3.86 -3.36
CA LYS C 157 26.50 4.36 -2.29
C LYS C 157 25.85 4.10 -0.93
N LYS C 158 24.60 4.52 -0.75
CA LYS C 158 23.94 4.45 0.57
C LYS C 158 23.70 2.97 0.96
N VAL C 159 23.33 2.14 -0.01
CA VAL C 159 23.00 0.70 0.21
C VAL C 159 24.31 -0.02 0.62
N VAL C 160 25.41 0.19 -0.10
CA VAL C 160 26.64 -0.63 0.12
C VAL C 160 27.47 -0.04 1.26
N GLU C 161 27.46 1.28 1.47
CA GLU C 161 28.31 1.92 2.51
C GLU C 161 27.57 2.00 3.86
N ALA C 162 26.25 2.05 3.88
CA ALA C 162 25.45 2.26 5.10
C ALA C 162 24.53 1.06 5.34
N THR C 163 23.55 0.82 4.48
CA THR C 163 22.46 -0.16 4.74
C THR C 163 23.02 -1.58 4.97
N ILE C 164 23.87 -2.11 4.08
CA ILE C 164 24.32 -3.53 4.13
C ILE C 164 25.25 -3.73 5.33
N PRO C 165 26.26 -2.86 5.58
CA PRO C 165 27.07 -3.00 6.79
C PRO C 165 26.20 -2.98 8.06
N ALA C 166 25.15 -2.15 8.08
CA ALA C 166 24.30 -1.96 9.28
C ALA C 166 23.56 -3.29 9.57
N VAL C 167 22.93 -3.85 8.55
CA VAL C 167 22.17 -5.13 8.62
C VAL C 167 23.15 -6.27 8.89
N GLU C 168 24.33 -6.25 8.27
CA GLU C 168 25.34 -7.32 8.51
C GLU C 168 25.70 -7.31 9.99
N ARG C 169 25.91 -6.13 10.56
CA ARG C 169 26.36 -5.96 11.97
C ARG C 169 25.31 -6.60 12.88
N LEU C 170 24.03 -6.30 12.62
CA LEU C 170 22.92 -6.85 13.45
C LEU C 170 22.78 -8.34 13.16
N GLN C 171 23.01 -8.77 11.91
CA GLN C 171 22.89 -10.20 11.54
C GLN C 171 23.89 -10.97 12.39
N LYS C 172 25.12 -10.47 12.47
CA LYS C 172 26.24 -11.10 13.19
C LYS C 172 25.90 -11.20 14.68
N THR C 173 25.24 -10.19 15.24
CA THR C 173 24.92 -10.17 16.69
C THR C 173 23.93 -11.31 16.93
N LEU C 174 22.96 -11.46 16.02
CA LEU C 174 21.89 -12.46 16.12
C LEU C 174 22.48 -13.85 15.93
N ALA C 175 23.44 -14.03 15.02
CA ALA C 175 24.17 -15.33 14.88
C ALA C 175 24.96 -15.61 16.16
N ALA C 176 25.64 -14.62 16.73
CA ALA C 176 26.40 -14.76 18.00
C ALA C 176 25.46 -15.22 19.11
N LYS C 177 24.29 -14.59 19.23
CA LYS C 177 23.33 -14.87 20.32
C LYS C 177 22.83 -16.31 20.17
N ALA C 178 22.61 -16.75 18.91
CA ALA C 178 22.14 -18.11 18.56
C ALA C 178 23.10 -19.13 19.18
N ALA C 179 24.41 -18.95 18.94
CA ALA C 179 25.48 -19.79 19.51
C ALA C 179 25.49 -19.67 21.04
N GLU C 180 25.41 -18.45 21.58
CA GLU C 180 25.55 -18.20 23.05
C GLU C 180 24.41 -18.90 23.81
N PHE C 181 23.22 -19.00 23.20
CA PHE C 181 21.98 -19.52 23.81
C PHE C 181 21.66 -20.93 23.33
N LYS C 182 22.59 -21.61 22.65
CA LYS C 182 22.28 -22.87 21.93
C LYS C 182 21.76 -23.96 22.88
N ASP C 183 22.04 -23.87 24.19
CA ASP C 183 21.70 -24.92 25.19
C ASP C 183 20.60 -24.44 26.13
N VAL C 184 19.99 -23.27 25.88
CA VAL C 184 18.85 -22.72 26.70
C VAL C 184 17.52 -23.21 26.11
N VAL C 185 16.90 -24.20 26.75
CA VAL C 185 15.67 -24.85 26.23
C VAL C 185 14.47 -24.04 26.74
N LYS C 186 13.64 -23.58 25.81
CA LYS C 186 12.43 -22.76 26.13
C LYS C 186 11.23 -23.35 25.39
N ILE C 187 10.03 -22.85 25.68
CA ILE C 187 8.76 -23.35 25.09
C ILE C 187 8.53 -22.59 23.78
N GLY C 188 8.21 -23.31 22.71
CA GLY C 188 7.75 -22.69 21.45
C GLY C 188 6.33 -22.22 21.62
N ARG C 189 5.93 -21.17 20.91
CA ARG C 189 4.53 -20.70 20.84
C ARG C 189 4.10 -20.61 19.38
N THR C 190 3.04 -21.33 19.01
CA THR C 190 2.37 -21.26 17.70
C THR C 190 0.94 -20.78 17.96
N HIS C 191 0.45 -19.84 17.15
CA HIS C 191 -0.88 -19.19 17.30
C HIS C 191 -0.93 -18.44 18.64
N LEU C 192 0.24 -18.21 19.26
CA LEU C 192 0.45 -17.59 20.59
C LEU C 192 0.20 -18.61 21.70
N MET C 193 -0.15 -19.87 21.37
CA MET C 193 -0.47 -20.91 22.37
C MET C 193 0.77 -21.76 22.65
N ASP C 194 0.84 -22.32 23.85
CA ASP C 194 1.92 -23.23 24.33
C ASP C 194 2.11 -24.32 23.27
N ALA C 195 3.33 -24.45 22.77
CA ALA C 195 3.70 -25.53 21.84
C ALA C 195 4.75 -26.44 22.49
N THR C 196 5.65 -26.98 21.67
CA THR C 196 6.76 -27.90 22.06
C THR C 196 8.03 -27.07 22.18
N PRO C 197 9.11 -27.65 22.74
CA PRO C 197 10.34 -26.89 23.00
C PRO C 197 11.20 -26.56 21.77
N LEU C 198 11.95 -25.45 21.85
CA LEU C 198 13.15 -25.19 21.01
C LEU C 198 14.18 -24.43 21.85
N THR C 199 15.46 -24.41 21.47
CA THR C 199 16.48 -23.61 22.19
C THR C 199 16.26 -22.13 21.87
N LEU C 200 16.56 -21.24 22.83
CA LEU C 200 16.56 -19.78 22.58
C LEU C 200 17.51 -19.54 21.42
N GLY C 201 18.55 -20.36 21.31
CA GLY C 201 19.51 -20.37 20.19
C GLY C 201 18.83 -20.58 18.85
N GLN C 202 18.01 -21.63 18.76
CA GLN C 202 17.22 -22.00 17.55
C GLN C 202 16.37 -20.79 17.18
N GLU C 203 15.61 -20.24 18.13
CA GLU C 203 14.69 -19.11 17.88
C GLU C 203 15.53 -17.96 17.28
N PHE C 204 16.62 -17.58 17.93
CA PHE C 204 17.51 -16.49 17.45
C PHE C 204 18.12 -16.84 16.10
N SER C 205 18.33 -18.13 15.78
CA SER C 205 18.97 -18.56 14.50
C SER C 205 18.01 -18.24 13.37
N GLY C 206 16.70 -18.37 13.62
CA GLY C 206 15.63 -17.86 12.74
C GLY C 206 15.85 -16.40 12.37
N TYR C 207 16.06 -15.54 13.35
CA TYR C 207 16.26 -14.08 13.16
C TYR C 207 17.51 -13.82 12.31
N ALA C 208 18.57 -14.60 12.55
CA ALA C 208 19.85 -14.49 11.84
C ALA C 208 19.66 -14.93 10.40
N ALA C 209 18.95 -16.03 10.18
CA ALA C 209 18.62 -16.53 8.83
C ALA C 209 17.82 -15.48 8.07
N GLN C 210 16.83 -14.82 8.70
CA GLN C 210 15.98 -13.81 8.00
C GLN C 210 16.88 -12.69 7.44
N LEU C 211 17.92 -12.27 8.18
CA LEU C 211 18.73 -11.10 7.72
C LEU C 211 19.76 -11.55 6.69
N SER C 212 20.26 -12.79 6.72
CA SER C 212 21.16 -13.31 5.67
C SER C 212 20.40 -13.37 4.33
N PHE C 213 19.20 -13.94 4.33
CA PHE C 213 18.32 -14.00 3.13
C PHE C 213 18.04 -12.58 2.60
N GLY C 214 17.85 -11.61 3.49
CA GLY C 214 17.55 -10.21 3.13
C GLY C 214 18.76 -9.51 2.52
N LEU C 215 19.94 -9.80 3.06
CA LEU C 215 21.22 -9.29 2.51
C LEU C 215 21.44 -9.87 1.10
N THR C 216 21.22 -11.18 0.92
CA THR C 216 21.32 -11.84 -0.42
C THR C 216 20.34 -11.12 -1.37
N ALA C 217 19.10 -10.89 -0.93
CA ALA C 217 18.04 -10.27 -1.76
C ALA C 217 18.44 -8.83 -2.15
N ILE C 218 19.03 -8.03 -1.25
CA ILE C 218 19.47 -6.63 -1.58
C ILE C 218 20.61 -6.74 -2.60
N LYS C 219 21.56 -7.64 -2.36
CA LYS C 219 22.79 -7.78 -3.19
C LYS C 219 22.41 -8.19 -4.61
N ASN C 220 21.44 -9.08 -4.77
CA ASN C 220 20.90 -9.53 -6.08
C ASN C 220 20.45 -8.32 -6.93
N THR C 221 20.07 -7.19 -6.33
CA THR C 221 19.47 -6.03 -7.02
C THR C 221 20.55 -4.98 -7.38
N LEU C 222 21.80 -5.21 -6.98
CA LEU C 222 22.90 -4.22 -7.16
C LEU C 222 23.30 -4.13 -8.63
N PRO C 223 23.46 -5.28 -9.35
CA PRO C 223 23.82 -5.25 -10.77
C PRO C 223 22.90 -4.33 -11.61
N HIS C 224 21.59 -4.39 -11.39
CA HIS C 224 20.67 -3.44 -12.05
C HIS C 224 21.02 -2.00 -11.61
N LEU C 225 21.29 -1.77 -10.31
CA LEU C 225 21.32 -0.42 -9.68
C LEU C 225 22.61 0.34 -10.02
N ARG C 226 23.68 -0.38 -10.35
CA ARG C 226 25.02 0.20 -10.67
C ARG C 226 25.07 0.67 -12.13
N GLN C 227 23.99 0.43 -12.89
CA GLN C 227 23.82 0.91 -14.28
C GLN C 227 23.37 2.37 -14.25
N LEU C 228 24.09 3.24 -14.97
CA LEU C 228 23.92 4.73 -15.01
C LEU C 228 23.33 5.18 -16.34
N ALA C 229 22.38 6.11 -16.29
CA ALA C 229 21.67 6.64 -17.48
C ALA C 229 22.64 7.50 -18.29
N LEU C 230 23.73 7.98 -17.67
CA LEU C 230 24.54 9.10 -18.20
C LEU C 230 25.03 8.74 -19.60
N GLY C 231 24.63 9.55 -20.58
CA GLY C 231 24.93 9.34 -22.01
C GLY C 231 23.66 9.30 -22.86
N GLY C 232 22.48 9.03 -22.28
CA GLY C 232 21.19 9.01 -23.00
C GLY C 232 20.71 10.38 -23.41
N THR C 233 21.19 11.44 -22.74
CA THR C 233 20.72 12.85 -22.83
C THR C 233 19.18 12.92 -22.91
N ALA C 234 18.62 13.70 -23.85
CA ALA C 234 17.20 14.14 -23.87
C ALA C 234 16.23 12.94 -23.85
N VAL C 235 16.41 11.93 -24.72
CA VAL C 235 15.39 10.85 -24.89
C VAL C 235 15.99 9.44 -24.83
N GLY C 236 17.32 9.30 -24.76
CA GLY C 236 18.05 8.01 -24.67
C GLY C 236 18.96 7.78 -25.86
N THR C 237 18.78 8.56 -26.92
CA THR C 237 19.52 8.44 -28.20
C THR C 237 20.99 8.86 -28.06
N GLY C 238 21.35 9.55 -26.98
CA GLY C 238 22.71 10.09 -26.80
C GLY C 238 23.00 11.25 -27.73
N LEU C 239 21.96 11.92 -28.24
CA LEU C 239 22.07 13.18 -29.01
C LEU C 239 23.02 14.15 -28.28
N ASN C 240 23.96 14.76 -29.01
CA ASN C 240 24.94 15.79 -28.55
C ASN C 240 26.00 15.17 -27.63
N THR C 241 26.29 13.88 -27.73
CA THR C 241 27.40 13.21 -27.00
C THR C 241 28.48 12.77 -27.99
N PRO C 242 29.77 13.03 -27.69
CA PRO C 242 30.86 12.53 -28.51
C PRO C 242 30.96 10.99 -28.36
N LYS C 243 31.41 10.32 -29.42
CA LYS C 243 31.54 8.85 -29.44
C LYS C 243 32.35 8.43 -28.20
N GLY C 244 31.87 7.42 -27.48
CA GLY C 244 32.58 6.79 -26.34
C GLY C 244 32.27 7.45 -25.00
N TYR C 245 31.51 8.54 -24.98
CA TYR C 245 31.20 9.35 -23.76
C TYR C 245 30.49 8.50 -22.71
N ASP C 246 29.52 7.68 -23.10
CA ASP C 246 28.72 6.84 -22.15
C ASP C 246 29.68 5.98 -21.30
N VAL C 247 30.60 5.22 -21.92
CA VAL C 247 31.58 4.33 -21.21
C VAL C 247 32.60 5.19 -20.43
N LYS C 248 33.22 6.18 -21.08
CA LYS C 248 34.25 7.05 -20.45
C LYS C 248 33.70 7.73 -19.17
N VAL C 249 32.54 8.38 -19.22
CA VAL C 249 32.01 9.12 -18.03
C VAL C 249 31.69 8.11 -16.91
N ALA C 250 31.14 6.93 -17.24
CA ALA C 250 30.88 5.85 -16.25
C ALA C 250 32.20 5.45 -15.57
N GLU C 251 33.29 5.34 -16.31
CA GLU C 251 34.64 5.00 -15.76
C GLU C 251 35.10 6.11 -14.79
N TYR C 252 34.96 7.39 -15.13
CA TYR C 252 35.38 8.48 -14.21
C TYR C 252 34.56 8.37 -12.91
N ILE C 253 33.27 8.05 -13.03
CA ILE C 253 32.38 7.96 -11.84
C ILE C 253 32.78 6.74 -11.01
N ALA C 254 33.04 5.60 -11.66
CA ALA C 254 33.59 4.40 -10.97
C ALA C 254 34.83 4.82 -10.17
N LYS C 255 35.75 5.55 -10.81
CA LYS C 255 37.03 5.96 -10.18
C LYS C 255 36.77 6.92 -9.01
N PHE C 256 36.07 8.04 -9.23
CA PHE C 256 35.85 9.09 -8.20
C PHE C 256 35.15 8.51 -6.96
N THR C 257 34.20 7.60 -7.15
CA THR C 257 33.38 7.00 -6.07
C THR C 257 34.05 5.72 -5.56
N GLY C 258 34.90 5.06 -6.37
CA GLY C 258 35.51 3.77 -6.01
C GLY C 258 34.49 2.66 -5.98
N LEU C 259 33.36 2.81 -6.68
CA LEU C 259 32.25 1.82 -6.71
C LEU C 259 32.02 1.36 -8.15
N PRO C 260 31.57 0.09 -8.35
CA PRO C 260 31.62 -0.55 -9.67
C PRO C 260 30.47 -0.13 -10.60
N PHE C 261 30.38 1.16 -10.93
CA PHE C 261 29.39 1.70 -11.89
C PHE C 261 29.82 1.36 -13.33
N ILE C 262 28.81 1.09 -14.17
CA ILE C 262 28.89 0.85 -15.63
C ILE C 262 27.77 1.64 -16.32
N THR C 263 27.88 1.88 -17.62
CA THR C 263 26.81 2.56 -18.41
C THR C 263 25.60 1.61 -18.51
N ALA C 264 24.37 2.16 -18.46
CA ALA C 264 23.13 1.35 -18.62
C ALA C 264 23.15 0.63 -19.97
N GLU C 265 22.75 -0.64 -19.99
CA GLU C 265 22.65 -1.46 -21.23
C GLU C 265 21.60 -0.84 -22.17
N ASN C 266 20.56 -0.17 -21.64
CA ASN C 266 19.48 0.43 -22.45
C ASN C 266 19.09 1.81 -21.89
N LYS C 267 19.39 2.88 -22.63
CA LYS C 267 19.23 4.28 -22.14
C LYS C 267 17.74 4.64 -22.12
N PHE C 268 16.90 3.94 -22.90
CA PHE C 268 15.43 4.19 -22.93
C PHE C 268 14.84 3.67 -21.61
N GLU C 269 15.25 2.48 -21.16
CA GLU C 269 14.84 1.90 -19.85
C GLU C 269 15.38 2.79 -18.72
N ALA C 270 16.57 3.38 -18.92
CA ALA C 270 17.27 4.18 -17.89
C ALA C 270 16.59 5.54 -17.72
N LEU C 271 15.73 5.95 -18.65
CA LEU C 271 15.08 7.30 -18.62
C LEU C 271 13.57 7.18 -18.36
N ALA C 272 12.90 6.26 -19.05
CA ALA C 272 11.44 6.10 -19.05
C ALA C 272 10.94 5.32 -17.81
N THR C 273 11.85 4.78 -16.98
CA THR C 273 11.52 4.01 -15.74
C THR C 273 12.56 4.33 -14.66
N HIS C 274 12.31 3.91 -13.42
CA HIS C 274 13.32 3.68 -12.36
C HIS C 274 13.00 2.33 -11.71
N ASP C 275 12.89 1.31 -12.56
CA ASP C 275 12.57 -0.08 -12.18
C ASP C 275 13.68 -0.61 -11.27
N ALA C 276 14.90 -0.07 -11.36
CA ALA C 276 16.06 -0.48 -10.51
C ALA C 276 15.84 0.01 -9.07
N ILE C 277 15.35 1.24 -8.92
CA ILE C 277 14.90 1.78 -7.61
C ILE C 277 13.79 0.87 -7.09
N VAL C 278 12.80 0.53 -7.92
CA VAL C 278 11.65 -0.35 -7.50
C VAL C 278 12.21 -1.72 -7.09
N GLU C 279 13.17 -2.26 -7.84
CA GLU C 279 13.80 -3.58 -7.61
C GLU C 279 14.48 -3.58 -6.23
N THR C 280 15.41 -2.64 -5.99
CA THR C 280 16.25 -2.58 -4.76
C THR C 280 15.35 -2.21 -3.56
N HIS C 281 14.41 -1.28 -3.69
CA HIS C 281 13.54 -0.88 -2.55
C HIS C 281 12.65 -2.05 -2.10
N GLY C 282 12.22 -2.90 -3.02
CA GLY C 282 11.47 -4.12 -2.68
C GLY C 282 12.31 -5.04 -1.82
N ALA C 283 13.63 -5.08 -2.04
CA ALA C 283 14.53 -5.88 -1.19
C ALA C 283 14.67 -5.20 0.18
N LEU C 284 14.82 -3.87 0.22
CA LEU C 284 14.86 -3.10 1.50
C LEU C 284 13.57 -3.37 2.28
N LYS C 285 12.45 -3.39 1.58
CA LYS C 285 11.10 -3.61 2.18
C LYS C 285 11.05 -5.04 2.72
N GLN C 286 11.57 -6.02 1.98
CA GLN C 286 11.65 -7.43 2.46
C GLN C 286 12.31 -7.39 3.84
N VAL C 287 13.47 -6.75 3.91
CA VAL C 287 14.30 -6.67 5.14
C VAL C 287 13.47 -5.98 6.24
N ALA C 288 12.80 -4.87 5.92
CA ALA C 288 12.00 -4.07 6.88
C ALA C 288 10.94 -4.98 7.50
N MET C 289 10.29 -5.83 6.70
CA MET C 289 9.20 -6.73 7.19
C MET C 289 9.79 -7.83 8.08
N SER C 290 10.98 -8.35 7.77
CA SER C 290 11.73 -9.28 8.65
C SER C 290 12.10 -8.61 9.98
N LEU C 291 12.54 -7.35 9.92
CA LEU C 291 12.99 -6.56 11.10
C LEU C 291 11.80 -6.28 12.01
N PHE C 292 10.63 -5.99 11.43
CA PHE C 292 9.38 -5.79 12.19
C PHE C 292 9.21 -7.03 13.08
N LYS C 293 9.27 -8.21 12.47
CA LYS C 293 8.95 -9.47 13.17
C LYS C 293 9.95 -9.66 14.32
N ILE C 294 11.24 -9.52 14.02
CA ILE C 294 12.35 -9.75 14.99
C ILE C 294 12.14 -8.80 16.18
N ALA C 295 11.97 -7.51 15.88
CA ALA C 295 11.74 -6.44 16.89
C ALA C 295 10.49 -6.78 17.71
N ASN C 296 9.43 -7.28 17.07
CA ASN C 296 8.14 -7.55 17.77
C ASN C 296 8.28 -8.79 18.66
N ASP C 297 8.95 -9.84 18.19
CA ASP C 297 9.25 -11.03 19.02
C ASP C 297 10.03 -10.62 20.27
N ILE C 298 11.02 -9.73 20.13
CA ILE C 298 11.99 -9.42 21.22
C ILE C 298 11.22 -8.69 22.31
N ARG C 299 10.35 -7.73 21.94
CA ARG C 299 9.51 -7.04 22.94
C ARG C 299 8.47 -8.02 23.49
N LEU C 300 7.96 -8.95 22.70
CA LEU C 300 7.02 -9.97 23.23
C LEU C 300 7.78 -10.81 24.26
N LEU C 301 9.01 -11.21 23.92
CA LEU C 301 9.86 -12.10 24.76
C LEU C 301 10.26 -11.37 26.06
N ALA C 302 10.45 -10.05 26.02
CA ALA C 302 10.84 -9.19 27.16
C ALA C 302 9.64 -8.75 28.00
N SER C 303 8.41 -8.89 27.51
CA SER C 303 7.18 -8.31 28.14
C SER C 303 7.09 -8.73 29.62
N GLY C 304 6.47 -7.89 30.44
CA GLY C 304 6.34 -8.09 31.89
C GLY C 304 6.66 -6.83 32.68
N PRO C 305 7.52 -6.91 33.74
CA PRO C 305 8.23 -8.14 34.10
C PRO C 305 7.45 -9.25 34.83
N ARG C 306 6.17 -9.06 35.19
CA ARG C 306 5.32 -10.12 35.83
C ARG C 306 4.09 -10.51 34.97
N SER C 307 3.50 -9.57 34.22
CA SER C 307 2.19 -9.78 33.52
C SER C 307 2.36 -10.31 32.10
N GLY C 308 3.59 -10.61 31.65
CA GLY C 308 3.86 -10.88 30.24
C GLY C 308 4.46 -12.25 30.04
N ILE C 309 5.39 -12.37 29.09
CA ILE C 309 6.18 -13.61 28.87
C ILE C 309 7.47 -13.51 29.72
N GLY C 310 8.30 -12.48 29.51
CA GLY C 310 9.50 -12.21 30.31
C GLY C 310 10.54 -13.33 30.24
N GLU C 311 10.75 -13.94 29.07
CA GLU C 311 11.76 -15.04 28.89
C GLU C 311 13.14 -14.43 28.67
N ILE C 312 13.22 -13.20 28.16
CA ILE C 312 14.53 -12.51 27.98
C ILE C 312 14.56 -11.24 28.80
N LEU C 313 15.77 -10.88 29.21
CA LEU C 313 16.11 -9.55 29.78
C LEU C 313 16.83 -8.74 28.68
N ILE C 314 16.42 -7.48 28.51
CA ILE C 314 17.02 -6.57 27.49
C ILE C 314 17.62 -5.39 28.22
N PRO C 315 18.62 -4.72 27.61
CA PRO C 315 19.16 -3.49 28.16
C PRO C 315 18.05 -2.47 28.47
N GLU C 316 18.19 -1.82 29.62
CA GLU C 316 17.29 -0.77 30.14
C GLU C 316 18.01 0.56 29.94
N ASN C 317 17.65 1.35 28.92
CA ASN C 317 18.49 2.49 28.49
C ASN C 317 17.94 3.79 29.08
N GLU C 318 16.66 3.83 29.49
CA GLU C 318 16.02 5.08 29.97
C GLU C 318 14.78 4.77 30.79
N PRO C 319 14.30 5.75 31.59
CA PRO C 319 12.98 5.67 32.21
C PRO C 319 11.91 5.48 31.13
N GLY C 320 11.01 4.53 31.34
CA GLY C 320 9.95 4.17 30.37
C GLY C 320 8.80 5.17 30.33
N CYS C 321 8.46 5.80 31.47
CA CYS C 321 7.11 6.38 31.68
C CYS C 321 7.11 7.61 32.60
N SER C 322 6.40 8.66 32.21
CA SER C 322 6.32 9.96 32.95
C SER C 322 5.38 9.86 34.16
N ILE C 323 4.50 8.87 34.19
CA ILE C 323 3.50 8.69 35.28
C ILE C 323 3.75 7.37 36.02
N MET C 324 4.20 6.31 35.34
CA MET C 324 4.43 5.01 36.00
C MET C 324 5.90 4.91 36.40
N PRO C 325 6.22 5.11 37.70
CA PRO C 325 7.60 5.27 38.15
C PRO C 325 8.35 3.92 38.22
N GLY C 326 9.51 3.82 37.58
CA GLY C 326 10.34 2.61 37.57
C GLY C 326 10.07 1.74 36.35
N LYS C 327 9.04 2.08 35.56
CA LYS C 327 8.68 1.36 34.32
C LYS C 327 9.80 1.52 33.27
N VAL C 328 10.15 0.43 32.61
CA VAL C 328 11.15 0.43 31.50
C VAL C 328 10.54 -0.31 30.32
N ASN C 329 10.67 0.29 29.14
CA ASN C 329 9.98 -0.16 27.91
C ASN C 329 11.02 -0.66 26.91
N PRO C 330 10.61 -1.50 25.94
CA PRO C 330 11.49 -1.92 24.86
C PRO C 330 11.45 -0.86 23.74
N THR C 331 12.13 0.27 23.97
CA THR C 331 12.04 1.51 23.15
C THR C 331 12.75 1.33 21.79
N GLN C 332 13.86 0.59 21.75
CA GLN C 332 14.59 0.30 20.50
C GLN C 332 13.73 -0.57 19.57
N CYS C 333 13.02 -1.58 20.12
CA CYS C 333 12.07 -2.45 19.40
C CYS C 333 11.01 -1.59 18.70
N GLU C 334 10.53 -0.58 19.43
CA GLU C 334 9.50 0.37 18.97
C GLU C 334 10.03 1.20 17.80
N ALA C 335 11.23 1.76 17.90
CA ALA C 335 11.85 2.54 16.81
C ALA C 335 11.95 1.64 15.55
N MET C 336 12.34 0.38 15.73
CA MET C 336 12.51 -0.59 14.61
C MET C 336 11.15 -0.87 13.95
N THR C 337 10.10 -1.10 14.73
CA THR C 337 8.75 -1.40 14.18
C THR C 337 8.26 -0.13 13.44
N MET C 338 8.50 1.04 14.01
CA MET C 338 8.02 2.31 13.40
C MET C 338 8.73 2.55 12.06
N VAL C 339 10.02 2.25 11.98
CA VAL C 339 10.79 2.44 10.71
C VAL C 339 10.27 1.45 9.66
N ALA C 340 9.94 0.23 10.08
CA ALA C 340 9.48 -0.84 9.17
C ALA C 340 8.14 -0.39 8.55
N ALA C 341 7.27 0.19 9.36
CA ALA C 341 5.97 0.75 8.90
C ALA C 341 6.25 1.90 7.93
N GLN C 342 7.28 2.73 8.16
CA GLN C 342 7.67 3.82 7.22
C GLN C 342 8.12 3.22 5.88
N VAL C 343 8.97 2.18 5.89
CA VAL C 343 9.54 1.59 4.65
C VAL C 343 8.42 0.99 3.80
N LEU C 344 7.39 0.38 4.40
CA LEU C 344 6.31 -0.28 3.61
C LEU C 344 5.58 0.79 2.77
N GLY C 345 5.18 1.91 3.37
CA GLY C 345 4.51 3.01 2.64
C GLY C 345 5.44 3.69 1.63
N ASN C 346 6.73 3.78 1.91
CA ASN C 346 7.76 4.25 0.96
C ASN C 346 7.73 3.34 -0.27
N ASP C 347 7.44 2.04 -0.08
CA ASP C 347 7.39 1.03 -1.17
C ASP C 347 6.07 1.21 -1.95
N THR C 348 4.98 1.55 -1.27
CA THR C 348 3.72 1.92 -1.93
C THR C 348 4.03 3.10 -2.86
N THR C 349 4.67 4.16 -2.36
CA THR C 349 4.96 5.40 -3.14
C THR C 349 5.87 5.08 -4.33
N ILE C 350 6.94 4.33 -4.12
CA ILE C 350 7.96 4.04 -5.17
C ILE C 350 7.36 3.20 -6.31
N SER C 351 6.59 2.16 -5.97
CA SER C 351 5.88 1.26 -6.90
C SER C 351 4.90 2.06 -7.78
N PHE C 352 3.99 2.80 -7.14
CA PHE C 352 3.00 3.67 -7.81
C PHE C 352 3.76 4.58 -8.80
N ALA C 353 4.72 5.37 -8.32
CA ALA C 353 5.51 6.29 -9.18
C ALA C 353 6.27 5.49 -10.24
N GLY C 354 6.74 4.29 -9.89
CA GLY C 354 7.40 3.34 -10.79
C GLY C 354 6.58 3.04 -12.03
N SER C 355 5.27 2.88 -11.86
CA SER C 355 4.28 2.56 -12.92
C SER C 355 3.97 3.77 -13.82
N GLN C 356 4.31 5.01 -13.42
CA GLN C 356 3.66 6.22 -14.00
C GLN C 356 4.56 6.94 -15.01
N GLY C 357 5.50 6.23 -15.61
CA GLY C 357 6.22 6.69 -16.81
C GLY C 357 5.31 6.96 -18.01
N HIS C 358 5.68 8.00 -18.77
CA HIS C 358 5.07 8.42 -20.05
C HIS C 358 6.17 8.46 -21.11
N PHE C 359 6.04 7.65 -22.16
CA PHE C 359 6.91 7.73 -23.35
C PHE C 359 8.37 7.65 -22.91
N GLU C 360 9.14 8.72 -23.10
CA GLU C 360 10.63 8.67 -23.03
C GLU C 360 11.15 8.98 -21.62
N LEU C 361 10.31 9.48 -20.71
CA LEU C 361 10.79 9.93 -19.38
C LEU C 361 9.78 9.58 -18.30
N ASN C 362 10.29 9.08 -17.18
CA ASN C 362 9.48 8.96 -15.94
C ASN C 362 9.72 10.24 -15.13
N VAL C 363 8.68 11.04 -14.87
CA VAL C 363 8.81 12.36 -14.19
C VAL C 363 8.20 12.30 -12.78
N PHE C 364 8.67 11.32 -12.01
CA PHE C 364 8.45 11.13 -10.56
C PHE C 364 9.83 10.95 -9.89
N LYS C 365 10.89 11.51 -10.48
CA LYS C 365 12.29 11.14 -10.09
C LYS C 365 12.55 11.54 -8.64
N PRO C 366 12.31 12.80 -8.22
CA PRO C 366 12.58 13.25 -6.86
C PRO C 366 11.82 12.52 -5.75
N VAL C 367 10.54 12.20 -5.96
CA VAL C 367 9.72 11.50 -4.93
C VAL C 367 10.26 10.07 -4.79
N MET C 368 10.69 9.46 -5.88
CA MET C 368 11.26 8.09 -5.83
C MET C 368 12.58 8.13 -5.06
N ALA C 369 13.46 9.10 -5.40
CA ALA C 369 14.80 9.33 -4.84
C ALA C 369 14.74 9.53 -3.31
N ALA C 370 13.88 10.45 -2.86
CA ALA C 370 13.66 10.83 -1.44
C ALA C 370 13.17 9.61 -0.65
N ASN C 371 12.14 8.91 -1.14
CA ASN C 371 11.53 7.76 -0.44
C ASN C 371 12.59 6.67 -0.35
N PHE C 372 13.39 6.47 -1.41
CA PHE C 372 14.42 5.39 -1.45
C PHE C 372 15.51 5.65 -0.39
N LEU C 373 16.13 6.83 -0.46
CA LEU C 373 17.23 7.26 0.44
C LEU C 373 16.74 7.28 1.88
N GLN C 374 15.52 7.74 2.15
CA GLN C 374 14.96 7.65 3.52
C GLN C 374 14.98 6.17 3.97
N SER C 375 14.43 5.24 3.19
CA SER C 375 14.31 3.82 3.61
C SER C 375 15.73 3.29 3.91
N ALA C 376 16.69 3.58 3.03
CA ALA C 376 18.07 3.02 3.11
C ALA C 376 18.76 3.58 4.36
N GLN C 377 18.56 4.86 4.66
CA GLN C 377 19.19 5.58 5.81
C GLN C 377 18.55 5.07 7.10
N LEU C 378 17.21 5.06 7.17
CA LEU C 378 16.45 4.63 8.38
C LEU C 378 16.76 3.17 8.71
N ILE C 379 16.75 2.27 7.75
CA ILE C 379 17.08 0.82 7.98
C ILE C 379 18.47 0.76 8.63
N ALA C 380 19.43 1.53 8.11
CA ALA C 380 20.85 1.46 8.54
C ALA C 380 20.91 1.98 9.98
N ASP C 381 20.37 3.19 10.20
CA ASP C 381 20.34 3.91 11.49
C ASP C 381 19.69 3.02 12.55
N VAL C 382 18.56 2.38 12.27
CA VAL C 382 17.82 1.64 13.32
C VAL C 382 18.50 0.29 13.59
N CYS C 383 19.06 -0.39 12.60
CA CYS C 383 19.83 -1.66 12.82
C CYS C 383 21.02 -1.42 13.75
N ILE C 384 21.75 -0.30 13.55
CA ILE C 384 22.92 0.13 14.36
C ILE C 384 22.45 0.48 15.78
N SER C 385 21.44 1.34 15.90
CA SER C 385 20.84 1.70 17.20
C SER C 385 20.34 0.42 17.89
N PHE C 386 19.56 -0.44 17.20
CA PHE C 386 19.00 -1.65 17.85
C PHE C 386 20.13 -2.61 18.28
N ASP C 387 21.21 -2.71 17.48
CA ASP C 387 22.33 -3.65 17.80
C ASP C 387 23.03 -3.20 19.09
N GLU C 388 23.48 -1.94 19.11
CA GLU C 388 24.22 -1.32 20.24
C GLU C 388 23.36 -1.36 21.52
N HIS C 389 22.10 -0.96 21.42
CA HIS C 389 21.29 -0.59 22.62
C HIS C 389 20.32 -1.71 23.00
N CYS C 390 20.32 -2.86 22.33
CA CYS C 390 19.33 -3.93 22.63
C CYS C 390 19.94 -5.30 22.35
N ALA C 391 20.11 -5.66 21.06
CA ALA C 391 20.44 -7.03 20.61
C ALA C 391 21.74 -7.52 21.27
N THR C 392 22.83 -6.73 21.28
CA THR C 392 24.13 -7.16 21.90
C THR C 392 23.94 -7.57 23.38
N GLY C 393 22.98 -6.96 24.10
CA GLY C 393 22.82 -7.15 25.56
C GLY C 393 21.74 -8.15 25.95
N ILE C 394 21.19 -8.89 25.00
CA ILE C 394 20.03 -9.78 25.34
C ILE C 394 20.58 -10.96 26.14
N GLN C 395 19.96 -11.28 27.28
CA GLN C 395 20.32 -12.46 28.11
C GLN C 395 19.04 -13.23 28.48
N PRO C 396 19.08 -14.57 28.69
CA PRO C 396 17.91 -15.31 29.17
C PRO C 396 17.55 -14.96 30.63
N ASN C 397 16.25 -14.93 30.91
CA ASN C 397 15.71 -15.03 32.29
C ASN C 397 15.50 -16.53 32.56
N THR C 398 16.58 -17.21 32.95
CA THR C 398 16.68 -18.69 33.03
C THR C 398 15.50 -19.29 33.81
N PRO C 399 15.25 -18.89 35.09
CA PRO C 399 14.17 -19.47 35.89
C PRO C 399 12.77 -19.27 35.30
N ARG C 400 12.51 -18.09 34.70
CA ARG C 400 11.23 -17.79 34.02
C ARG C 400 11.07 -18.74 32.82
N ILE C 401 12.11 -18.89 32.01
CA ILE C 401 12.13 -19.80 30.83
C ILE C 401 11.77 -21.22 31.32
N GLN C 402 12.43 -21.72 32.38
CA GLN C 402 12.24 -23.09 32.95
C GLN C 402 10.78 -23.28 33.35
N HIS C 403 10.21 -22.31 34.07
CA HIS C 403 8.79 -22.36 34.53
C HIS C 403 7.90 -22.51 33.29
N LEU C 404 8.03 -21.60 32.32
CA LEU C 404 7.13 -21.56 31.15
C LEU C 404 7.32 -22.85 30.31
N LEU C 405 8.53 -23.41 30.29
CA LEU C 405 8.85 -24.69 29.60
C LEU C 405 8.07 -25.85 30.23
N ASP C 406 8.17 -26.03 31.55
CA ASP C 406 7.65 -27.24 32.26
C ASP C 406 6.13 -27.22 32.31
N SER C 407 5.50 -26.03 32.27
CA SER C 407 4.03 -25.84 32.39
C SER C 407 3.27 -26.18 31.10
N SER C 408 3.94 -26.31 29.95
CA SER C 408 3.28 -26.57 28.62
C SER C 408 2.71 -27.98 28.57
N LEU C 409 1.40 -28.11 28.42
CA LEU C 409 0.77 -29.44 28.27
C LEU C 409 1.21 -30.06 26.94
N MET C 410 1.75 -29.24 26.01
CA MET C 410 2.05 -29.75 24.63
C MET C 410 3.44 -30.40 24.59
N LEU C 411 4.12 -30.49 25.74
CA LEU C 411 5.22 -31.47 25.97
C LEU C 411 4.71 -32.91 25.69
N VAL C 412 3.40 -33.13 25.71
CA VAL C 412 2.78 -34.47 25.51
C VAL C 412 3.04 -34.96 24.08
N THR C 413 3.42 -34.06 23.17
CA THR C 413 3.71 -34.34 21.73
C THR C 413 4.78 -35.44 21.62
N ALA C 414 5.71 -35.49 22.58
CA ALA C 414 6.79 -36.49 22.64
C ALA C 414 6.23 -37.91 22.75
N LEU C 415 4.95 -38.05 23.15
CA LEU C 415 4.23 -39.35 23.32
C LEU C 415 3.58 -39.83 22.01
N ASN C 416 3.48 -38.98 20.97
CA ASN C 416 2.78 -39.34 19.71
C ASN C 416 3.30 -40.68 19.18
N THR C 417 4.63 -40.86 19.12
CA THR C 417 5.26 -42.04 18.45
C THR C 417 5.21 -43.25 19.37
N HIS C 418 4.77 -43.09 20.63
CA HIS C 418 4.74 -44.19 21.63
C HIS C 418 3.31 -44.71 21.85
N ILE C 419 2.31 -43.83 22.05
CA ILE C 419 0.91 -44.19 22.41
C ILE C 419 -0.12 -43.67 21.38
N GLY C 420 0.28 -42.81 20.43
CA GLY C 420 -0.64 -42.24 19.40
C GLY C 420 -1.22 -40.88 19.79
N TYR C 421 -1.77 -40.16 18.79
CA TYR C 421 -2.35 -38.80 18.86
C TYR C 421 -3.56 -38.80 19.82
N GLU C 422 -4.48 -39.75 19.62
CA GLU C 422 -5.74 -39.87 20.40
C GLU C 422 -5.41 -40.12 21.88
N ASN C 423 -4.48 -41.02 22.18
CA ASN C 423 -4.09 -41.33 23.58
C ASN C 423 -3.40 -40.09 24.21
N ALA C 424 -2.49 -39.45 23.46
CA ALA C 424 -1.78 -38.22 23.92
C ALA C 424 -2.78 -37.07 24.13
N ALA C 425 -3.73 -36.88 23.22
CA ALA C 425 -4.80 -35.87 23.39
C ALA C 425 -5.56 -36.09 24.72
N LYS C 426 -5.86 -37.35 25.09
CA LYS C 426 -6.61 -37.71 26.33
C LYS C 426 -5.85 -37.23 27.57
N ILE C 427 -4.54 -37.47 27.60
CA ILE C 427 -3.66 -37.09 28.73
C ILE C 427 -3.70 -35.56 28.90
N ALA C 428 -3.46 -34.79 27.83
CA ALA C 428 -3.39 -33.30 27.86
C ALA C 428 -4.76 -32.71 28.23
N LYS C 429 -5.85 -33.20 27.66
CA LYS C 429 -7.23 -32.75 27.96
C LYS C 429 -7.55 -33.01 29.44
N THR C 430 -7.12 -34.16 29.99
CA THR C 430 -7.41 -34.58 31.38
C THR C 430 -6.62 -33.66 32.32
N ALA C 431 -5.35 -33.41 32.01
CA ALA C 431 -4.46 -32.47 32.74
C ALA C 431 -5.09 -31.06 32.75
N HIS C 432 -5.54 -30.57 31.58
CA HIS C 432 -6.19 -29.25 31.43
C HIS C 432 -7.43 -29.14 32.32
N LYS C 433 -8.37 -30.07 32.14
CA LYS C 433 -9.70 -30.10 32.81
C LYS C 433 -9.51 -30.16 34.34
N ASN C 434 -8.50 -30.91 34.80
CA ASN C 434 -8.25 -31.21 36.24
C ASN C 434 -7.32 -30.18 36.90
N GLY C 435 -6.65 -29.32 36.13
CA GLY C 435 -5.61 -28.40 36.64
C GLY C 435 -4.44 -29.17 37.24
N THR C 436 -4.07 -30.30 36.63
CA THR C 436 -3.02 -31.24 37.09
C THR C 436 -1.91 -31.30 36.04
N THR C 437 -0.90 -32.16 36.25
CA THR C 437 0.24 -32.34 35.32
C THR C 437 -0.04 -33.46 34.32
N LEU C 438 0.63 -33.39 33.15
CA LEU C 438 0.70 -34.46 32.13
C LEU C 438 1.08 -35.78 32.82
N ARG C 439 2.10 -35.72 33.68
CA ARG C 439 2.74 -36.91 34.31
C ARG C 439 1.70 -37.65 35.16
N GLU C 440 1.08 -36.91 36.11
CA GLU C 440 0.00 -37.40 36.99
C GLU C 440 -1.01 -38.15 36.12
N GLU C 441 -1.59 -37.46 35.13
CA GLU C 441 -2.75 -37.97 34.35
C GLU C 441 -2.29 -39.03 33.35
N ALA C 442 -0.99 -39.08 32.97
CA ALA C 442 -0.44 -40.20 32.18
C ALA C 442 -0.44 -41.50 33.03
N ILE C 443 -0.12 -41.38 34.32
CA ILE C 443 -0.10 -42.53 35.27
C ILE C 443 -1.56 -42.88 35.58
N ASN C 444 -2.35 -41.88 35.98
CA ASN C 444 -3.79 -42.01 36.35
C ASN C 444 -4.59 -42.74 35.28
N LEU C 445 -4.26 -42.57 33.99
CA LEU C 445 -5.02 -43.15 32.84
C LEU C 445 -4.47 -44.53 32.42
N GLY C 446 -3.41 -45.01 33.08
CA GLY C 446 -2.74 -46.29 32.73
C GLY C 446 -2.21 -46.29 31.32
N LEU C 447 -2.02 -45.10 30.73
CA LEU C 447 -1.55 -44.92 29.33
C LEU C 447 -0.02 -45.02 29.31
N VAL C 448 0.63 -44.52 30.35
CA VAL C 448 2.13 -44.51 30.45
C VAL C 448 2.50 -44.68 31.92
N SER C 449 3.53 -45.49 32.18
CA SER C 449 4.18 -45.64 33.50
C SER C 449 5.02 -44.39 33.80
N ALA C 450 5.28 -44.14 35.09
CA ALA C 450 6.27 -43.17 35.60
C ALA C 450 7.57 -43.27 34.79
N GLU C 451 8.15 -44.47 34.70
CA GLU C 451 9.51 -44.72 34.13
C GLU C 451 9.56 -44.29 32.66
N ASP C 452 8.60 -44.75 31.87
CA ASP C 452 8.52 -44.47 30.43
C ASP C 452 8.25 -42.97 30.20
N PHE C 453 7.40 -42.35 31.02
CA PHE C 453 7.04 -40.91 30.88
C PHE C 453 8.32 -40.11 31.08
N ASP C 454 9.00 -40.41 32.20
CA ASP C 454 10.27 -39.76 32.62
C ASP C 454 11.34 -39.97 31.55
N LYS C 455 11.32 -41.12 30.85
CA LYS C 455 12.26 -41.43 29.74
C LYS C 455 11.88 -40.64 28.48
N TRP C 456 10.59 -40.64 28.11
CA TRP C 456 10.10 -40.20 26.78
C TRP C 456 9.84 -38.68 26.76
N VAL C 457 9.45 -38.07 27.89
CA VAL C 457 9.01 -36.64 27.93
C VAL C 457 10.16 -35.79 28.46
N VAL C 458 11.21 -35.62 27.66
CA VAL C 458 12.47 -34.90 28.04
C VAL C 458 12.66 -33.71 27.09
N PRO C 459 12.35 -32.47 27.52
CA PRO C 459 12.43 -31.28 26.66
C PRO C 459 13.74 -31.12 25.88
N ALA C 460 14.88 -31.36 26.54
CA ALA C 460 16.24 -31.39 25.95
C ALA C 460 16.31 -32.34 24.73
N ASP C 461 15.46 -33.37 24.69
CA ASP C 461 15.38 -34.39 23.61
C ASP C 461 14.27 -34.07 22.59
N MET C 462 13.57 -32.95 22.75
CA MET C 462 12.50 -32.52 21.82
C MET C 462 12.97 -31.35 20.92
N VAL C 463 14.27 -31.03 20.89
CA VAL C 463 14.77 -29.92 20.03
C VAL C 463 15.53 -30.45 18.81
N GLY C 464 15.35 -31.73 18.44
CA GLY C 464 15.93 -32.37 17.24
C GLY C 464 15.11 -33.58 16.79
N SER C 465 15.63 -34.38 15.85
CA SER C 465 15.02 -35.64 15.33
C SER C 465 14.89 -36.71 16.43
N LEU C 466 14.17 -37.80 16.12
CA LEU C 466 13.95 -38.98 17.03
C LEU C 466 15.29 -39.63 17.39
N ALA D 5 -28.56 -36.92 4.17
CA ALA D 5 -27.84 -38.17 4.59
C ALA D 5 -26.46 -37.82 5.14
N PHE D 6 -26.24 -38.09 6.43
CA PHE D 6 -24.97 -37.81 7.15
C PHE D 6 -24.49 -39.11 7.80
N ARG D 7 -23.19 -39.21 8.08
CA ARG D 7 -22.61 -40.30 8.90
C ARG D 7 -21.80 -39.66 10.03
N ILE D 8 -21.52 -40.41 11.10
CA ILE D 8 -20.73 -39.95 12.28
C ILE D 8 -19.24 -40.22 12.04
N GLU D 9 -18.44 -39.16 11.97
CA GLU D 9 -16.96 -39.19 12.20
C GLU D 9 -16.64 -38.56 13.57
N LYS D 10 -15.47 -38.87 14.15
CA LYS D 10 -15.00 -38.41 15.49
C LYS D 10 -13.66 -37.69 15.40
N ASP D 11 -13.48 -36.61 16.15
CA ASP D 11 -12.13 -36.05 16.43
C ASP D 11 -11.98 -35.98 17.96
N THR D 12 -10.86 -35.49 18.46
CA THR D 12 -10.56 -35.42 19.92
C THR D 12 -11.43 -34.33 20.60
N MET D 13 -12.45 -33.80 19.92
CA MET D 13 -13.44 -32.86 20.53
C MET D 13 -14.83 -33.49 20.52
N GLY D 14 -15.03 -34.60 19.77
CA GLY D 14 -16.29 -35.38 19.76
C GLY D 14 -16.83 -35.66 18.37
N GLU D 15 -18.12 -35.96 18.31
CA GLU D 15 -18.81 -36.53 17.11
C GLU D 15 -19.28 -35.38 16.23
N VAL D 16 -19.16 -35.55 14.91
CA VAL D 16 -19.67 -34.58 13.91
C VAL D 16 -20.43 -35.35 12.83
N GLN D 17 -21.58 -34.79 12.41
CA GLN D 17 -22.35 -35.26 11.25
C GLN D 17 -21.58 -34.83 9.99
N VAL D 18 -21.24 -35.79 9.14
CA VAL D 18 -20.47 -35.57 7.88
C VAL D 18 -21.36 -36.03 6.72
N PRO D 19 -21.45 -35.27 5.60
CA PRO D 19 -22.12 -35.76 4.39
C PRO D 19 -21.66 -37.18 4.01
N ALA D 20 -22.58 -38.13 4.10
CA ALA D 20 -22.32 -39.59 4.27
C ALA D 20 -21.48 -40.17 3.13
N ASP D 21 -21.44 -39.49 1.96
CA ASP D 21 -20.73 -39.93 0.73
C ASP D 21 -19.37 -39.23 0.60
N LYS D 22 -19.14 -38.16 1.35
CA LYS D 22 -17.87 -37.38 1.25
C LYS D 22 -16.75 -38.14 1.97
N TYR D 23 -15.53 -38.00 1.49
CA TYR D 23 -14.34 -38.72 2.04
C TYR D 23 -13.73 -37.95 3.21
N TRP D 24 -14.07 -36.68 3.40
CA TRP D 24 -13.55 -35.91 4.55
C TRP D 24 -14.21 -36.43 5.84
N ALA D 25 -13.79 -35.91 7.01
CA ALA D 25 -14.22 -36.41 8.33
C ALA D 25 -14.53 -35.23 9.26
N ALA D 26 -14.37 -35.44 10.58
CA ALA D 26 -14.84 -34.51 11.61
C ALA D 26 -14.22 -33.11 11.41
N GLN D 27 -12.92 -33.00 11.15
CA GLN D 27 -12.23 -31.69 11.24
C GLN D 27 -12.52 -30.86 10.00
N THR D 28 -12.51 -31.46 8.82
CA THR D 28 -12.91 -30.77 7.56
C THR D 28 -14.31 -30.18 7.74
N GLU D 29 -15.22 -30.96 8.33
CA GLU D 29 -16.66 -30.62 8.38
C GLU D 29 -16.87 -29.43 9.33
N ARG D 30 -16.22 -29.45 10.52
CA ARG D 30 -16.26 -28.34 11.51
C ARG D 30 -15.82 -27.05 10.80
N SER D 31 -14.69 -27.11 10.10
CA SER D 31 -14.11 -25.94 9.39
C SER D 31 -15.13 -25.45 8.36
N ARG D 32 -15.70 -26.36 7.57
CA ARG D 32 -16.68 -26.03 6.52
C ARG D 32 -17.85 -25.27 7.14
N ASN D 33 -18.26 -25.63 8.36
CA ASN D 33 -19.42 -25.03 9.07
C ASN D 33 -18.99 -23.77 9.86
N ASN D 34 -17.76 -23.73 10.39
CA ASN D 34 -17.29 -22.67 11.33
C ASN D 34 -16.68 -21.46 10.59
N PHE D 35 -16.35 -21.57 9.29
CA PHE D 35 -15.64 -20.54 8.48
C PHE D 35 -16.41 -20.21 7.21
N LYS D 36 -17.63 -19.69 7.38
CA LYS D 36 -18.54 -19.29 6.28
C LYS D 36 -18.15 -17.87 5.86
N ILE D 37 -16.95 -17.76 5.28
CA ILE D 37 -16.26 -16.47 4.96
C ILE D 37 -15.80 -16.54 3.51
N GLY D 38 -16.39 -15.69 2.67
CA GLY D 38 -16.18 -15.68 1.20
C GLY D 38 -16.86 -16.86 0.52
N PRO D 39 -16.67 -17.02 -0.80
CA PRO D 39 -17.24 -18.16 -1.55
C PRO D 39 -16.67 -19.51 -1.08
N ALA D 40 -17.48 -20.57 -1.10
CA ALA D 40 -17.12 -21.92 -0.56
C ALA D 40 -15.88 -22.42 -1.29
N ALA D 41 -15.07 -23.26 -0.64
CA ALA D 41 -13.93 -23.98 -1.28
C ALA D 41 -12.98 -23.00 -1.95
N SER D 42 -12.71 -21.82 -1.35
CA SER D 42 -11.81 -20.79 -1.92
C SER D 42 -10.33 -21.17 -1.78
N MET D 43 -9.97 -22.17 -0.97
CA MET D 43 -8.53 -22.57 -0.88
C MET D 43 -8.04 -22.96 -2.29
N PRO D 44 -6.99 -22.31 -2.84
CA PRO D 44 -6.50 -22.62 -4.19
C PRO D 44 -6.22 -24.11 -4.41
N HIS D 45 -6.65 -24.59 -5.58
CA HIS D 45 -6.44 -25.99 -6.04
C HIS D 45 -4.92 -26.22 -6.18
N GLU D 46 -4.16 -25.17 -6.48
CA GLU D 46 -2.68 -25.26 -6.55
C GLU D 46 -2.15 -25.72 -5.20
N ILE D 47 -2.71 -25.22 -4.10
CA ILE D 47 -2.31 -25.66 -2.74
C ILE D 47 -2.74 -27.12 -2.55
N ILE D 48 -3.95 -27.51 -2.98
CA ILE D 48 -4.43 -28.92 -2.79
C ILE D 48 -3.47 -29.85 -3.55
N GLU D 49 -3.08 -29.47 -4.78
CA GLU D 49 -2.11 -30.23 -5.61
C GLU D 49 -0.76 -30.33 -4.87
N ALA D 50 -0.25 -29.19 -4.38
CA ALA D 50 1.04 -29.13 -3.69
C ALA D 50 1.00 -30.19 -2.58
N PHE D 51 -0.14 -30.24 -1.88
CA PHE D 51 -0.38 -31.18 -0.76
C PHE D 51 -0.36 -32.62 -1.28
N GLY D 52 -0.93 -32.89 -2.46
CA GLY D 52 -0.92 -34.23 -3.05
C GLY D 52 0.50 -34.74 -3.13
N TYR D 53 1.39 -33.87 -3.60
CA TYR D 53 2.82 -34.17 -3.88
C TYR D 53 3.56 -34.45 -2.56
N LEU D 54 3.39 -33.56 -1.57
CA LEU D 54 4.21 -33.61 -0.34
C LEU D 54 3.68 -34.75 0.56
N LYS D 55 2.38 -35.04 0.52
CA LYS D 55 1.76 -36.14 1.32
C LYS D 55 2.27 -37.49 0.80
N LYS D 56 2.32 -37.66 -0.52
CA LYS D 56 2.98 -38.83 -1.18
C LYS D 56 4.43 -38.89 -0.71
N ALA D 57 5.17 -37.78 -0.80
CA ALA D 57 6.61 -37.66 -0.47
C ALA D 57 6.84 -38.07 0.99
N ALA D 58 6.05 -37.53 1.91
CA ALA D 58 6.09 -37.84 3.35
C ALA D 58 6.01 -39.34 3.56
N ALA D 59 5.04 -39.99 2.91
CA ALA D 59 4.74 -41.42 3.11
C ALA D 59 5.91 -42.25 2.59
N PHE D 60 6.46 -41.87 1.44
CA PHE D 60 7.57 -42.62 0.79
C PHE D 60 8.82 -42.48 1.65
N ALA D 61 9.06 -41.26 2.18
CA ALA D 61 10.20 -40.98 3.08
C ALA D 61 10.05 -41.82 4.35
N ASN D 62 8.86 -41.83 4.94
CA ASN D 62 8.58 -42.49 6.25
C ASN D 62 8.80 -44.01 6.12
N THR D 63 8.40 -44.63 5.01
CA THR D 63 8.62 -46.06 4.73
C THR D 63 10.12 -46.35 4.55
N ASP D 64 10.85 -45.47 3.85
CA ASP D 64 12.31 -45.60 3.63
C ASP D 64 13.07 -45.59 4.96
N LEU D 65 12.57 -44.86 5.96
CA LEU D 65 13.29 -44.65 7.24
C LEU D 65 12.71 -45.56 8.31
N GLY D 66 11.85 -46.51 7.92
CA GLY D 66 11.41 -47.64 8.76
C GLY D 66 10.15 -47.34 9.58
N VAL D 67 9.56 -46.15 9.51
CA VAL D 67 8.49 -45.75 10.49
C VAL D 67 7.09 -45.90 9.88
N LEU D 68 6.95 -46.27 8.60
CA LEU D 68 5.61 -46.52 7.98
C LEU D 68 5.70 -47.78 7.15
N PRO D 69 4.78 -48.76 7.34
CA PRO D 69 4.77 -49.98 6.51
C PRO D 69 4.49 -49.65 5.03
N ALA D 70 5.09 -50.39 4.10
CA ALA D 70 4.93 -50.25 2.62
C ALA D 70 3.44 -50.30 2.23
N GLU D 71 2.67 -51.20 2.83
CA GLU D 71 1.22 -51.41 2.55
C GLU D 71 0.49 -50.06 2.65
N LYS D 72 0.80 -49.31 3.71
CA LYS D 72 0.15 -48.00 4.03
C LYS D 72 0.73 -46.92 3.11
N ARG D 73 2.01 -46.99 2.78
CA ARG D 73 2.60 -46.04 1.82
C ARG D 73 1.84 -46.13 0.49
N ASP D 74 1.55 -47.36 0.03
CA ASP D 74 1.01 -47.60 -1.32
C ASP D 74 -0.42 -47.06 -1.39
N LEU D 75 -1.20 -47.21 -0.32
CA LEU D 75 -2.61 -46.72 -0.24
C LEU D 75 -2.60 -45.19 -0.20
N ILE D 76 -1.78 -44.57 0.65
CA ILE D 76 -1.59 -43.10 0.66
C ILE D 76 -1.16 -42.66 -0.75
N GLY D 77 -0.16 -43.34 -1.32
CA GLY D 77 0.38 -43.05 -2.66
C GLY D 77 -0.74 -42.93 -3.68
N GLN D 78 -1.57 -43.97 -3.74
CA GLN D 78 -2.72 -44.09 -4.68
C GLN D 78 -3.69 -42.92 -4.50
N ALA D 79 -4.13 -42.63 -3.26
CA ALA D 79 -5.07 -41.54 -2.94
C ALA D 79 -4.51 -40.18 -3.44
N CYS D 80 -3.19 -39.98 -3.31
CA CYS D 80 -2.49 -38.73 -3.69
C CYS D 80 -2.44 -38.64 -5.22
N ASP D 81 -2.16 -39.77 -5.87
CA ASP D 81 -2.22 -39.89 -7.35
C ASP D 81 -3.60 -39.43 -7.80
N GLU D 82 -4.68 -39.88 -7.14
CA GLU D 82 -6.07 -39.52 -7.53
C GLU D 82 -6.26 -38.01 -7.33
N ILE D 83 -5.66 -37.44 -6.29
CA ILE D 83 -5.77 -35.96 -6.01
C ILE D 83 -5.12 -35.18 -7.16
N LEU D 84 -3.91 -35.60 -7.55
CA LEU D 84 -3.09 -34.98 -8.64
C LEU D 84 -3.80 -35.15 -9.98
N ALA D 85 -4.44 -36.30 -10.17
CA ALA D 85 -5.20 -36.62 -11.40
C ALA D 85 -6.61 -35.99 -11.36
N ARG D 86 -6.90 -35.12 -10.39
CA ARG D 86 -8.12 -34.25 -10.40
C ARG D 86 -9.36 -35.11 -10.31
N LYS D 87 -9.31 -36.20 -9.53
CA LYS D 87 -10.42 -37.16 -9.40
C LYS D 87 -11.21 -36.86 -8.12
N LEU D 88 -10.69 -36.02 -7.23
CA LEU D 88 -11.26 -35.82 -5.87
C LEU D 88 -11.44 -34.32 -5.57
N ASP D 89 -11.61 -33.45 -6.56
CA ASP D 89 -11.72 -31.98 -6.34
C ASP D 89 -12.91 -31.64 -5.42
N ASP D 90 -13.99 -32.39 -5.47
CA ASP D 90 -15.20 -32.11 -4.65
C ASP D 90 -14.92 -32.46 -3.17
N GLN D 91 -13.74 -33.01 -2.85
CA GLN D 91 -13.44 -33.50 -1.48
C GLN D 91 -12.70 -32.40 -0.69
N PHE D 92 -12.72 -31.16 -1.18
CA PHE D 92 -11.88 -30.05 -0.64
C PHE D 92 -12.71 -28.76 -0.59
N PRO D 93 -13.58 -28.66 0.45
CA PRO D 93 -14.54 -27.56 0.56
C PRO D 93 -14.13 -26.35 1.41
N LEU D 94 -12.88 -26.29 1.87
CA LEU D 94 -12.46 -25.30 2.89
C LEU D 94 -12.02 -23.99 2.23
N VAL D 95 -12.17 -22.89 2.96
CA VAL D 95 -11.90 -21.52 2.46
C VAL D 95 -10.48 -21.10 2.84
N ILE D 96 -9.94 -20.10 2.14
CA ILE D 96 -8.73 -19.35 2.55
C ILE D 96 -8.84 -18.92 4.03
N TRP D 97 -9.97 -18.33 4.41
CA TRP D 97 -10.17 -17.60 5.70
C TRP D 97 -10.50 -18.60 6.81
N GLN D 98 -9.65 -19.61 6.95
CA GLN D 98 -9.69 -20.63 8.03
C GLN D 98 -8.67 -20.20 9.07
N THR D 99 -8.27 -21.14 9.93
CA THR D 99 -7.06 -20.97 10.79
C THR D 99 -5.89 -20.49 9.91
N GLY D 100 -5.10 -19.56 10.41
CA GLY D 100 -4.01 -18.91 9.67
C GLY D 100 -2.77 -19.81 9.52
N SER D 101 -2.79 -21.02 10.08
CA SER D 101 -1.75 -22.07 9.89
C SER D 101 -2.08 -22.95 8.67
N GLY D 102 -3.32 -22.94 8.21
CA GLY D 102 -3.82 -23.93 7.23
C GLY D 102 -4.06 -25.31 7.85
N THR D 103 -4.09 -25.42 9.18
CA THR D 103 -4.26 -26.72 9.89
C THR D 103 -5.47 -27.46 9.29
N GLN D 104 -6.57 -26.75 9.09
CA GLN D 104 -7.86 -27.34 8.65
C GLN D 104 -7.68 -27.91 7.24
N SER D 105 -7.01 -27.22 6.31
CA SER D 105 -6.74 -27.80 4.96
C SER D 105 -5.77 -28.97 5.09
N ASN D 106 -4.72 -28.90 5.95
CA ASN D 106 -3.83 -30.07 6.19
C ASN D 106 -4.65 -31.27 6.69
N MET D 107 -5.61 -31.03 7.59
CA MET D 107 -6.44 -32.13 8.13
C MET D 107 -7.46 -32.56 7.06
N ASN D 108 -7.76 -31.70 6.06
CA ASN D 108 -8.63 -32.03 4.89
C ASN D 108 -7.97 -33.15 4.06
N LEU D 109 -6.70 -33.01 3.74
CA LEU D 109 -5.89 -34.04 3.03
C LEU D 109 -5.79 -35.32 3.88
N ASN D 110 -5.39 -35.18 5.15
CA ASN D 110 -5.16 -36.31 6.09
C ASN D 110 -6.43 -37.14 6.17
N GLU D 111 -7.59 -36.48 6.29
CA GLU D 111 -8.91 -37.14 6.47
C GLU D 111 -9.35 -37.75 5.14
N VAL D 112 -9.22 -37.01 4.04
CA VAL D 112 -9.61 -37.50 2.69
C VAL D 112 -8.73 -38.69 2.28
N ILE D 113 -7.41 -38.54 2.44
CA ILE D 113 -6.41 -39.58 2.06
C ILE D 113 -6.73 -40.86 2.85
N ALA D 114 -7.02 -40.74 4.14
CA ALA D 114 -7.24 -41.88 5.06
C ALA D 114 -8.53 -42.61 4.67
N ASN D 115 -9.62 -41.88 4.51
CA ASN D 115 -10.94 -42.48 4.19
C ASN D 115 -10.88 -43.13 2.80
N ARG D 116 -10.29 -42.44 1.82
CA ARG D 116 -10.20 -42.95 0.42
C ARG D 116 -9.30 -44.19 0.38
N ALA D 117 -8.20 -44.19 1.14
CA ALA D 117 -7.33 -45.38 1.30
C ALA D 117 -8.18 -46.55 1.81
N HIS D 118 -9.03 -46.31 2.81
CA HIS D 118 -9.89 -47.37 3.38
C HIS D 118 -10.71 -48.00 2.26
N VAL D 119 -11.40 -47.18 1.47
CA VAL D 119 -12.29 -47.62 0.36
C VAL D 119 -11.45 -48.31 -0.71
N ILE D 120 -10.32 -47.72 -1.12
CA ILE D 120 -9.39 -48.37 -2.09
C ILE D 120 -9.02 -49.77 -1.59
N ASN D 121 -8.88 -49.96 -0.27
CA ASN D 121 -8.42 -51.26 0.28
C ASN D 121 -9.59 -52.25 0.41
N GLY D 122 -10.82 -51.82 0.09
CA GLY D 122 -12.03 -52.66 0.07
C GLY D 122 -12.96 -52.34 1.23
N GLY D 123 -12.77 -51.22 1.93
CA GLY D 123 -13.59 -50.81 3.09
C GLY D 123 -14.79 -49.97 2.66
N LYS D 124 -15.58 -49.50 3.61
CA LYS D 124 -16.74 -48.59 3.41
C LYS D 124 -16.55 -47.34 4.26
N LEU D 125 -16.84 -46.18 3.68
CA LEU D 125 -17.04 -44.90 4.42
C LEU D 125 -18.00 -45.24 5.57
N GLY D 126 -17.76 -44.75 6.79
CA GLY D 126 -18.56 -45.07 8.00
C GLY D 126 -17.85 -46.06 8.90
N GLU D 127 -16.82 -46.76 8.40
CA GLU D 127 -15.96 -47.67 9.19
C GLU D 127 -14.71 -46.90 9.65
N LYS D 128 -14.05 -47.38 10.69
CA LYS D 128 -12.72 -46.89 11.10
C LYS D 128 -11.73 -47.20 9.98
N SER D 129 -11.01 -46.19 9.49
CA SER D 129 -9.99 -46.33 8.43
C SER D 129 -8.86 -47.24 8.91
N ILE D 130 -8.39 -48.12 8.04
CA ILE D 130 -7.15 -48.92 8.25
C ILE D 130 -5.97 -47.94 8.38
N ILE D 131 -6.12 -46.71 7.87
CA ILE D 131 -5.08 -45.63 7.89
C ILE D 131 -5.56 -44.48 8.79
N HIS D 132 -4.78 -44.11 9.81
CA HIS D 132 -5.13 -43.04 10.76
C HIS D 132 -4.78 -41.69 10.11
N PRO D 133 -5.72 -40.73 10.08
CA PRO D 133 -5.44 -39.40 9.51
C PRO D 133 -4.15 -38.75 10.07
N ASN D 134 -3.98 -38.81 11.40
CA ASN D 134 -2.88 -38.18 12.18
C ASN D 134 -1.66 -39.10 12.35
N ASP D 135 -1.85 -40.36 12.78
CA ASP D 135 -0.70 -41.25 13.15
C ASP D 135 0.00 -41.74 11.88
N ASP D 136 -0.72 -41.80 10.74
CA ASP D 136 -0.21 -42.44 9.50
C ASP D 136 0.03 -41.39 8.40
N VAL D 137 -1.02 -40.72 7.95
CA VAL D 137 -0.96 -39.77 6.79
C VAL D 137 -0.24 -38.49 7.23
N ASN D 138 -0.39 -38.10 8.50
CA ASN D 138 0.29 -36.91 9.09
C ASN D 138 1.54 -37.31 9.87
N LYS D 139 2.08 -38.52 9.66
CA LYS D 139 3.31 -39.03 10.35
C LYS D 139 4.51 -38.18 9.94
N SER D 140 5.23 -37.62 10.93
CA SER D 140 6.52 -36.91 10.77
C SER D 140 6.29 -35.49 10.24
N GLN D 141 5.05 -34.98 10.39
CA GLN D 141 4.55 -33.74 9.78
C GLN D 141 3.72 -32.93 10.78
N SER D 142 3.63 -31.62 10.52
CA SER D 142 2.72 -30.67 11.18
C SER D 142 2.01 -29.88 10.10
N SER D 143 0.89 -29.24 10.40
CA SER D 143 0.32 -28.16 9.54
C SER D 143 1.39 -27.08 9.32
N ASN D 144 2.31 -26.94 10.26
CA ASN D 144 3.25 -25.79 10.33
C ASN D 144 4.36 -25.96 9.29
N ASP D 145 4.73 -27.20 8.93
CA ASP D 145 5.77 -27.43 7.89
C ASP D 145 5.15 -27.87 6.55
N THR D 146 4.08 -28.69 6.53
CA THR D 146 3.39 -29.07 5.26
C THR D 146 2.79 -27.82 4.59
N TYR D 147 2.14 -26.89 5.31
CA TYR D 147 1.40 -25.81 4.61
C TYR D 147 2.38 -24.88 3.92
N PRO D 148 3.51 -24.44 4.54
CA PRO D 148 4.51 -23.64 3.83
C PRO D 148 5.15 -24.38 2.65
N THR D 149 5.28 -25.71 2.74
CA THR D 149 5.83 -26.57 1.65
C THR D 149 4.85 -26.51 0.47
N ALA D 150 3.59 -26.84 0.70
CA ALA D 150 2.47 -26.62 -0.25
C ALA D 150 2.64 -25.25 -0.91
N MET D 151 2.86 -24.19 -0.12
CA MET D 151 2.91 -22.79 -0.58
C MET D 151 4.07 -22.63 -1.56
N HIS D 152 5.27 -23.07 -1.18
CA HIS D 152 6.48 -22.93 -2.03
C HIS D 152 6.36 -23.81 -3.29
N ILE D 153 5.91 -25.06 -3.17
CA ILE D 153 5.68 -25.96 -4.33
C ILE D 153 4.76 -25.23 -5.32
N ALA D 154 3.60 -24.78 -4.85
CA ALA D 154 2.56 -24.12 -5.68
C ALA D 154 3.15 -22.85 -6.29
N ALA D 155 3.78 -22.01 -5.48
CA ALA D 155 4.32 -20.70 -5.89
C ALA D 155 5.42 -20.92 -6.94
N TYR D 156 6.36 -21.83 -6.67
CA TYR D 156 7.55 -22.04 -7.54
C TYR D 156 7.08 -22.58 -8.90
N LYS D 157 6.15 -23.53 -8.86
CA LYS D 157 5.58 -24.22 -10.04
C LYS D 157 4.83 -23.20 -10.91
N LYS D 158 4.06 -22.30 -10.30
CA LYS D 158 3.28 -21.27 -11.06
C LYS D 158 4.27 -20.31 -11.72
N VAL D 159 5.36 -19.94 -11.06
CA VAL D 159 6.31 -18.90 -11.54
C VAL D 159 7.13 -19.48 -12.71
N VAL D 160 7.62 -20.72 -12.61
CA VAL D 160 8.59 -21.27 -13.62
C VAL D 160 7.84 -21.83 -14.83
N GLU D 161 6.64 -22.37 -14.63
CA GLU D 161 5.89 -23.06 -15.71
C GLU D 161 4.88 -22.12 -16.36
N ALA D 162 4.47 -21.04 -15.68
CA ALA D 162 3.42 -20.13 -16.19
C ALA D 162 3.97 -18.69 -16.23
N THR D 163 4.32 -18.08 -15.11
CA THR D 163 4.61 -16.61 -15.08
C THR D 163 5.80 -16.30 -15.99
N ILE D 164 6.94 -16.98 -15.82
CA ILE D 164 8.22 -16.62 -16.52
C ILE D 164 8.06 -16.87 -18.02
N PRO D 165 7.60 -18.05 -18.49
CA PRO D 165 7.45 -18.26 -19.94
C PRO D 165 6.47 -17.29 -20.62
N ALA D 166 5.42 -16.84 -19.93
CA ALA D 166 4.46 -15.82 -20.44
C ALA D 166 5.21 -14.48 -20.62
N VAL D 167 5.96 -14.07 -19.58
CA VAL D 167 6.75 -12.81 -19.57
C VAL D 167 7.84 -12.94 -20.64
N GLU D 168 8.46 -14.12 -20.78
CA GLU D 168 9.47 -14.38 -21.84
C GLU D 168 8.84 -14.20 -23.22
N ARG D 169 7.66 -14.77 -23.42
CA ARG D 169 6.94 -14.71 -24.71
C ARG D 169 6.73 -13.23 -25.11
N LEU D 170 6.19 -12.39 -24.22
CA LEU D 170 5.92 -10.95 -24.50
C LEU D 170 7.25 -10.21 -24.71
N GLN D 171 8.28 -10.56 -23.95
CA GLN D 171 9.63 -9.94 -24.07
C GLN D 171 10.19 -10.15 -25.50
N LYS D 172 10.09 -11.36 -26.05
CA LYS D 172 10.66 -11.65 -27.41
C LYS D 172 9.84 -10.91 -28.47
N THR D 173 8.52 -10.82 -28.32
CA THR D 173 7.65 -10.02 -29.25
C THR D 173 8.14 -8.57 -29.25
N LEU D 174 8.40 -8.01 -28.06
CA LEU D 174 8.77 -6.58 -27.92
C LEU D 174 10.16 -6.35 -28.51
N ALA D 175 11.10 -7.27 -28.30
CA ALA D 175 12.44 -7.27 -28.93
C ALA D 175 12.29 -7.41 -30.46
N ALA D 176 11.40 -8.30 -30.92
CA ALA D 176 11.19 -8.51 -32.37
C ALA D 176 10.65 -7.19 -32.98
N LYS D 177 9.74 -6.51 -32.27
CA LYS D 177 9.18 -5.21 -32.75
C LYS D 177 10.27 -4.14 -32.75
N ALA D 178 11.18 -4.15 -31.76
CA ALA D 178 12.27 -3.17 -31.60
C ALA D 178 13.19 -3.23 -32.84
N ALA D 179 13.43 -4.43 -33.39
CA ALA D 179 14.26 -4.65 -34.61
C ALA D 179 13.47 -4.31 -35.87
N GLU D 180 12.22 -4.75 -35.94
CA GLU D 180 11.31 -4.52 -37.09
C GLU D 180 11.14 -3.01 -37.31
N PHE D 181 11.17 -2.21 -36.24
CA PHE D 181 10.85 -0.76 -36.29
C PHE D 181 12.13 0.07 -36.20
N LYS D 182 13.30 -0.56 -36.39
CA LYS D 182 14.63 0.06 -36.12
C LYS D 182 14.85 1.30 -37.01
N ASP D 183 14.17 1.42 -38.16
CA ASP D 183 14.41 2.52 -39.14
C ASP D 183 13.25 3.52 -39.11
N VAL D 184 12.35 3.39 -38.13
CA VAL D 184 11.14 4.26 -38.03
C VAL D 184 11.47 5.43 -37.11
N VAL D 185 11.81 6.59 -37.67
CA VAL D 185 12.18 7.81 -36.90
C VAL D 185 10.90 8.50 -36.45
N LYS D 186 10.68 8.64 -35.13
CA LYS D 186 9.46 9.28 -34.55
C LYS D 186 9.88 10.37 -33.57
N ILE D 187 8.96 11.21 -33.10
CA ILE D 187 9.28 12.23 -32.06
C ILE D 187 9.24 11.60 -30.66
N GLY D 188 10.29 11.83 -29.85
CA GLY D 188 10.27 11.59 -28.39
C GLY D 188 9.39 12.60 -27.68
N ARG D 189 8.79 12.21 -26.57
CA ARG D 189 8.03 13.07 -25.65
C ARG D 189 8.53 12.83 -24.23
N THR D 190 8.87 13.93 -23.56
CA THR D 190 9.29 14.03 -22.13
C THR D 190 8.32 15.02 -21.46
N HIS D 191 7.83 14.72 -20.26
CA HIS D 191 6.83 15.57 -19.57
C HIS D 191 5.52 15.65 -20.37
N LEU D 192 5.28 14.68 -21.30
CA LEU D 192 4.25 14.66 -22.38
C LEU D 192 4.50 15.74 -23.44
N MET D 193 5.63 16.45 -23.44
CA MET D 193 5.85 17.54 -24.42
C MET D 193 6.81 17.09 -25.54
N ASP D 194 6.61 17.64 -26.73
CA ASP D 194 7.46 17.41 -27.93
C ASP D 194 8.92 17.54 -27.53
N ALA D 195 9.73 16.57 -27.94
CA ALA D 195 11.17 16.50 -27.63
C ALA D 195 11.95 16.21 -28.91
N THR D 196 13.06 15.47 -28.81
CA THR D 196 13.98 15.15 -29.92
C THR D 196 13.62 13.76 -30.45
N PRO D 197 14.06 13.38 -31.67
CA PRO D 197 13.69 12.10 -32.26
C PRO D 197 14.35 10.90 -31.58
N LEU D 198 13.66 9.78 -31.64
CA LEU D 198 14.21 8.41 -31.44
C LEU D 198 13.47 7.52 -32.42
N THR D 199 13.97 6.31 -32.66
CA THR D 199 13.26 5.36 -33.55
C THR D 199 12.16 4.72 -32.70
N LEU D 200 11.04 4.37 -33.30
CA LEU D 200 10.02 3.49 -32.71
C LEU D 200 10.70 2.21 -32.18
N GLY D 201 11.71 1.72 -32.90
CA GLY D 201 12.47 0.52 -32.53
C GLY D 201 13.14 0.72 -31.20
N GLN D 202 13.75 1.89 -31.02
CA GLN D 202 14.43 2.31 -29.78
C GLN D 202 13.40 2.38 -28.63
N GLU D 203 12.27 3.05 -28.85
CA GLU D 203 11.19 3.14 -27.83
C GLU D 203 10.82 1.71 -27.39
N PHE D 204 10.60 0.80 -28.35
CA PHE D 204 10.18 -0.61 -28.10
C PHE D 204 11.32 -1.38 -27.41
N SER D 205 12.58 -1.03 -27.66
CA SER D 205 13.75 -1.69 -27.04
C SER D 205 13.76 -1.40 -25.53
N GLY D 206 13.13 -0.29 -25.11
CA GLY D 206 13.05 0.06 -23.67
C GLY D 206 12.12 -0.92 -22.98
N TYR D 207 10.94 -1.16 -23.56
CA TYR D 207 9.94 -2.16 -23.12
C TYR D 207 10.57 -3.55 -23.05
N ALA D 208 11.23 -4.01 -24.13
CA ALA D 208 11.98 -5.29 -24.19
C ALA D 208 12.96 -5.35 -23.01
N ALA D 209 13.76 -4.30 -22.81
CA ALA D 209 14.77 -4.24 -21.72
C ALA D 209 14.05 -4.35 -20.38
N GLN D 210 12.89 -3.69 -20.22
CA GLN D 210 12.17 -3.65 -18.93
C GLN D 210 11.83 -5.08 -18.50
N LEU D 211 11.28 -5.89 -19.39
CA LEU D 211 10.87 -7.27 -19.01
C LEU D 211 12.10 -8.19 -18.90
N SER D 212 13.21 -7.89 -19.57
CA SER D 212 14.45 -8.71 -19.40
C SER D 212 14.99 -8.50 -17.99
N PHE D 213 15.06 -7.24 -17.53
CA PHE D 213 15.48 -6.91 -16.14
C PHE D 213 14.49 -7.55 -15.17
N GLY D 214 13.19 -7.45 -15.47
CA GLY D 214 12.12 -8.06 -14.65
C GLY D 214 12.25 -9.59 -14.56
N LEU D 215 12.55 -10.24 -15.67
CA LEU D 215 12.81 -11.69 -15.70
C LEU D 215 14.02 -12.05 -14.80
N THR D 216 15.09 -11.25 -14.81
CA THR D 216 16.27 -11.51 -13.93
C THR D 216 15.88 -11.35 -12.46
N ALA D 217 15.15 -10.26 -12.12
CA ALA D 217 14.72 -9.96 -10.74
C ALA D 217 13.92 -11.13 -10.19
N ILE D 218 13.02 -11.72 -10.98
CA ILE D 218 12.20 -12.91 -10.58
C ILE D 218 13.12 -14.10 -10.36
N LYS D 219 14.03 -14.37 -11.29
CA LYS D 219 14.93 -15.56 -11.25
C LYS D 219 15.83 -15.49 -10.01
N ASN D 220 16.25 -14.28 -9.59
CA ASN D 220 17.13 -14.03 -8.41
C ASN D 220 16.44 -14.52 -7.12
N THR D 221 15.10 -14.57 -7.09
CA THR D 221 14.31 -14.91 -5.88
C THR D 221 14.02 -16.42 -5.83
N LEU D 222 14.39 -17.16 -6.86
CA LEU D 222 14.03 -18.60 -6.97
C LEU D 222 14.80 -19.44 -5.96
N PRO D 223 16.13 -19.20 -5.72
CA PRO D 223 16.89 -20.02 -4.77
C PRO D 223 16.28 -20.08 -3.35
N HIS D 224 15.75 -18.97 -2.84
CA HIS D 224 15.01 -18.88 -1.55
C HIS D 224 13.66 -19.61 -1.66
N LEU D 225 12.93 -19.42 -2.76
CA LEU D 225 11.57 -20.00 -2.93
C LEU D 225 11.66 -21.54 -3.02
N ARG D 226 12.74 -22.08 -3.61
CA ARG D 226 12.89 -23.54 -3.85
C ARG D 226 13.07 -24.30 -2.52
N GLN D 227 13.38 -23.59 -1.44
CA GLN D 227 13.59 -24.17 -0.08
C GLN D 227 12.26 -24.47 0.60
N LEU D 228 12.14 -25.67 1.17
CA LEU D 228 10.90 -26.25 1.75
C LEU D 228 11.04 -26.43 3.28
N ALA D 229 10.02 -26.01 4.04
CA ALA D 229 9.92 -26.17 5.51
C ALA D 229 9.82 -27.64 5.94
N LEU D 230 9.46 -28.57 5.06
CA LEU D 230 9.02 -29.93 5.48
C LEU D 230 10.17 -30.61 6.24
N GLY D 231 9.92 -31.01 7.50
CA GLY D 231 10.94 -31.52 8.44
C GLY D 231 11.04 -30.71 9.72
N GLY D 232 10.51 -29.47 9.74
CA GLY D 232 10.51 -28.60 10.94
C GLY D 232 9.44 -28.99 11.95
N THR D 233 8.39 -29.67 11.48
CA THR D 233 7.17 -30.09 12.24
C THR D 233 6.61 -28.89 13.02
N ALA D 234 6.38 -29.05 14.32
CA ALA D 234 5.59 -28.11 15.15
C ALA D 234 6.26 -26.71 15.22
N VAL D 235 7.54 -26.61 15.60
CA VAL D 235 8.16 -25.30 15.96
C VAL D 235 9.46 -25.04 15.20
N GLY D 236 9.88 -25.96 14.32
CA GLY D 236 11.13 -25.84 13.54
C GLY D 236 12.15 -26.91 13.90
N THR D 237 11.96 -27.63 15.00
CA THR D 237 13.02 -28.47 15.62
C THR D 237 13.14 -29.82 14.93
N GLY D 238 12.11 -30.26 14.20
CA GLY D 238 12.07 -31.60 13.60
C GLY D 238 11.67 -32.66 14.62
N LEU D 239 11.07 -32.23 15.72
CA LEU D 239 10.44 -33.13 16.72
C LEU D 239 9.59 -34.19 15.99
N ASN D 240 9.78 -35.45 16.37
CA ASN D 240 9.05 -36.64 15.84
C ASN D 240 9.39 -36.86 14.37
N THR D 241 10.54 -36.37 13.88
CA THR D 241 11.04 -36.73 12.53
C THR D 241 12.10 -37.80 12.70
N PRO D 242 12.18 -38.82 11.82
CA PRO D 242 13.37 -39.68 11.79
C PRO D 242 14.54 -38.87 11.24
N LYS D 243 15.75 -39.16 11.74
CA LYS D 243 17.04 -38.66 11.21
C LYS D 243 17.04 -38.83 9.68
N GLY D 244 17.33 -37.76 8.94
CA GLY D 244 17.47 -37.75 7.45
C GLY D 244 16.15 -37.54 6.71
N TYR D 245 15.03 -37.36 7.41
CA TYR D 245 13.68 -37.15 6.79
C TYR D 245 13.69 -35.85 5.96
N ASP D 246 14.22 -34.75 6.52
CA ASP D 246 14.26 -33.40 5.88
C ASP D 246 14.80 -33.53 4.45
N VAL D 247 16.01 -34.05 4.27
CA VAL D 247 16.66 -34.13 2.94
C VAL D 247 15.88 -35.10 2.05
N LYS D 248 15.53 -36.29 2.56
CA LYS D 248 14.89 -37.41 1.82
C LYS D 248 13.54 -36.97 1.23
N VAL D 249 12.73 -36.29 2.02
CA VAL D 249 11.35 -35.87 1.62
C VAL D 249 11.46 -34.75 0.59
N ALA D 250 12.44 -33.83 0.72
CA ALA D 250 12.73 -32.82 -0.32
C ALA D 250 13.08 -33.51 -1.65
N GLU D 251 13.93 -34.54 -1.62
CA GLU D 251 14.31 -35.33 -2.84
C GLU D 251 13.05 -35.94 -3.50
N TYR D 252 12.17 -36.57 -2.73
CA TYR D 252 10.93 -37.16 -3.32
C TYR D 252 10.06 -36.05 -3.92
N ILE D 253 9.97 -34.88 -3.28
CA ILE D 253 9.17 -33.74 -3.84
C ILE D 253 9.82 -33.27 -5.14
N ALA D 254 11.12 -33.00 -5.16
CA ALA D 254 11.91 -32.69 -6.39
C ALA D 254 11.59 -33.70 -7.50
N LYS D 255 11.73 -35.00 -7.20
CA LYS D 255 11.56 -36.11 -8.17
C LYS D 255 10.13 -36.08 -8.71
N PHE D 256 9.13 -36.04 -7.82
CA PHE D 256 7.68 -36.16 -8.14
C PHE D 256 7.24 -34.93 -8.92
N THR D 257 7.76 -33.74 -8.56
CA THR D 257 7.42 -32.46 -9.22
C THR D 257 8.27 -32.24 -10.46
N GLY D 258 9.46 -32.83 -10.55
CA GLY D 258 10.43 -32.56 -11.62
C GLY D 258 11.12 -31.22 -11.40
N LEU D 259 10.97 -30.64 -10.22
CA LEU D 259 11.46 -29.25 -9.95
C LEU D 259 12.53 -29.29 -8.84
N PRO D 260 13.52 -28.38 -8.87
CA PRO D 260 14.66 -28.44 -7.95
C PRO D 260 14.40 -27.92 -6.52
N PHE D 261 13.50 -28.59 -5.80
CA PHE D 261 13.23 -28.31 -4.38
C PHE D 261 14.35 -28.91 -3.52
N ILE D 262 14.76 -28.16 -2.49
CA ILE D 262 15.75 -28.58 -1.46
C ILE D 262 15.12 -28.33 -0.09
N THR D 263 15.62 -28.99 0.94
CA THR D 263 15.21 -28.71 2.33
C THR D 263 15.69 -27.29 2.70
N ALA D 264 14.89 -26.57 3.50
CA ALA D 264 15.19 -25.18 3.91
C ALA D 264 16.42 -25.19 4.82
N GLU D 265 17.25 -24.16 4.69
CA GLU D 265 18.52 -24.01 5.43
C GLU D 265 18.21 -23.84 6.92
N ASN D 266 17.17 -23.07 7.24
CA ASN D 266 16.74 -22.76 8.63
C ASN D 266 15.23 -22.95 8.76
N LYS D 267 14.81 -24.03 9.44
CA LYS D 267 13.39 -24.42 9.56
C LYS D 267 12.61 -23.41 10.42
N PHE D 268 13.27 -22.70 11.31
CA PHE D 268 12.70 -21.61 12.15
C PHE D 268 12.34 -20.40 11.26
N GLU D 269 13.21 -20.02 10.31
CA GLU D 269 12.89 -18.96 9.31
C GLU D 269 11.76 -19.48 8.41
N ALA D 270 11.71 -20.79 8.16
CA ALA D 270 10.77 -21.45 7.22
C ALA D 270 9.35 -21.50 7.78
N LEU D 271 9.17 -21.43 9.12
CA LEU D 271 7.86 -21.55 9.82
C LEU D 271 7.41 -20.18 10.31
N ALA D 272 8.34 -19.40 10.87
CA ALA D 272 8.01 -18.15 11.59
C ALA D 272 7.74 -17.02 10.60
N THR D 273 8.11 -17.21 9.34
CA THR D 273 8.10 -16.17 8.27
C THR D 273 7.64 -16.78 6.92
N HIS D 274 7.18 -15.93 5.99
CA HIS D 274 7.07 -16.25 4.54
C HIS D 274 7.83 -15.18 3.76
N ASP D 275 9.07 -14.96 4.18
CA ASP D 275 9.97 -13.93 3.62
C ASP D 275 10.29 -14.30 2.15
N ALA D 276 10.30 -15.60 1.80
CA ALA D 276 10.48 -16.11 0.42
C ALA D 276 9.31 -15.64 -0.45
N ILE D 277 8.10 -15.70 0.07
CA ILE D 277 6.90 -15.22 -0.67
C ILE D 277 7.01 -13.69 -0.86
N VAL D 278 7.48 -12.94 0.13
CA VAL D 278 7.62 -11.44 0.08
C VAL D 278 8.69 -11.12 -0.95
N GLU D 279 9.80 -11.83 -0.91
CA GLU D 279 10.94 -11.69 -1.85
C GLU D 279 10.44 -11.87 -3.29
N THR D 280 9.81 -13.00 -3.60
CA THR D 280 9.43 -13.34 -4.99
C THR D 280 8.27 -12.45 -5.43
N HIS D 281 7.30 -12.12 -4.56
CA HIS D 281 6.16 -11.25 -4.96
C HIS D 281 6.63 -9.80 -5.21
N GLY D 282 7.63 -9.30 -4.47
CA GLY D 282 8.22 -7.98 -4.76
C GLY D 282 8.68 -7.93 -6.21
N ALA D 283 9.26 -9.02 -6.69
CA ALA D 283 9.71 -9.19 -8.09
C ALA D 283 8.52 -9.25 -9.05
N LEU D 284 7.43 -9.95 -8.70
CA LEU D 284 6.22 -9.95 -9.56
C LEU D 284 5.69 -8.51 -9.61
N LYS D 285 5.74 -7.78 -8.50
CA LYS D 285 5.21 -6.39 -8.44
C LYS D 285 6.07 -5.46 -9.31
N GLN D 286 7.41 -5.65 -9.31
CA GLN D 286 8.36 -4.90 -10.19
C GLN D 286 7.93 -5.07 -11.65
N VAL D 287 7.69 -6.33 -12.06
CA VAL D 287 7.32 -6.70 -13.45
C VAL D 287 5.97 -6.05 -13.77
N ALA D 288 5.02 -6.12 -12.84
CA ALA D 288 3.67 -5.53 -12.97
C ALA D 288 3.78 -4.00 -13.15
N MET D 289 4.68 -3.33 -12.43
CA MET D 289 4.79 -1.85 -12.54
C MET D 289 5.36 -1.52 -13.92
N SER D 290 6.30 -2.33 -14.43
CA SER D 290 6.82 -2.24 -15.82
C SER D 290 5.71 -2.48 -16.84
N LEU D 291 4.94 -3.57 -16.68
CA LEU D 291 3.87 -3.96 -17.61
C LEU D 291 2.87 -2.79 -17.66
N PHE D 292 2.52 -2.18 -16.51
CA PHE D 292 1.55 -1.03 -16.48
C PHE D 292 2.06 0.05 -17.44
N LYS D 293 3.34 0.42 -17.31
CA LYS D 293 3.90 1.52 -18.11
C LYS D 293 3.85 1.18 -19.60
N ILE D 294 4.29 -0.02 -19.97
CA ILE D 294 4.31 -0.52 -21.37
C ILE D 294 2.89 -0.44 -21.96
N ALA D 295 1.94 -1.15 -21.34
CA ALA D 295 0.50 -1.15 -21.69
C ALA D 295 -0.01 0.29 -21.80
N ASN D 296 0.34 1.16 -20.85
CA ASN D 296 -0.11 2.58 -20.86
C ASN D 296 0.53 3.34 -22.04
N ASP D 297 1.81 3.13 -22.29
CA ASP D 297 2.45 3.79 -23.47
C ASP D 297 1.76 3.34 -24.76
N ILE D 298 1.36 2.08 -24.84
CA ILE D 298 0.87 1.49 -26.12
C ILE D 298 -0.50 2.09 -26.44
N ARG D 299 -1.36 2.21 -25.45
CA ARG D 299 -2.65 2.90 -25.64
C ARG D 299 -2.42 4.39 -25.85
N LEU D 300 -1.43 5.02 -25.20
CA LEU D 300 -1.12 6.45 -25.50
C LEU D 300 -0.72 6.56 -26.97
N LEU D 301 0.15 5.67 -27.43
CA LEU D 301 0.68 5.73 -28.82
C LEU D 301 -0.44 5.47 -29.82
N ALA D 302 -1.41 4.61 -29.50
CA ALA D 302 -2.51 4.24 -30.42
C ALA D 302 -3.67 5.23 -30.30
N SER D 303 -3.63 6.20 -29.39
CA SER D 303 -4.79 7.09 -29.10
C SER D 303 -5.20 7.86 -30.37
N GLY D 304 -6.50 8.02 -30.54
CA GLY D 304 -7.08 8.80 -31.65
C GLY D 304 -8.40 8.20 -32.15
N PRO D 305 -8.59 8.05 -33.47
CA PRO D 305 -7.57 8.42 -34.47
C PRO D 305 -7.19 9.92 -34.63
N ARG D 306 -8.11 10.84 -34.36
CA ARG D 306 -7.90 12.29 -34.59
C ARG D 306 -7.34 13.00 -33.34
N SER D 307 -7.83 12.64 -32.17
CA SER D 307 -7.74 13.49 -30.95
C SER D 307 -6.53 13.13 -30.10
N GLY D 308 -5.65 12.24 -30.58
CA GLY D 308 -4.54 11.73 -29.77
C GLY D 308 -3.20 11.80 -30.47
N ILE D 309 -2.42 10.76 -30.27
CA ILE D 309 -1.05 10.62 -30.82
C ILE D 309 -1.16 9.83 -32.12
N GLY D 310 -1.74 8.61 -32.07
CA GLY D 310 -2.03 7.80 -33.26
C GLY D 310 -0.78 7.36 -34.01
N GLU D 311 0.35 7.22 -33.32
CA GLU D 311 1.66 6.88 -33.94
C GLU D 311 1.73 5.38 -34.26
N ILE D 312 1.03 4.52 -33.51
CA ILE D 312 0.99 3.07 -33.83
C ILE D 312 -0.43 2.64 -34.17
N LEU D 313 -0.55 1.51 -34.85
CA LEU D 313 -1.84 0.80 -35.07
C LEU D 313 -1.77 -0.52 -34.29
N ILE D 314 -2.86 -0.85 -33.61
CA ILE D 314 -2.97 -2.08 -32.75
C ILE D 314 -4.10 -2.93 -33.30
N PRO D 315 -4.05 -4.27 -33.13
CA PRO D 315 -5.19 -5.12 -33.47
C PRO D 315 -6.50 -4.59 -32.87
N GLU D 316 -7.52 -4.60 -33.73
CA GLU D 316 -8.94 -4.26 -33.42
C GLU D 316 -9.67 -5.61 -33.23
N ASN D 317 -9.93 -6.02 -32.00
CA ASN D 317 -10.40 -7.41 -31.71
C ASN D 317 -11.92 -7.44 -31.52
N GLU D 318 -12.55 -6.34 -31.08
CA GLU D 318 -14.00 -6.36 -30.76
C GLU D 318 -14.55 -4.96 -30.90
N PRO D 319 -15.88 -4.82 -31.10
CA PRO D 319 -16.54 -3.52 -31.00
C PRO D 319 -16.17 -2.91 -29.65
N GLY D 320 -15.69 -1.66 -29.68
CA GLY D 320 -15.29 -0.89 -28.50
C GLY D 320 -16.43 -0.47 -27.60
N CYS D 321 -17.62 -0.11 -28.13
CA CYS D 321 -18.56 0.76 -27.39
C CYS D 321 -20.03 0.50 -27.74
N SER D 322 -20.88 0.26 -26.73
CA SER D 322 -22.33 -0.03 -26.88
C SER D 322 -23.09 1.17 -27.45
N ILE D 323 -22.56 2.39 -27.35
CA ILE D 323 -23.28 3.62 -27.81
C ILE D 323 -22.52 4.32 -28.94
N MET D 324 -21.20 4.26 -28.97
CA MET D 324 -20.41 4.94 -30.04
C MET D 324 -20.13 3.93 -31.16
N PRO D 325 -20.92 3.95 -32.25
CA PRO D 325 -20.84 2.93 -33.29
C PRO D 325 -19.52 3.04 -34.05
N GLY D 326 -18.82 1.91 -34.22
CA GLY D 326 -17.53 1.87 -34.92
C GLY D 326 -16.35 2.13 -34.01
N LYS D 327 -16.54 2.63 -32.79
CA LYS D 327 -15.42 2.92 -31.88
C LYS D 327 -14.69 1.61 -31.57
N VAL D 328 -13.37 1.68 -31.44
CA VAL D 328 -12.49 0.52 -31.10
C VAL D 328 -11.50 0.99 -30.03
N ASN D 329 -11.37 0.20 -28.96
CA ASN D 329 -10.66 0.56 -27.73
C ASN D 329 -9.45 -0.34 -27.56
N PRO D 330 -8.35 0.17 -26.95
CA PRO D 330 -7.20 -0.66 -26.63
C PRO D 330 -7.50 -1.56 -25.41
N THR D 331 -8.35 -2.56 -25.59
CA THR D 331 -8.94 -3.33 -24.47
C THR D 331 -7.90 -4.25 -23.81
N GLN D 332 -6.91 -4.77 -24.54
CA GLN D 332 -5.84 -5.62 -23.93
C GLN D 332 -4.93 -4.78 -23.03
N CYS D 333 -4.57 -3.55 -23.45
CA CYS D 333 -3.88 -2.53 -22.61
C CYS D 333 -4.60 -2.38 -21.25
N GLU D 334 -5.94 -2.26 -21.27
CA GLU D 334 -6.73 -1.97 -20.05
C GLU D 334 -6.73 -3.21 -19.15
N ALA D 335 -6.85 -4.42 -19.70
CA ALA D 335 -6.71 -5.68 -18.92
C ALA D 335 -5.32 -5.71 -18.24
N MET D 336 -4.27 -5.35 -18.97
CA MET D 336 -2.90 -5.38 -18.40
C MET D 336 -2.74 -4.34 -17.27
N THR D 337 -3.33 -3.14 -17.39
CA THR D 337 -3.19 -2.10 -16.33
C THR D 337 -4.01 -2.52 -15.12
N MET D 338 -5.14 -3.17 -15.33
CA MET D 338 -6.03 -3.61 -14.22
C MET D 338 -5.36 -4.73 -13.44
N VAL D 339 -4.71 -5.68 -14.12
CA VAL D 339 -3.93 -6.77 -13.47
C VAL D 339 -2.81 -6.16 -12.63
N ALA D 340 -2.11 -5.13 -13.12
CA ALA D 340 -0.91 -4.53 -12.49
C ALA D 340 -1.33 -3.83 -11.18
N ALA D 341 -2.47 -3.13 -11.18
CA ALA D 341 -3.06 -2.46 -9.99
C ALA D 341 -3.46 -3.52 -8.95
N GLN D 342 -4.05 -4.64 -9.37
CA GLN D 342 -4.30 -5.83 -8.49
C GLN D 342 -2.99 -6.31 -7.84
N VAL D 343 -1.93 -6.51 -8.62
CA VAL D 343 -0.66 -7.08 -8.08
C VAL D 343 -0.07 -6.13 -7.02
N LEU D 344 -0.10 -4.82 -7.27
CA LEU D 344 0.43 -3.83 -6.29
C LEU D 344 -0.28 -4.04 -4.95
N GLY D 345 -1.61 -4.07 -4.95
CA GLY D 345 -2.46 -4.41 -3.79
C GLY D 345 -2.06 -5.72 -3.14
N ASN D 346 -1.86 -6.77 -3.94
CA ASN D 346 -1.48 -8.13 -3.48
C ASN D 346 -0.13 -8.01 -2.74
N ASP D 347 0.75 -7.11 -3.17
CA ASP D 347 2.05 -6.82 -2.52
C ASP D 347 1.83 -6.15 -1.15
N THR D 348 0.94 -5.16 -1.03
CA THR D 348 0.62 -4.56 0.29
C THR D 348 0.17 -5.67 1.24
N THR D 349 -0.80 -6.48 0.82
CA THR D 349 -1.34 -7.60 1.63
C THR D 349 -0.19 -8.53 2.07
N ILE D 350 0.64 -9.00 1.13
CA ILE D 350 1.72 -10.00 1.42
C ILE D 350 2.77 -9.38 2.37
N SER D 351 3.19 -8.15 2.12
CA SER D 351 4.19 -7.41 2.93
C SER D 351 3.67 -7.28 4.36
N PHE D 352 2.42 -6.84 4.52
CA PHE D 352 1.79 -6.63 5.84
C PHE D 352 1.72 -7.97 6.58
N ALA D 353 1.16 -9.01 5.96
CA ALA D 353 1.06 -10.37 6.55
C ALA D 353 2.45 -10.90 6.88
N GLY D 354 3.47 -10.61 6.05
CA GLY D 354 4.84 -11.13 6.22
C GLY D 354 5.48 -10.59 7.47
N SER D 355 5.03 -9.42 7.95
CA SER D 355 5.55 -8.71 9.15
C SER D 355 4.96 -9.31 10.42
N GLN D 356 3.87 -10.07 10.34
CA GLN D 356 2.98 -10.35 11.49
C GLN D 356 3.18 -11.77 12.04
N GLY D 357 4.33 -12.41 11.79
CA GLY D 357 4.75 -13.61 12.53
C GLY D 357 4.86 -13.35 14.03
N HIS D 358 4.45 -14.35 14.84
CA HIS D 358 4.60 -14.39 16.31
C HIS D 358 5.35 -15.65 16.70
N PHE D 359 6.48 -15.50 17.36
CA PHE D 359 7.32 -16.61 17.87
C PHE D 359 7.61 -17.56 16.70
N GLU D 360 7.12 -18.80 16.78
CA GLU D 360 7.61 -19.93 15.94
C GLU D 360 6.74 -20.08 14.68
N LEU D 361 5.68 -19.27 14.54
CA LEU D 361 4.71 -19.46 13.43
C LEU D 361 4.15 -18.13 12.92
N ASN D 362 4.25 -17.93 11.60
CA ASN D 362 3.44 -16.94 10.86
C ASN D 362 2.10 -17.61 10.50
N VAL D 363 0.98 -17.07 11.01
CA VAL D 363 -0.38 -17.66 10.85
C VAL D 363 -1.23 -16.70 10.01
N PHE D 364 -0.67 -16.36 8.85
CA PHE D 364 -1.27 -15.62 7.71
C PHE D 364 -1.01 -16.42 6.43
N LYS D 365 -0.90 -17.74 6.55
CA LYS D 365 -0.31 -18.57 5.46
C LYS D 365 -1.24 -18.48 4.25
N PRO D 366 -2.55 -18.80 4.41
CA PRO D 366 -3.48 -18.84 3.29
C PRO D 366 -3.68 -17.51 2.54
N VAL D 367 -3.80 -16.38 3.22
CA VAL D 367 -3.96 -15.05 2.57
C VAL D 367 -2.69 -14.69 1.79
N MET D 368 -1.50 -14.99 2.33
CA MET D 368 -0.22 -14.80 1.60
C MET D 368 -0.17 -15.70 0.38
N ALA D 369 -0.56 -16.98 0.55
CA ALA D 369 -0.64 -18.04 -0.49
C ALA D 369 -1.60 -17.64 -1.61
N ALA D 370 -2.85 -17.29 -1.26
CA ALA D 370 -3.91 -16.87 -2.21
C ALA D 370 -3.47 -15.62 -2.99
N ASN D 371 -2.93 -14.60 -2.32
CA ASN D 371 -2.56 -13.34 -3.01
C ASN D 371 -1.38 -13.62 -3.95
N PHE D 372 -0.48 -14.52 -3.58
CA PHE D 372 0.71 -14.83 -4.39
C PHE D 372 0.28 -15.48 -5.69
N LEU D 373 -0.43 -16.60 -5.60
CA LEU D 373 -0.89 -17.40 -6.76
C LEU D 373 -1.73 -16.51 -7.70
N GLN D 374 -2.53 -15.60 -7.14
CA GLN D 374 -3.36 -14.67 -7.95
C GLN D 374 -2.43 -13.79 -8.81
N SER D 375 -1.42 -13.16 -8.22
CA SER D 375 -0.44 -12.31 -8.95
C SER D 375 0.27 -13.15 -10.01
N ALA D 376 0.76 -14.34 -9.65
CA ALA D 376 1.58 -15.19 -10.56
C ALA D 376 0.73 -15.55 -11.78
N GLN D 377 -0.49 -16.07 -11.54
CA GLN D 377 -1.47 -16.51 -12.57
C GLN D 377 -1.89 -15.34 -13.45
N LEU D 378 -2.33 -14.22 -12.87
CA LEU D 378 -2.89 -13.10 -13.67
C LEU D 378 -1.78 -12.48 -14.52
N ILE D 379 -0.58 -12.33 -13.99
CA ILE D 379 0.58 -11.82 -14.80
C ILE D 379 0.77 -12.79 -15.98
N ALA D 380 0.71 -14.10 -15.74
CA ALA D 380 0.86 -15.15 -16.78
C ALA D 380 -0.24 -14.97 -17.83
N ASP D 381 -1.50 -15.01 -17.39
CA ASP D 381 -2.67 -14.88 -18.28
C ASP D 381 -2.55 -13.58 -19.10
N VAL D 382 -2.35 -12.42 -18.47
CA VAL D 382 -2.47 -11.11 -19.19
C VAL D 382 -1.30 -10.92 -20.16
N CYS D 383 -0.08 -11.41 -19.84
CA CYS D 383 1.08 -11.37 -20.77
C CYS D 383 0.82 -12.20 -22.04
N ILE D 384 0.26 -13.40 -21.91
CA ILE D 384 -0.17 -14.26 -23.06
C ILE D 384 -1.27 -13.51 -23.84
N SER D 385 -2.37 -13.10 -23.20
CA SER D 385 -3.48 -12.35 -23.85
C SER D 385 -2.90 -11.12 -24.55
N PHE D 386 -2.10 -10.32 -23.86
CA PHE D 386 -1.58 -9.05 -24.45
C PHE D 386 -0.68 -9.36 -25.65
N ASP D 387 0.14 -10.41 -25.59
CA ASP D 387 1.08 -10.76 -26.70
C ASP D 387 0.27 -11.14 -27.94
N GLU D 388 -0.60 -12.14 -27.76
CA GLU D 388 -1.51 -12.72 -28.77
C GLU D 388 -2.33 -11.64 -29.47
N HIS D 389 -3.07 -10.81 -28.71
CA HIS D 389 -4.18 -9.96 -29.22
C HIS D 389 -3.74 -8.49 -29.32
N CYS D 390 -2.46 -8.19 -29.14
CA CYS D 390 -2.00 -6.77 -29.22
C CYS D 390 -0.55 -6.69 -29.68
N ALA D 391 0.42 -7.08 -28.85
CA ALA D 391 1.83 -6.76 -29.09
C ALA D 391 2.27 -7.33 -30.43
N THR D 392 1.89 -8.58 -30.75
CA THR D 392 2.31 -9.24 -32.02
C THR D 392 1.83 -8.47 -33.24
N GLY D 393 0.76 -7.67 -33.11
CA GLY D 393 0.09 -7.04 -34.27
C GLY D 393 0.44 -5.56 -34.43
N ILE D 394 1.27 -5.01 -33.56
CA ILE D 394 1.53 -3.54 -33.61
C ILE D 394 2.27 -3.23 -34.92
N GLN D 395 1.89 -2.12 -35.55
CA GLN D 395 2.53 -1.60 -36.78
C GLN D 395 2.59 -0.08 -36.67
N PRO D 396 3.59 0.60 -37.29
CA PRO D 396 3.63 2.06 -37.28
C PRO D 396 2.52 2.70 -38.13
N ASN D 397 2.06 3.88 -37.69
CA ASN D 397 1.26 4.82 -38.50
C ASN D 397 2.23 5.75 -39.24
N THR D 398 2.79 5.25 -40.35
CA THR D 398 3.92 5.86 -41.10
C THR D 398 3.68 7.35 -41.38
N PRO D 399 2.60 7.77 -42.06
CA PRO D 399 2.46 9.20 -42.38
C PRO D 399 2.30 10.05 -41.11
N ARG D 400 1.62 9.49 -40.09
CA ARG D 400 1.30 10.19 -38.83
C ARG D 400 2.62 10.44 -38.08
N ILE D 401 3.44 9.40 -38.00
CA ILE D 401 4.79 9.48 -37.39
C ILE D 401 5.58 10.64 -38.03
N GLN D 402 5.70 10.71 -39.36
CA GLN D 402 6.50 11.77 -40.06
C GLN D 402 5.93 13.15 -39.74
N HIS D 403 4.61 13.29 -39.70
CA HIS D 403 3.95 14.61 -39.52
C HIS D 403 4.35 15.15 -38.16
N LEU D 404 4.21 14.31 -37.12
CA LEU D 404 4.49 14.65 -35.70
C LEU D 404 5.99 14.83 -35.45
N LEU D 405 6.85 14.06 -36.12
CA LEU D 405 8.32 14.23 -36.07
C LEU D 405 8.69 15.63 -36.57
N ASP D 406 8.16 16.01 -37.74
CA ASP D 406 8.60 17.21 -38.49
C ASP D 406 8.02 18.46 -37.81
N SER D 407 6.97 18.27 -37.02
CA SER D 407 6.26 19.37 -36.31
C SER D 407 6.97 19.76 -35.00
N SER D 408 7.85 18.92 -34.45
CA SER D 408 8.42 19.18 -33.10
C SER D 408 9.31 20.42 -33.16
N LEU D 409 9.06 21.43 -32.33
CA LEU D 409 9.95 22.61 -32.27
C LEU D 409 11.28 22.21 -31.63
N MET D 410 11.38 21.07 -30.94
CA MET D 410 12.58 20.72 -30.13
C MET D 410 13.60 19.98 -31.01
N LEU D 411 13.32 19.84 -32.30
CA LEU D 411 14.33 19.59 -33.37
C LEU D 411 15.45 20.66 -33.34
N VAL D 412 15.14 21.89 -32.88
CA VAL D 412 16.09 23.03 -32.70
C VAL D 412 17.31 22.62 -31.87
N THR D 413 17.18 21.57 -31.07
CA THR D 413 18.23 21.02 -30.16
C THR D 413 19.46 20.60 -30.97
N ALA D 414 19.26 20.25 -32.25
CA ALA D 414 20.36 19.91 -33.18
C ALA D 414 21.31 21.10 -33.35
N LEU D 415 20.89 22.35 -33.02
CA LEU D 415 21.65 23.61 -33.28
C LEU D 415 22.52 24.02 -32.06
N ASN D 416 22.38 23.31 -30.94
CA ASN D 416 23.07 23.61 -29.65
C ASN D 416 24.56 23.80 -29.87
N THR D 417 25.23 22.78 -30.42
CA THR D 417 26.72 22.75 -30.51
C THR D 417 27.16 23.73 -31.62
N HIS D 418 26.25 24.28 -32.42
CA HIS D 418 26.57 25.25 -33.49
C HIS D 418 26.43 26.69 -33.00
N ILE D 419 25.31 27.05 -32.37
CA ILE D 419 24.98 28.47 -32.03
C ILE D 419 24.77 28.65 -30.53
N GLY D 420 24.87 27.60 -29.72
CA GLY D 420 24.62 27.67 -28.26
C GLY D 420 23.13 27.56 -27.91
N TYR D 421 22.84 27.09 -26.68
CA TYR D 421 21.51 26.94 -26.05
C TYR D 421 20.69 28.23 -26.18
N GLU D 422 21.25 29.39 -25.78
CA GLU D 422 20.46 30.65 -25.67
C GLU D 422 19.93 31.03 -27.07
N ASN D 423 20.76 30.97 -28.09
CA ASN D 423 20.41 31.36 -29.48
C ASN D 423 19.36 30.36 -30.01
N ALA D 424 19.58 29.06 -29.77
CA ALA D 424 18.60 27.99 -30.11
C ALA D 424 17.26 28.29 -29.44
N ALA D 425 17.27 28.63 -28.15
CA ALA D 425 16.06 28.92 -27.36
C ALA D 425 15.27 30.07 -28.03
N LYS D 426 15.93 31.11 -28.56
CA LYS D 426 15.25 32.24 -29.26
C LYS D 426 14.50 31.75 -30.51
N ILE D 427 15.06 30.79 -31.26
CA ILE D 427 14.44 30.26 -32.50
C ILE D 427 13.14 29.52 -32.12
N ALA D 428 13.19 28.58 -31.18
CA ALA D 428 12.00 27.76 -30.84
C ALA D 428 10.91 28.68 -30.25
N LYS D 429 11.25 29.64 -29.39
CA LYS D 429 10.24 30.53 -28.72
C LYS D 429 9.59 31.46 -29.77
N THR D 430 10.38 32.02 -30.69
CA THR D 430 9.86 32.88 -31.78
C THR D 430 8.94 32.05 -32.68
N ALA D 431 9.29 30.80 -32.98
CA ALA D 431 8.48 29.89 -33.85
C ALA D 431 7.13 29.59 -33.19
N HIS D 432 7.16 29.28 -31.90
CA HIS D 432 5.97 28.96 -31.08
C HIS D 432 5.04 30.17 -31.02
N LYS D 433 5.58 31.35 -30.73
CA LYS D 433 4.76 32.57 -30.49
C LYS D 433 4.18 33.05 -31.82
N ASN D 434 4.90 32.86 -32.94
CA ASN D 434 4.50 33.34 -34.28
C ASN D 434 3.74 32.24 -35.05
N GLY D 435 3.68 31.01 -34.51
CA GLY D 435 3.04 29.85 -35.16
C GLY D 435 3.69 29.53 -36.50
N THR D 436 5.01 29.73 -36.61
CA THR D 436 5.82 29.52 -37.84
C THR D 436 6.77 28.33 -37.63
N THR D 437 7.63 28.06 -38.61
CA THR D 437 8.63 26.94 -38.60
C THR D 437 9.94 27.40 -37.94
N LEU D 438 10.71 26.47 -37.39
CA LEU D 438 12.09 26.72 -36.88
C LEU D 438 12.91 27.44 -37.97
N ARG D 439 12.86 26.94 -39.22
CA ARG D 439 13.68 27.41 -40.36
C ARG D 439 13.41 28.89 -40.64
N GLU D 440 12.13 29.25 -40.79
CA GLU D 440 11.72 30.64 -41.11
C GLU D 440 12.28 31.62 -40.06
N GLU D 441 12.20 31.27 -38.78
CA GLU D 441 12.61 32.19 -37.70
C GLU D 441 14.13 32.18 -37.51
N ALA D 442 14.82 31.07 -37.81
CA ALA D 442 16.29 31.04 -37.77
C ALA D 442 16.83 32.09 -38.75
N ILE D 443 16.17 32.23 -39.89
CA ILE D 443 16.55 33.23 -40.94
C ILE D 443 16.08 34.62 -40.49
N ASN D 444 14.82 34.79 -40.05
CA ASN D 444 14.28 36.13 -39.69
C ASN D 444 15.04 36.72 -38.50
N LEU D 445 15.58 35.88 -37.60
CA LEU D 445 16.36 36.36 -36.41
C LEU D 445 17.81 36.58 -36.80
N GLY D 446 18.25 36.11 -37.97
CA GLY D 446 19.64 36.27 -38.45
C GLY D 446 20.61 35.37 -37.71
N LEU D 447 20.16 34.26 -37.13
CA LEU D 447 20.99 33.38 -36.26
C LEU D 447 21.53 32.18 -37.05
N VAL D 448 20.83 31.77 -38.10
CA VAL D 448 21.26 30.63 -38.97
C VAL D 448 20.83 30.95 -40.41
N SER D 449 21.76 30.80 -41.35
CA SER D 449 21.50 30.73 -42.81
C SER D 449 20.59 29.54 -43.12
N ALA D 450 19.74 29.70 -44.13
CA ALA D 450 18.92 28.63 -44.72
C ALA D 450 19.80 27.40 -44.97
N GLU D 451 20.99 27.61 -45.55
CA GLU D 451 21.85 26.48 -46.03
C GLU D 451 22.41 25.75 -44.80
N ASP D 452 22.72 26.49 -43.73
CA ASP D 452 23.26 25.85 -42.51
C ASP D 452 22.12 25.11 -41.82
N PHE D 453 20.94 25.73 -41.76
CA PHE D 453 19.76 25.09 -41.11
C PHE D 453 19.57 23.70 -41.70
N ASP D 454 19.59 23.59 -43.03
CA ASP D 454 19.17 22.36 -43.77
C ASP D 454 20.23 21.31 -43.54
N LYS D 455 21.51 21.68 -43.52
CA LYS D 455 22.61 20.76 -43.15
C LYS D 455 22.50 20.32 -41.68
N TRP D 456 22.20 21.24 -40.73
CA TRP D 456 22.43 20.97 -39.28
C TRP D 456 21.20 20.29 -38.64
N VAL D 457 20.01 20.47 -39.19
CA VAL D 457 18.73 20.02 -38.56
C VAL D 457 18.18 18.92 -39.43
N VAL D 458 18.59 17.68 -39.16
CA VAL D 458 18.25 16.46 -39.93
C VAL D 458 17.75 15.43 -38.94
N PRO D 459 16.42 15.25 -38.78
CA PRO D 459 15.89 14.33 -37.77
C PRO D 459 16.55 12.95 -37.77
N ALA D 460 16.83 12.38 -38.93
CA ALA D 460 17.37 11.00 -39.03
C ALA D 460 18.74 10.94 -38.33
N ASP D 461 19.46 12.06 -38.28
CA ASP D 461 20.83 12.17 -37.70
C ASP D 461 20.80 12.39 -36.18
N MET D 462 19.64 12.41 -35.52
CA MET D 462 19.50 12.79 -34.09
C MET D 462 19.15 11.57 -33.21
N VAL D 463 19.30 10.34 -33.74
CA VAL D 463 18.88 9.06 -33.06
C VAL D 463 20.10 8.19 -32.75
N GLY D 464 21.33 8.67 -32.98
CA GLY D 464 22.58 7.98 -32.62
C GLY D 464 23.03 6.98 -33.67
#